data_3I7T
# 
_entry.id   3I7T 
# 
_audit_conform.dict_name       mmcif_pdbx.dic 
_audit_conform.dict_version    5.388 
_audit_conform.dict_location   http://mmcif.pdb.org/dictionaries/ascii/mmcif_pdbx.dic 
# 
loop_
_database_2.database_id 
_database_2.database_code 
_database_2.pdbx_database_accession 
_database_2.pdbx_DOI 
PDB   3I7T         pdb_00003i7t 10.2210/pdb3i7t/pdb 
RCSB  RCSB054072   ?            ?                   
WWPDB D_1000054072 ?            ?                   
# 
loop_
_pdbx_audit_revision_history.ordinal 
_pdbx_audit_revision_history.data_content_type 
_pdbx_audit_revision_history.major_revision 
_pdbx_audit_revision_history.minor_revision 
_pdbx_audit_revision_history.revision_date 
1 'Structure model' 1 0 2010-02-02 
2 'Structure model' 1 1 2011-07-13 
3 'Structure model' 1 2 2024-03-20 
# 
_pdbx_audit_revision_details.ordinal             1 
_pdbx_audit_revision_details.revision_ordinal    1 
_pdbx_audit_revision_details.data_content_type   'Structure model' 
_pdbx_audit_revision_details.provider            repository 
_pdbx_audit_revision_details.type                'Initial release' 
_pdbx_audit_revision_details.description         ? 
_pdbx_audit_revision_details.details             ? 
# 
loop_
_pdbx_audit_revision_group.ordinal 
_pdbx_audit_revision_group.revision_ordinal 
_pdbx_audit_revision_group.data_content_type 
_pdbx_audit_revision_group.group 
1 2 'Structure model' Advisory                    
2 2 'Structure model' 'Version format compliance' 
3 3 'Structure model' 'Data collection'           
4 3 'Structure model' 'Database references'       
5 3 'Structure model' 'Derived calculations'      
# 
loop_
_pdbx_audit_revision_category.ordinal 
_pdbx_audit_revision_category.revision_ordinal 
_pdbx_audit_revision_category.data_content_type 
_pdbx_audit_revision_category.category 
1 3 'Structure model' chem_comp_atom     
2 3 'Structure model' chem_comp_bond     
3 3 'Structure model' database_2         
4 3 'Structure model' struct_ref_seq_dif 
5 3 'Structure model' struct_site        
# 
loop_
_pdbx_audit_revision_item.ordinal 
_pdbx_audit_revision_item.revision_ordinal 
_pdbx_audit_revision_item.data_content_type 
_pdbx_audit_revision_item.item 
1 3 'Structure model' '_database_2.pdbx_DOI'                
2 3 'Structure model' '_database_2.pdbx_database_accession' 
3 3 'Structure model' '_struct_ref_seq_dif.details'         
4 3 'Structure model' '_struct_site.pdbx_auth_asym_id'      
5 3 'Structure model' '_struct_site.pdbx_auth_comp_id'      
6 3 'Structure model' '_struct_site.pdbx_auth_seq_id'       
# 
_pdbx_database_status.entry_id                        3I7T 
_pdbx_database_status.deposit_site                    RCSB 
_pdbx_database_status.process_site                    PDBJ 
_pdbx_database_status.recvd_initial_deposition_date   2009-07-09 
_pdbx_database_status.status_code                     REL 
_pdbx_database_status.status_code_sf                  REL 
_pdbx_database_status.status_code_mr                  ? 
_pdbx_database_status.SG_entry                        ? 
_pdbx_database_status.pdb_format_compatible           Y 
_pdbx_database_status.status_code_cs                  ? 
_pdbx_database_status.status_code_nmr_data            ? 
_pdbx_database_status.methods_development_category    ? 
# 
loop_
_audit_author.name 
_audit_author.pdbx_ordinal 
'Thakur, K.G.' 1 
'Gopal, B.'    2 
# 
_citation.id                        primary 
_citation.title                     'Mycobacterium tuberculosis Rv2704 is a member of the YjgF/YER057c/UK114 family.' 
_citation.journal_abbrev            Proteins 
_citation.journal_volume            78 
_citation.page_first                773 
_citation.page_last                 778 
_citation.year                      2009 
_citation.journal_id_ASTM           PSFGEY 
_citation.country                   US 
_citation.journal_id_ISSN           0887-3585 
_citation.journal_id_CSD            0867 
_citation.book_publisher            ? 
_citation.pdbx_database_id_PubMed   19899170 
_citation.pdbx_database_id_DOI      10.1002/prot.22623 
# 
loop_
_citation_author.citation_id 
_citation_author.name 
_citation_author.ordinal 
_citation_author.identifier_ORCID 
primary 'Thakur, K.G.' 1 ? 
primary 'Praveena, T.' 2 ? 
primary 'Gopal, B.'    3 ? 
# 
loop_
_entity.id 
_entity.type 
_entity.src_method 
_entity.pdbx_description 
_entity.formula_weight 
_entity.pdbx_number_of_molecules 
_entity.pdbx_ec 
_entity.pdbx_mutation 
_entity.pdbx_fragment 
_entity.details 
1 polymer     man 'Putative uncharacterized protein' 15626.537 1  ? ? 'UNP residues 3-142' ? 
2 non-polymer syn 'IODIDE ION'                       126.904   7  ? ? ?                    ? 
3 water       nat water                              18.015    61 ? ? ?                    ? 
# 
loop_
_entity_name_com.entity_id 
_entity_name_com.name 
1 Rv2704                      
2 'YjgF/YER057c/UK114 family' 
# 
_entity_poly.entity_id                      1 
_entity_poly.type                           'polypeptide(L)' 
_entity_poly.nstd_linkage                   no 
_entity_poly.nstd_monomer                   no 
_entity_poly.pdbx_seq_one_letter_code       
;MASRTMVSSGSEFESAVGYSRAVRIGPLVVVAGTTGSGDDIAAQTRDALRRIEIALGQAGATLADVVRTRIYVTDISRWR
EVGEVHAQAFGKIRPVTSMVEVTALIAPGLLVEIEADAYVGSAVADRNSGAGPKDPSPAGGLEHHHHHH
;
_entity_poly.pdbx_seq_one_letter_code_can   
;MASRTMVSSGSEFESAVGYSRAVRIGPLVVVAGTTGSGDDIAAQTRDALRRIEIALGQAGATLADVVRTRIYVTDISRWR
EVGEVHAQAFGKIRPVTSMVEVTALIAPGLLVEIEADAYVGSAVADRNSGAGPKDPSPAGGLEHHHHHH
;
_entity_poly.pdbx_strand_id                 A 
_entity_poly.pdbx_target_identifier         ? 
# 
loop_
_pdbx_entity_nonpoly.entity_id 
_pdbx_entity_nonpoly.name 
_pdbx_entity_nonpoly.comp_id 
2 'IODIDE ION' IOD 
3 water        HOH 
# 
loop_
_entity_poly_seq.entity_id 
_entity_poly_seq.num 
_entity_poly_seq.mon_id 
_entity_poly_seq.hetero 
1 1   MET n 
1 2   ALA n 
1 3   SER n 
1 4   ARG n 
1 5   THR n 
1 6   MET n 
1 7   VAL n 
1 8   SER n 
1 9   SER n 
1 10  GLY n 
1 11  SER n 
1 12  GLU n 
1 13  PHE n 
1 14  GLU n 
1 15  SER n 
1 16  ALA n 
1 17  VAL n 
1 18  GLY n 
1 19  TYR n 
1 20  SER n 
1 21  ARG n 
1 22  ALA n 
1 23  VAL n 
1 24  ARG n 
1 25  ILE n 
1 26  GLY n 
1 27  PRO n 
1 28  LEU n 
1 29  VAL n 
1 30  VAL n 
1 31  VAL n 
1 32  ALA n 
1 33  GLY n 
1 34  THR n 
1 35  THR n 
1 36  GLY n 
1 37  SER n 
1 38  GLY n 
1 39  ASP n 
1 40  ASP n 
1 41  ILE n 
1 42  ALA n 
1 43  ALA n 
1 44  GLN n 
1 45  THR n 
1 46  ARG n 
1 47  ASP n 
1 48  ALA n 
1 49  LEU n 
1 50  ARG n 
1 51  ARG n 
1 52  ILE n 
1 53  GLU n 
1 54  ILE n 
1 55  ALA n 
1 56  LEU n 
1 57  GLY n 
1 58  GLN n 
1 59  ALA n 
1 60  GLY n 
1 61  ALA n 
1 62  THR n 
1 63  LEU n 
1 64  ALA n 
1 65  ASP n 
1 66  VAL n 
1 67  VAL n 
1 68  ARG n 
1 69  THR n 
1 70  ARG n 
1 71  ILE n 
1 72  TYR n 
1 73  VAL n 
1 74  THR n 
1 75  ASP n 
1 76  ILE n 
1 77  SER n 
1 78  ARG n 
1 79  TRP n 
1 80  ARG n 
1 81  GLU n 
1 82  VAL n 
1 83  GLY n 
1 84  GLU n 
1 85  VAL n 
1 86  HIS n 
1 87  ALA n 
1 88  GLN n 
1 89  ALA n 
1 90  PHE n 
1 91  GLY n 
1 92  LYS n 
1 93  ILE n 
1 94  ARG n 
1 95  PRO n 
1 96  VAL n 
1 97  THR n 
1 98  SER n 
1 99  MET n 
1 100 VAL n 
1 101 GLU n 
1 102 VAL n 
1 103 THR n 
1 104 ALA n 
1 105 LEU n 
1 106 ILE n 
1 107 ALA n 
1 108 PRO n 
1 109 GLY n 
1 110 LEU n 
1 111 LEU n 
1 112 VAL n 
1 113 GLU n 
1 114 ILE n 
1 115 GLU n 
1 116 ALA n 
1 117 ASP n 
1 118 ALA n 
1 119 TYR n 
1 120 VAL n 
1 121 GLY n 
1 122 SER n 
1 123 ALA n 
1 124 VAL n 
1 125 ALA n 
1 126 ASP n 
1 127 ARG n 
1 128 ASN n 
1 129 SER n 
1 130 GLY n 
1 131 ALA n 
1 132 GLY n 
1 133 PRO n 
1 134 LYS n 
1 135 ASP n 
1 136 PRO n 
1 137 SER n 
1 138 PRO n 
1 139 ALA n 
1 140 GLY n 
1 141 GLY n 
1 142 LEU n 
1 143 GLU n 
1 144 HIS n 
1 145 HIS n 
1 146 HIS n 
1 147 HIS n 
1 148 HIS n 
1 149 HIS n 
# 
_entity_src_gen.entity_id                          1 
_entity_src_gen.pdbx_src_id                        1 
_entity_src_gen.pdbx_alt_source_flag               sample 
_entity_src_gen.pdbx_seq_type                      ? 
_entity_src_gen.pdbx_beg_seq_num                   ? 
_entity_src_gen.pdbx_end_seq_num                   ? 
_entity_src_gen.gene_src_common_name               ? 
_entity_src_gen.gene_src_genus                     ? 
_entity_src_gen.pdbx_gene_src_gene                 Rv2704 
_entity_src_gen.gene_src_species                   ? 
_entity_src_gen.gene_src_strain                    H37Rv 
_entity_src_gen.gene_src_tissue                    ? 
_entity_src_gen.gene_src_tissue_fraction           ? 
_entity_src_gen.gene_src_details                   ? 
_entity_src_gen.pdbx_gene_src_fragment             ? 
_entity_src_gen.pdbx_gene_src_scientific_name      'Mycobacterium tuberculosis' 
_entity_src_gen.pdbx_gene_src_ncbi_taxonomy_id     83332 
_entity_src_gen.pdbx_gene_src_variant              ? 
_entity_src_gen.pdbx_gene_src_cell_line            ? 
_entity_src_gen.pdbx_gene_src_atcc                 ? 
_entity_src_gen.pdbx_gene_src_organ                ? 
_entity_src_gen.pdbx_gene_src_organelle            ? 
_entity_src_gen.pdbx_gene_src_cell                 ? 
_entity_src_gen.pdbx_gene_src_cellular_location    ? 
_entity_src_gen.host_org_common_name               ? 
_entity_src_gen.pdbx_host_org_scientific_name      'Escherichia coli' 
_entity_src_gen.pdbx_host_org_ncbi_taxonomy_id     562 
_entity_src_gen.host_org_genus                     ? 
_entity_src_gen.pdbx_host_org_gene                 ? 
_entity_src_gen.pdbx_host_org_organ                ? 
_entity_src_gen.host_org_species                   ? 
_entity_src_gen.pdbx_host_org_tissue               ? 
_entity_src_gen.pdbx_host_org_tissue_fraction      ? 
_entity_src_gen.pdbx_host_org_strain               'BL21(DE3)' 
_entity_src_gen.pdbx_host_org_variant              ? 
_entity_src_gen.pdbx_host_org_cell_line            ? 
_entity_src_gen.pdbx_host_org_atcc                 ? 
_entity_src_gen.pdbx_host_org_culture_collection   ? 
_entity_src_gen.pdbx_host_org_cell                 ? 
_entity_src_gen.pdbx_host_org_organelle            ? 
_entity_src_gen.pdbx_host_org_cellular_location    ? 
_entity_src_gen.pdbx_host_org_vector_type          Plasmid 
_entity_src_gen.pdbx_host_org_vector               ? 
_entity_src_gen.host_org_details                   ? 
_entity_src_gen.expression_system_id               ? 
_entity_src_gen.plasmid_name                       pET-22b 
_entity_src_gen.plasmid_details                    ? 
_entity_src_gen.pdbx_description                   ? 
# 
loop_
_chem_comp.id 
_chem_comp.type 
_chem_comp.mon_nstd_flag 
_chem_comp.name 
_chem_comp.pdbx_synonyms 
_chem_comp.formula 
_chem_comp.formula_weight 
ALA 'L-peptide linking' y ALANINE         ? 'C3 H7 N O2'     89.093  
ARG 'L-peptide linking' y ARGININE        ? 'C6 H15 N4 O2 1' 175.209 
ASN 'L-peptide linking' y ASPARAGINE      ? 'C4 H8 N2 O3'    132.118 
ASP 'L-peptide linking' y 'ASPARTIC ACID' ? 'C4 H7 N O4'     133.103 
GLN 'L-peptide linking' y GLUTAMINE       ? 'C5 H10 N2 O3'   146.144 
GLU 'L-peptide linking' y 'GLUTAMIC ACID' ? 'C5 H9 N O4'     147.129 
GLY 'peptide linking'   y GLYCINE         ? 'C2 H5 N O2'     75.067  
HIS 'L-peptide linking' y HISTIDINE       ? 'C6 H10 N3 O2 1' 156.162 
HOH non-polymer         . WATER           ? 'H2 O'           18.015  
ILE 'L-peptide linking' y ISOLEUCINE      ? 'C6 H13 N O2'    131.173 
IOD non-polymer         . 'IODIDE ION'    ? 'I -1'           126.904 
LEU 'L-peptide linking' y LEUCINE         ? 'C6 H13 N O2'    131.173 
LYS 'L-peptide linking' y LYSINE          ? 'C6 H15 N2 O2 1' 147.195 
MET 'L-peptide linking' y METHIONINE      ? 'C5 H11 N O2 S'  149.211 
PHE 'L-peptide linking' y PHENYLALANINE   ? 'C9 H11 N O2'    165.189 
PRO 'L-peptide linking' y PROLINE         ? 'C5 H9 N O2'     115.130 
SER 'L-peptide linking' y SERINE          ? 'C3 H7 N O3'     105.093 
THR 'L-peptide linking' y THREONINE       ? 'C4 H9 N O3'     119.119 
TRP 'L-peptide linking' y TRYPTOPHAN      ? 'C11 H12 N2 O2'  204.225 
TYR 'L-peptide linking' y TYROSINE        ? 'C9 H11 N O3'    181.189 
VAL 'L-peptide linking' y VALINE          ? 'C5 H11 N O2'    117.146 
# 
loop_
_pdbx_poly_seq_scheme.asym_id 
_pdbx_poly_seq_scheme.entity_id 
_pdbx_poly_seq_scheme.seq_id 
_pdbx_poly_seq_scheme.mon_id 
_pdbx_poly_seq_scheme.ndb_seq_num 
_pdbx_poly_seq_scheme.pdb_seq_num 
_pdbx_poly_seq_scheme.auth_seq_num 
_pdbx_poly_seq_scheme.pdb_mon_id 
_pdbx_poly_seq_scheme.auth_mon_id 
_pdbx_poly_seq_scheme.pdb_strand_id 
_pdbx_poly_seq_scheme.pdb_ins_code 
_pdbx_poly_seq_scheme.hetero 
A 1 1   MET 1   2   ?   ?   ?   A . n 
A 1 2   ALA 2   3   ?   ?   ?   A . n 
A 1 3   SER 3   4   4   SER SER A . n 
A 1 4   ARG 4   5   5   ARG ARG A . n 
A 1 5   THR 5   6   6   THR THR A . n 
A 1 6   MET 6   7   7   MET MET A . n 
A 1 7   VAL 7   8   8   VAL VAL A . n 
A 1 8   SER 8   9   9   SER SER A . n 
A 1 9   SER 9   10  10  SER SER A . n 
A 1 10  GLY 10  11  11  GLY GLY A . n 
A 1 11  SER 11  12  12  SER SER A . n 
A 1 12  GLU 12  13  13  GLU GLU A . n 
A 1 13  PHE 13  14  14  PHE PHE A . n 
A 1 14  GLU 14  15  15  GLU GLU A . n 
A 1 15  SER 15  16  16  SER SER A . n 
A 1 16  ALA 16  17  17  ALA ALA A . n 
A 1 17  VAL 17  18  18  VAL VAL A . n 
A 1 18  GLY 18  19  19  GLY GLY A . n 
A 1 19  TYR 19  20  20  TYR TYR A . n 
A 1 20  SER 20  21  21  SER SER A . n 
A 1 21  ARG 21  22  22  ARG ARG A . n 
A 1 22  ALA 22  23  23  ALA ALA A . n 
A 1 23  VAL 23  24  24  VAL VAL A . n 
A 1 24  ARG 24  25  25  ARG ARG A . n 
A 1 25  ILE 25  26  26  ILE ILE A . n 
A 1 26  GLY 26  27  27  GLY GLY A . n 
A 1 27  PRO 27  28  28  PRO PRO A . n 
A 1 28  LEU 28  29  29  LEU LEU A . n 
A 1 29  VAL 29  30  30  VAL VAL A . n 
A 1 30  VAL 30  31  31  VAL VAL A . n 
A 1 31  VAL 31  32  32  VAL VAL A . n 
A 1 32  ALA 32  33  33  ALA ALA A . n 
A 1 33  GLY 33  34  34  GLY GLY A . n 
A 1 34  THR 34  35  35  THR THR A . n 
A 1 35  THR 35  36  36  THR THR A . n 
A 1 36  GLY 36  37  37  GLY GLY A . n 
A 1 37  SER 37  38  38  SER SER A . n 
A 1 38  GLY 38  39  39  GLY GLY A . n 
A 1 39  ASP 39  40  40  ASP ASP A . n 
A 1 40  ASP 40  41  41  ASP ASP A . n 
A 1 41  ILE 41  42  42  ILE ILE A . n 
A 1 42  ALA 42  43  43  ALA ALA A . n 
A 1 43  ALA 43  44  44  ALA ALA A . n 
A 1 44  GLN 44  45  45  GLN GLN A . n 
A 1 45  THR 45  46  46  THR THR A . n 
A 1 46  ARG 46  47  47  ARG ARG A . n 
A 1 47  ASP 47  48  48  ASP ASP A . n 
A 1 48  ALA 48  49  49  ALA ALA A . n 
A 1 49  LEU 49  50  50  LEU LEU A . n 
A 1 50  ARG 50  51  51  ARG ARG A . n 
A 1 51  ARG 51  52  52  ARG ARG A . n 
A 1 52  ILE 52  53  53  ILE ILE A . n 
A 1 53  GLU 53  54  54  GLU GLU A . n 
A 1 54  ILE 54  55  55  ILE ILE A . n 
A 1 55  ALA 55  56  56  ALA ALA A . n 
A 1 56  LEU 56  57  57  LEU LEU A . n 
A 1 57  GLY 57  58  58  GLY GLY A . n 
A 1 58  GLN 58  59  59  GLN GLN A . n 
A 1 59  ALA 59  60  60  ALA ALA A . n 
A 1 60  GLY 60  61  61  GLY GLY A . n 
A 1 61  ALA 61  62  62  ALA ALA A . n 
A 1 62  THR 62  63  63  THR THR A . n 
A 1 63  LEU 63  64  64  LEU LEU A . n 
A 1 64  ALA 64  65  65  ALA ALA A . n 
A 1 65  ASP 65  66  66  ASP ASP A . n 
A 1 66  VAL 66  67  67  VAL VAL A . n 
A 1 67  VAL 67  68  68  VAL VAL A . n 
A 1 68  ARG 68  69  69  ARG ARG A . n 
A 1 69  THR 69  70  70  THR THR A . n 
A 1 70  ARG 70  71  71  ARG ARG A . n 
A 1 71  ILE 71  72  72  ILE ILE A . n 
A 1 72  TYR 72  73  73  TYR TYR A . n 
A 1 73  VAL 73  74  74  VAL VAL A . n 
A 1 74  THR 74  75  75  THR THR A . n 
A 1 75  ASP 75  76  76  ASP ASP A . n 
A 1 76  ILE 76  77  77  ILE ILE A . n 
A 1 77  SER 77  78  78  SER SER A . n 
A 1 78  ARG 78  79  79  ARG ARG A . n 
A 1 79  TRP 79  80  80  TRP TRP A . n 
A 1 80  ARG 80  81  81  ARG ARG A . n 
A 1 81  GLU 81  82  82  GLU GLU A . n 
A 1 82  VAL 82  83  83  VAL VAL A . n 
A 1 83  GLY 83  84  84  GLY GLY A . n 
A 1 84  GLU 84  85  85  GLU GLU A . n 
A 1 85  VAL 85  86  86  VAL VAL A . n 
A 1 86  HIS 86  87  87  HIS HIS A . n 
A 1 87  ALA 87  88  88  ALA ALA A . n 
A 1 88  GLN 88  89  89  GLN GLN A . n 
A 1 89  ALA 89  90  90  ALA ALA A . n 
A 1 90  PHE 90  91  91  PHE PHE A . n 
A 1 91  GLY 91  92  92  GLY GLY A . n 
A 1 92  LYS 92  93  93  LYS LYS A . n 
A 1 93  ILE 93  94  94  ILE ILE A . n 
A 1 94  ARG 94  95  95  ARG ARG A . n 
A 1 95  PRO 95  96  96  PRO PRO A . n 
A 1 96  VAL 96  97  97  VAL VAL A . n 
A 1 97  THR 97  98  98  THR THR A . n 
A 1 98  SER 98  99  99  SER SER A . n 
A 1 99  MET 99  100 100 MET MET A . n 
A 1 100 VAL 100 101 101 VAL VAL A . n 
A 1 101 GLU 101 102 102 GLU GLU A . n 
A 1 102 VAL 102 103 103 VAL VAL A . n 
A 1 103 THR 103 104 104 THR THR A . n 
A 1 104 ALA 104 105 105 ALA ALA A . n 
A 1 105 LEU 105 106 106 LEU LEU A . n 
A 1 106 ILE 106 107 107 ILE ILE A . n 
A 1 107 ALA 107 108 108 ALA ALA A . n 
A 1 108 PRO 108 109 109 PRO PRO A . n 
A 1 109 GLY 109 110 110 GLY GLY A . n 
A 1 110 LEU 110 111 111 LEU LEU A . n 
A 1 111 LEU 111 112 112 LEU LEU A . n 
A 1 112 VAL 112 113 113 VAL VAL A . n 
A 1 113 GLU 113 114 114 GLU GLU A . n 
A 1 114 ILE 114 115 115 ILE ILE A . n 
A 1 115 GLU 115 116 116 GLU GLU A . n 
A 1 116 ALA 116 117 117 ALA ALA A . n 
A 1 117 ASP 117 118 118 ASP ASP A . n 
A 1 118 ALA 118 119 119 ALA ALA A . n 
A 1 119 TYR 119 120 120 TYR TYR A . n 
A 1 120 VAL 120 121 121 VAL VAL A . n 
A 1 121 GLY 121 122 ?   ?   ?   A . n 
A 1 122 SER 122 123 ?   ?   ?   A . n 
A 1 123 ALA 123 124 ?   ?   ?   A . n 
A 1 124 VAL 124 125 ?   ?   ?   A . n 
A 1 125 ALA 125 126 ?   ?   ?   A . n 
A 1 126 ASP 126 127 ?   ?   ?   A . n 
A 1 127 ARG 127 128 ?   ?   ?   A . n 
A 1 128 ASN 128 129 ?   ?   ?   A . n 
A 1 129 SER 129 130 ?   ?   ?   A . n 
A 1 130 GLY 130 131 ?   ?   ?   A . n 
A 1 131 ALA 131 132 ?   ?   ?   A . n 
A 1 132 GLY 132 133 ?   ?   ?   A . n 
A 1 133 PRO 133 134 ?   ?   ?   A . n 
A 1 134 LYS 134 135 ?   ?   ?   A . n 
A 1 135 ASP 135 136 ?   ?   ?   A . n 
A 1 136 PRO 136 137 ?   ?   ?   A . n 
A 1 137 SER 137 138 ?   ?   ?   A . n 
A 1 138 PRO 138 139 ?   ?   ?   A . n 
A 1 139 ALA 139 140 ?   ?   ?   A . n 
A 1 140 GLY 140 141 ?   ?   ?   A . n 
A 1 141 GLY 141 142 ?   ?   ?   A . n 
A 1 142 LEU 142 143 ?   ?   ?   A . n 
A 1 143 GLU 143 144 ?   ?   ?   A . n 
A 1 144 HIS 144 145 ?   ?   ?   A . n 
A 1 145 HIS 145 146 ?   ?   ?   A . n 
A 1 146 HIS 146 147 ?   ?   ?   A . n 
A 1 147 HIS 147 148 ?   ?   ?   A . n 
A 1 148 HIS 148 149 ?   ?   ?   A . n 
A 1 149 HIS 149 150 ?   ?   ?   A . n 
# 
loop_
_pdbx_nonpoly_scheme.asym_id 
_pdbx_nonpoly_scheme.entity_id 
_pdbx_nonpoly_scheme.mon_id 
_pdbx_nonpoly_scheme.ndb_seq_num 
_pdbx_nonpoly_scheme.pdb_seq_num 
_pdbx_nonpoly_scheme.auth_seq_num 
_pdbx_nonpoly_scheme.pdb_mon_id 
_pdbx_nonpoly_scheme.auth_mon_id 
_pdbx_nonpoly_scheme.pdb_strand_id 
_pdbx_nonpoly_scheme.pdb_ins_code 
B 2 IOD 1  151 151 IOD IOD A . 
C 2 IOD 1  152 152 IOD IOD A . 
D 2 IOD 1  153 153 IOD IOD A . 
E 2 IOD 1  154 154 IOD IOD A . 
F 2 IOD 1  155 155 IOD IOD A . 
G 2 IOD 1  156 156 IOD IOD A . 
H 2 IOD 1  157 157 IOD IOD A . 
I 3 HOH 1  158 158 HOH HOH A . 
I 3 HOH 2  159 159 HOH HOH A . 
I 3 HOH 3  160 160 HOH HOH A . 
I 3 HOH 4  161 161 HOH HOH A . 
I 3 HOH 5  162 162 HOH HOH A . 
I 3 HOH 6  163 163 HOH HOH A . 
I 3 HOH 7  164 164 HOH HOH A . 
I 3 HOH 8  165 165 HOH HOH A . 
I 3 HOH 9  166 166 HOH HOH A . 
I 3 HOH 10 167 167 HOH HOH A . 
I 3 HOH 11 168 168 HOH HOH A . 
I 3 HOH 12 169 169 HOH HOH A . 
I 3 HOH 13 170 170 HOH HOH A . 
I 3 HOH 14 171 171 HOH HOH A . 
I 3 HOH 15 172 172 HOH HOH A . 
I 3 HOH 16 173 173 HOH HOH A . 
I 3 HOH 17 174 174 HOH HOH A . 
I 3 HOH 18 175 175 HOH HOH A . 
I 3 HOH 19 176 176 HOH HOH A . 
I 3 HOH 20 177 177 HOH HOH A . 
I 3 HOH 21 178 178 HOH HOH A . 
I 3 HOH 22 179 179 HOH HOH A . 
I 3 HOH 23 180 180 HOH HOH A . 
I 3 HOH 24 181 181 HOH HOH A . 
I 3 HOH 25 182 182 HOH HOH A . 
I 3 HOH 26 183 183 HOH HOH A . 
I 3 HOH 27 184 184 HOH HOH A . 
I 3 HOH 28 185 185 HOH HOH A . 
I 3 HOH 29 186 186 HOH HOH A . 
I 3 HOH 30 187 187 HOH HOH A . 
I 3 HOH 31 188 188 HOH HOH A . 
I 3 HOH 32 189 189 HOH HOH A . 
I 3 HOH 33 190 190 HOH HOH A . 
I 3 HOH 34 191 191 HOH HOH A . 
I 3 HOH 35 192 192 HOH HOH A . 
I 3 HOH 36 193 193 HOH HOH A . 
I 3 HOH 37 194 194 HOH HOH A . 
I 3 HOH 38 195 195 HOH HOH A . 
I 3 HOH 39 196 196 HOH HOH A . 
I 3 HOH 40 197 197 HOH HOH A . 
I 3 HOH 41 198 198 HOH HOH A . 
I 3 HOH 42 199 199 HOH HOH A . 
I 3 HOH 43 200 200 HOH HOH A . 
I 3 HOH 44 201 201 HOH HOH A . 
I 3 HOH 45 202 202 HOH HOH A . 
I 3 HOH 46 203 203 HOH HOH A . 
I 3 HOH 47 204 204 HOH HOH A . 
I 3 HOH 48 205 205 HOH HOH A . 
I 3 HOH 49 206 206 HOH HOH A . 
I 3 HOH 50 207 207 HOH HOH A . 
I 3 HOH 51 208 208 HOH HOH A . 
I 3 HOH 52 209 209 HOH HOH A . 
I 3 HOH 53 210 210 HOH HOH A . 
I 3 HOH 54 211 211 HOH HOH A . 
I 3 HOH 55 212 212 HOH HOH A . 
I 3 HOH 56 213 213 HOH HOH A . 
I 3 HOH 57 214 214 HOH HOH A . 
I 3 HOH 58 215 215 HOH HOH A . 
I 3 HOH 59 216 216 HOH HOH A . 
I 3 HOH 60 217 217 HOH HOH A . 
I 3 HOH 61 218 218 HOH HOH A . 
# 
loop_
_pdbx_unobs_or_zero_occ_atoms.id 
_pdbx_unobs_or_zero_occ_atoms.PDB_model_num 
_pdbx_unobs_or_zero_occ_atoms.polymer_flag 
_pdbx_unobs_or_zero_occ_atoms.occupancy_flag 
_pdbx_unobs_or_zero_occ_atoms.auth_asym_id 
_pdbx_unobs_or_zero_occ_atoms.auth_comp_id 
_pdbx_unobs_or_zero_occ_atoms.auth_seq_id 
_pdbx_unobs_or_zero_occ_atoms.PDB_ins_code 
_pdbx_unobs_or_zero_occ_atoms.auth_atom_id 
_pdbx_unobs_or_zero_occ_atoms.label_alt_id 
_pdbx_unobs_or_zero_occ_atoms.label_asym_id 
_pdbx_unobs_or_zero_occ_atoms.label_comp_id 
_pdbx_unobs_or_zero_occ_atoms.label_seq_id 
_pdbx_unobs_or_zero_occ_atoms.label_atom_id 
1  1 Y 0 A ASP 40  ? CG  ? A ASP 39  CG  
2  1 Y 0 A ASP 40  ? OD1 ? A ASP 39  OD1 
3  1 Y 0 A ASP 40  ? OD2 ? A ASP 39  OD2 
4  1 Y 0 A ARG 51  ? NE  ? A ARG 50  NE  
5  1 Y 0 A ARG 51  ? CZ  ? A ARG 50  CZ  
6  1 Y 0 A ARG 51  ? NH1 ? A ARG 50  NH1 
7  1 Y 0 A ARG 51  ? NH2 ? A ARG 50  NH2 
8  1 Y 0 A ARG 95  ? NE  ? A ARG 94  NE  
9  1 Y 0 A ARG 95  ? CZ  ? A ARG 94  CZ  
10 1 Y 0 A ARG 95  ? NH1 ? A ARG 94  NH1 
11 1 Y 0 A ARG 95  ? NH2 ? A ARG 94  NH2 
12 1 Y 0 A VAL 121 ? CB  ? A VAL 120 CB  
13 1 Y 0 A VAL 121 ? CG1 ? A VAL 120 CG1 
14 1 Y 0 A VAL 121 ? CG2 ? A VAL 120 CG2 
# 
loop_
_software.pdbx_ordinal 
_software.name 
_software.version 
_software.date 
_software.type 
_software.contact_author 
_software.contact_author_email 
_software.classification 
_software.location 
_software.language 
_software.citation_id 
1 MOSFLM      3.3.9 2008/10/21      package 'Andrew G.W. Leslie' andrew@mrc-lmb.cam.ac.uk 'data reduction'  
http://www.mrc-lmb.cam.ac.uk/harry/mosflm/   ?          ? 
2 SCALA       3.3.9 2008/10/21      other   'Phil R. Evans'      pre@mrc-lmb.cam.ac.uk    'data scaling'    
http://www.ccp4.ac.uk/dist/html/scala.html   Fortran_77 ? 
3 REFMAC      .     ?               program 'Garib N. Murshudov' garib@ysbl.york.ac.uk    refinement        
http://www.ccp4.ac.uk/dist/html/refmac5.html Fortran_77 ? 
4 PDB_EXTRACT 3.005 'June 11, 2008' package PDB                  help@deposit.rcsb.org    'data extraction' 
http://sw-tools.pdb.org/apps/PDB_EXTRACT/    C++        ? 
5 MAR345dtb   .     ?               ?       ?                    ?                        'data collection' ? ?          ? 
6 SHELXS      .     ?               ?       ?                    ?                        phasing           ? ?          ? 
# 
_cell.entry_id           3I7T 
_cell.length_a           67.880 
_cell.length_b           67.880 
_cell.length_c           67.880 
_cell.angle_alpha        90.00 
_cell.angle_beta         90.00 
_cell.angle_gamma        90.00 
_cell.Z_PDB              12 
_cell.pdbx_unique_axis   ? 
_cell.length_a_esd       ? 
_cell.length_b_esd       ? 
_cell.length_c_esd       ? 
_cell.angle_alpha_esd    ? 
_cell.angle_beta_esd     ? 
_cell.angle_gamma_esd    ? 
# 
_symmetry.entry_id                         3I7T 
_symmetry.space_group_name_H-M             'P 21 3' 
_symmetry.pdbx_full_space_group_name_H-M   ? 
_symmetry.cell_setting                     ? 
_symmetry.Int_Tables_number                198 
_symmetry.space_group_name_Hall            ? 
# 
_exptl.crystals_number   1 
_exptl.entry_id          3I7T 
_exptl.method            'X-RAY DIFFRACTION' 
# 
_exptl_crystal.id                    1 
_exptl_crystal.pdbx_mosaicity        0.620 
_exptl_crystal.pdbx_mosaicity_esd    ? 
_exptl_crystal.density_Matthews      1.68 
_exptl_crystal.density_diffrn        ? 
_exptl_crystal.density_meas          ? 
_exptl_crystal.density_meas_temp     ? 
_exptl_crystal.density_percent_sol   26.88 
_exptl_crystal.size_max              ? 
_exptl_crystal.size_mid              ? 
_exptl_crystal.size_min              ? 
_exptl_crystal.size_rad              ? 
_exptl_crystal.description           ? 
_exptl_crystal.F_000                 ? 
_exptl_crystal.preparation           ? 
# 
_exptl_crystal_grow.crystal_id      1 
_exptl_crystal_grow.method          ? 
_exptl_crystal_grow.pH              6.5 
_exptl_crystal_grow.temp            295 
_exptl_crystal_grow.temp_details    ? 
_exptl_crystal_grow.pdbx_details    '15% PEG8000, 0.1M Bis Tris, pH6.5, Microbatch, under-oil, temperature 295K' 
_exptl_crystal_grow.pdbx_pH_range   . 
# 
_diffrn.id                     1 
_diffrn.ambient_temp           100 
_diffrn.ambient_temp_details   ? 
_diffrn.crystal_id             1 
# 
_diffrn_detector.diffrn_id              1 
_diffrn_detector.detector               'IMAGE PLATE' 
_diffrn_detector.type                   'MAR scanner 345 mm plate' 
_diffrn_detector.pdbx_collection_date   2009-01-19 
_diffrn_detector.details                ? 
# 
_diffrn_radiation.diffrn_id                        1 
_diffrn_radiation.wavelength_id                    1 
_diffrn_radiation.pdbx_diffrn_protocol             'SINGLE WAVELENGTH' 
_diffrn_radiation.monochromator                    ? 
_diffrn_radiation.pdbx_monochromatic_or_laue_m_l   M 
_diffrn_radiation.pdbx_scattering_type             x-ray 
# 
_diffrn_radiation_wavelength.id           1 
_diffrn_radiation_wavelength.wavelength   1.5418 
_diffrn_radiation_wavelength.wt           1.0 
# 
_diffrn_source.diffrn_id                   1 
_diffrn_source.source                      'ROTATING ANODE' 
_diffrn_source.type                        'BRUKER AXS MICROSTAR' 
_diffrn_source.pdbx_wavelength             ? 
_diffrn_source.pdbx_wavelength_list        1.5418 
_diffrn_source.pdbx_synchrotron_site       ? 
_diffrn_source.pdbx_synchrotron_beamline   ? 
# 
_reflns.entry_id                     3I7T 
_reflns.d_resolution_high            1.93 
_reflns.d_resolution_low             67.880 
_reflns.number_all                   ? 
_reflns.number_obs                   8092 
_reflns.pdbx_netI_over_sigmaI        21.500 
_reflns.pdbx_Rsym_value              0.100 
_reflns.pdbx_redundancy              17.800 
_reflns.percent_possible_obs         100.000 
_reflns.observed_criterion_sigma_F   ? 
_reflns.observed_criterion_sigma_I   ? 
_reflns.pdbx_Rmerge_I_obs            ? 
_reflns.B_iso_Wilson_estimate        18.8 
_reflns.R_free_details               ? 
_reflns.limit_h_max                  ? 
_reflns.limit_h_min                  ? 
_reflns.limit_k_max                  ? 
_reflns.limit_k_min                  ? 
_reflns.limit_l_max                  ? 
_reflns.limit_l_min                  ? 
_reflns.observed_criterion_F_max     ? 
_reflns.observed_criterion_F_min     ? 
_reflns.pdbx_chi_squared             ? 
_reflns.pdbx_scaling_rejects         ? 
_reflns.pdbx_ordinal                 1 
_reflns.pdbx_diffrn_id               1 
# 
loop_
_reflns_shell.d_res_high 
_reflns_shell.d_res_low 
_reflns_shell.number_measured_obs 
_reflns_shell.number_measured_all 
_reflns_shell.number_unique_obs 
_reflns_shell.Rmerge_I_obs 
_reflns_shell.meanI_over_sigI_obs 
_reflns_shell.pdbx_Rsym_value 
_reflns_shell.pdbx_chi_squared 
_reflns_shell.pdbx_redundancy 
_reflns_shell.percent_possible_obs 
_reflns_shell.number_unique_all 
_reflns_shell.percent_possible_all 
_reflns_shell.pdbx_ordinal 
_reflns_shell.pdbx_diffrn_id 
1.93 2.03  ? 20323 ? 0.424 6.6  0.424 ? 17.70 ? 1149 100.00 1  1 
2.03 2.16  ? 19465 ? 0.294 2.6  0.294 ? 17.80 ? 1093 100.00 2  1 
2.16 2.31  ? 18710 ? 0.269 2.3  0.269 ? 17.70 ? 1060 100.00 3  1 
2.31 2.49  ? 17089 ? 0.173 4.4  0.173 ? 18.00 ? 950  100.00 4  1 
2.49 2.73  ? 16347 ? 0.124 6.2  0.124 ? 18.10 ? 903  100.00 5  1 
2.73 3.05  ? 14546 ? 0.083 9.0  0.083 ? 18.10 ? 802  100.00 6  1 
3.05 3.52  ? 13204 ? 0.065 10.9 0.065 ? 18.20 ? 727  100.00 7  1 
3.52 4.32  ? 11274 ? 0.063 10.2 0.063 ? 18.00 ? 626  100.00 8  1 
4.32 6.10  ? 8723  ? 0.044 15.6 0.044 ? 17.80 ? 491  100.00 9  1 
6.10 39.19 ? 4732  ? 0.041 16.1 0.041 ? 16.30 ? 291  99.60  10 1 
# 
_refine.entry_id                                 3I7T 
_refine.ls_d_res_high                            1.93 
_refine.ls_d_res_low                             30.00 
_refine.pdbx_ls_sigma_F                          ? 
_refine.pdbx_data_cutoff_high_absF               ? 
_refine.pdbx_data_cutoff_low_absF                ? 
_refine.ls_percent_reflns_obs                    99.41 
_refine.ls_number_reflns_obs                     7667 
_refine.ls_number_reflns_all                     ? 
_refine.pdbx_ls_cross_valid_method               THROUGHOUT 
_refine.pdbx_R_Free_selection_details            RANDOM 
_refine.details                                  'HYDROGENS HAVE BEEN ADDED IN THE RIDING POSITIONS' 
_refine.ls_R_factor_all                          ? 
_refine.ls_R_factor_obs                          0.20686 
_refine.ls_R_factor_R_work                       0.20506 
_refine.ls_wR_factor_R_work                      0.178 
_refine.ls_R_factor_R_free                       0.24678 
_refine.ls_wR_factor_R_free                      0.216 
_refine.ls_percent_reflns_R_free                 4.600 
_refine.ls_number_reflns_R_free                  368 
_refine.ls_R_factor_R_free_error                 ? 
_refine.B_iso_mean                               9.705 
_refine.solvent_model_param_bsol                 ? 
_refine.solvent_model_param_ksol                 ? 
_refine.pdbx_isotropic_thermal_model             ? 
_refine.aniso_B[1][1]                            ? 
_refine.aniso_B[2][2]                            ? 
_refine.aniso_B[3][3]                            ? 
_refine.aniso_B[1][2]                            ? 
_refine.aniso_B[1][3]                            ? 
_refine.aniso_B[2][3]                            ? 
_refine.correlation_coeff_Fo_to_Fc               0.934 
_refine.correlation_coeff_Fo_to_Fc_free          0.889 
_refine.overall_SU_R_Cruickshank_DPI             0.184 
_refine.overall_SU_R_free                        0.162 
_refine.pdbx_overall_ESU_R                       0.196 
_refine.pdbx_overall_ESU_R_Free                  0.169 
_refine.overall_SU_ML                            0.116 
_refine.overall_SU_B                             9.072 
_refine.solvent_model_details                    MASK 
_refine.pdbx_solvent_vdw_probe_radii             1.400 
_refine.pdbx_solvent_ion_probe_radii             0.800 
_refine.pdbx_solvent_shrinkage_radii             0.800 
_refine.ls_number_parameters                     ? 
_refine.ls_number_restraints                     ? 
_refine.pdbx_starting_model                      ? 
_refine.pdbx_method_to_determine_struct          SIRAS 
_refine.pdbx_stereochemistry_target_values       'MAXIMUM LIKELIHOOD' 
_refine.pdbx_stereochem_target_val_spec_case     ? 
_refine.overall_FOM_work_R_set                   0.843 
_refine.B_iso_max                                44.38 
_refine.B_iso_min                                2.00 
_refine.occupancy_max                            1.00 
_refine.occupancy_min                            0.00 
_refine.pdbx_ls_sigma_I                          ? 
_refine.ls_redundancy_reflns_obs                 ? 
_refine.ls_R_factor_R_free_error_details         ? 
_refine.pdbx_data_cutoff_high_rms_absF           ? 
_refine.overall_FOM_free_R_set                   ? 
_refine.pdbx_refine_id                           'X-RAY DIFFRACTION' 
_refine.pdbx_overall_phase_error                 ? 
_refine.pdbx_TLS_residual_ADP_flag               'LIKELY RESIDUAL' 
_refine.pdbx_diffrn_id                           1 
_refine.pdbx_overall_SU_R_free_Cruickshank_DPI   ? 
_refine.pdbx_overall_SU_R_Blow_DPI               ? 
_refine.pdbx_overall_SU_R_free_Blow_DPI          ? 
# 
_refine_hist.pdbx_refine_id                   'X-RAY DIFFRACTION' 
_refine_hist.cycle_id                         LAST 
_refine_hist.pdbx_number_atoms_protein        877 
_refine_hist.pdbx_number_atoms_nucleic_acid   0 
_refine_hist.pdbx_number_atoms_ligand         7 
_refine_hist.number_atoms_solvent             61 
_refine_hist.number_atoms_total               945 
_refine_hist.d_res_high                       1.93 
_refine_hist.d_res_low                        30.00 
# 
loop_
_refine_ls_restr.type 
_refine_ls_restr.dev_ideal 
_refine_ls_restr.dev_ideal_target 
_refine_ls_restr.weight 
_refine_ls_restr.number 
_refine_ls_restr.pdbx_refine_id 
_refine_ls_restr.pdbx_restraint_function 
r_bond_refined_d             0.009  0.022  ? 873  'X-RAY DIFFRACTION' ? 
r_bond_other_d               ?      ?      ? ?    'X-RAY DIFFRACTION' ? 
r_angle_refined_deg          1.241  1.959  ? 1186 'X-RAY DIFFRACTION' ? 
r_angle_other_deg            ?      ?      ? ?    'X-RAY DIFFRACTION' ? 
r_dihedral_angle_1_deg       6.215  5.000  ? 117  'X-RAY DIFFRACTION' ? 
r_dihedral_angle_2_deg       34.258 22.188 ? 32   'X-RAY DIFFRACTION' ? 
r_dihedral_angle_3_deg       13.607 15.000 ? 140  'X-RAY DIFFRACTION' ? 
r_dihedral_angle_4_deg       20.317 15.000 ? 9    'X-RAY DIFFRACTION' ? 
r_chiral_restr               0.080  0.200  ? 146  'X-RAY DIFFRACTION' ? 
r_gen_planes_refined         0.006  0.021  ? 643  'X-RAY DIFFRACTION' ? 
r_gen_planes_other           ?      ?      ? ?    'X-RAY DIFFRACTION' ? 
r_nbd_refined                ?      ?      ? ?    'X-RAY DIFFRACTION' ? 
r_nbd_other                  ?      ?      ? ?    'X-RAY DIFFRACTION' ? 
r_nbtor_refined              ?      ?      ? ?    'X-RAY DIFFRACTION' ? 
r_nbtor_other                ?      ?      ? ?    'X-RAY DIFFRACTION' ? 
r_xyhbond_nbd_refined        ?      ?      ? ?    'X-RAY DIFFRACTION' ? 
r_xyhbond_nbd_other          ?      ?      ? ?    'X-RAY DIFFRACTION' ? 
r_metal_ion_refined          ?      ?      ? ?    'X-RAY DIFFRACTION' ? 
r_metal_ion_other            ?      ?      ? ?    'X-RAY DIFFRACTION' ? 
r_symmetry_vdw_refined       ?      ?      ? ?    'X-RAY DIFFRACTION' ? 
r_symmetry_vdw_other         ?      ?      ? ?    'X-RAY DIFFRACTION' ? 
r_symmetry_hbond_refined     ?      ?      ? ?    'X-RAY DIFFRACTION' ? 
r_symmetry_hbond_other       ?      ?      ? ?    'X-RAY DIFFRACTION' ? 
r_symmetry_metal_ion_refined ?      ?      ? ?    'X-RAY DIFFRACTION' ? 
r_symmetry_metal_ion_other   ?      ?      ? ?    'X-RAY DIFFRACTION' ? 
r_mcbond_it                  0.515  1.500  ? 580  'X-RAY DIFFRACTION' ? 
r_mcbond_other               ?      ?      ? ?    'X-RAY DIFFRACTION' ? 
r_mcangle_it                 0.977  2.000  ? 930  'X-RAY DIFFRACTION' ? 
r_scbond_it                  1.726  3.000  ? 293  'X-RAY DIFFRACTION' ? 
r_scangle_it                 2.994  4.500  ? 256  'X-RAY DIFFRACTION' ? 
r_rigid_bond_restr           ?      ?      ? ?    'X-RAY DIFFRACTION' ? 
r_sphericity_free            ?      ?      ? ?    'X-RAY DIFFRACTION' ? 
r_sphericity_bonded          ?      ?      ? ?    'X-RAY DIFFRACTION' ? 
# 
_refine_ls_shell.d_res_high                       1.931 
_refine_ls_shell.d_res_low                        1.981 
_refine_ls_shell.pdbx_total_number_of_bins_used   20 
_refine_ls_shell.percent_reflns_obs               99.66 
_refine_ls_shell.number_reflns_R_work             559 
_refine_ls_shell.R_factor_all                     ? 
_refine_ls_shell.R_factor_R_work                  0.230 
_refine_ls_shell.R_factor_R_free                  0.338 
_refine_ls_shell.percent_reflns_R_free            ? 
_refine_ls_shell.number_reflns_R_free             20 
_refine_ls_shell.R_factor_R_free_error            ? 
_refine_ls_shell.number_reflns_all                ? 
_refine_ls_shell.number_reflns_obs                ? 
_refine_ls_shell.redundancy_reflns_obs            ? 
_refine_ls_shell.pdbx_refine_id                   'X-RAY DIFFRACTION' 
# 
_struct.entry_id                  3I7T 
_struct.title                     
'Crystal structure of Rv2704, a member of highly conserved YjgF/YER057c/UK114 family, from Mycobacterium tuberculosis' 
_struct.pdbx_model_details        ? 
_struct.pdbx_CASP_flag            ? 
_struct.pdbx_model_type_details   ? 
# 
_struct_keywords.entry_id        3I7T 
_struct_keywords.pdbx_keywords   'UNKNOWN FUNCTION' 
_struct_keywords.text            'SIRAS, YjgF/YER057c/UK114, homotrimer, quick soak NaI derivative, UNKNOWN FUNCTION' 
# 
loop_
_struct_asym.id 
_struct_asym.pdbx_blank_PDB_chainid_flag 
_struct_asym.pdbx_modified 
_struct_asym.entity_id 
_struct_asym.details 
A N N 1 ? 
B N N 2 ? 
C N N 2 ? 
D N N 2 ? 
E N N 2 ? 
F N N 2 ? 
G N N 2 ? 
H N N 2 ? 
I N N 3 ? 
# 
_struct_ref.id                         1 
_struct_ref.db_name                    UNP 
_struct_ref.db_code                    O07205_MYCTU 
_struct_ref.pdbx_db_accession          O07205 
_struct_ref.entity_id                  1 
_struct_ref.pdbx_seq_one_letter_code   
;ASRTMVSSGSEFESAVGYSRAVRIGPLVVVAGTTGSGDDIAAQTRDALRRIEIALGQAGATLADVVRTRIYVTDISRWRE
VGEVHAQAFGKIRPVTSMVEVTALIAPGLLVEIEADAYVGSAVADRNSGAGPKDPSPAGG
;
_struct_ref.pdbx_align_begin           3 
_struct_ref.pdbx_db_isoform            ? 
# 
_struct_ref_seq.align_id                      1 
_struct_ref_seq.ref_id                        1 
_struct_ref_seq.pdbx_PDB_id_code              3I7T 
_struct_ref_seq.pdbx_strand_id                A 
_struct_ref_seq.seq_align_beg                 2 
_struct_ref_seq.pdbx_seq_align_beg_ins_code   ? 
_struct_ref_seq.seq_align_end                 141 
_struct_ref_seq.pdbx_seq_align_end_ins_code   ? 
_struct_ref_seq.pdbx_db_accession             O07205 
_struct_ref_seq.db_align_beg                  3 
_struct_ref_seq.pdbx_db_align_beg_ins_code    ? 
_struct_ref_seq.db_align_end                  142 
_struct_ref_seq.pdbx_db_align_end_ins_code    ? 
_struct_ref_seq.pdbx_auth_seq_align_beg       3 
_struct_ref_seq.pdbx_auth_seq_align_end       142 
# 
loop_
_struct_ref_seq_dif.align_id 
_struct_ref_seq_dif.pdbx_pdb_id_code 
_struct_ref_seq_dif.mon_id 
_struct_ref_seq_dif.pdbx_pdb_strand_id 
_struct_ref_seq_dif.seq_num 
_struct_ref_seq_dif.pdbx_pdb_ins_code 
_struct_ref_seq_dif.pdbx_seq_db_name 
_struct_ref_seq_dif.pdbx_seq_db_accession_code 
_struct_ref_seq_dif.db_mon_id 
_struct_ref_seq_dif.pdbx_seq_db_seq_num 
_struct_ref_seq_dif.details 
_struct_ref_seq_dif.pdbx_auth_seq_num 
_struct_ref_seq_dif.pdbx_ordinal 
1 3I7T MET A 1   ? UNP O07205 ? ? 'expression tag' 2   1 
1 3I7T LEU A 142 ? UNP O07205 ? ? 'expression tag' 143 2 
1 3I7T GLU A 143 ? UNP O07205 ? ? 'expression tag' 144 3 
1 3I7T HIS A 144 ? UNP O07205 ? ? 'expression tag' 145 4 
1 3I7T HIS A 145 ? UNP O07205 ? ? 'expression tag' 146 5 
1 3I7T HIS A 146 ? UNP O07205 ? ? 'expression tag' 147 6 
1 3I7T HIS A 147 ? UNP O07205 ? ? 'expression tag' 148 7 
1 3I7T HIS A 148 ? UNP O07205 ? ? 'expression tag' 149 8 
1 3I7T HIS A 149 ? UNP O07205 ? ? 'expression tag' 150 9 
# 
_pdbx_struct_assembly.id                   1 
_pdbx_struct_assembly.details              author_and_software_defined_assembly 
_pdbx_struct_assembly.method_details       PISA 
_pdbx_struct_assembly.oligomeric_details   trimeric 
_pdbx_struct_assembly.oligomeric_count     3 
# 
loop_
_pdbx_struct_assembly_prop.biol_id 
_pdbx_struct_assembly_prop.type 
_pdbx_struct_assembly_prop.value 
_pdbx_struct_assembly_prop.details 
1 'ABSA (A^2)' 6680  ? 
1 MORE         -32   ? 
1 'SSA (A^2)'  13190 ? 
# 
_pdbx_struct_assembly_gen.assembly_id       1 
_pdbx_struct_assembly_gen.oper_expression   1,2,3 
_pdbx_struct_assembly_gen.asym_id_list      A,B,C,D,E,F,G,H,I 
# 
loop_
_pdbx_struct_oper_list.id 
_pdbx_struct_oper_list.type 
_pdbx_struct_oper_list.name 
_pdbx_struct_oper_list.symmetry_operation 
_pdbx_struct_oper_list.matrix[1][1] 
_pdbx_struct_oper_list.matrix[1][2] 
_pdbx_struct_oper_list.matrix[1][3] 
_pdbx_struct_oper_list.vector[1] 
_pdbx_struct_oper_list.matrix[2][1] 
_pdbx_struct_oper_list.matrix[2][2] 
_pdbx_struct_oper_list.matrix[2][3] 
_pdbx_struct_oper_list.vector[2] 
_pdbx_struct_oper_list.matrix[3][1] 
_pdbx_struct_oper_list.matrix[3][2] 
_pdbx_struct_oper_list.matrix[3][3] 
_pdbx_struct_oper_list.vector[3] 
1 'identity operation'         1_555  x,y,z           1.0000000000  0.0000000000  0.0000000000  0.0000000000   0.0000000000  1.0000000000 0.0000000000 0.0000000000  0.0000000000  0.0000000000 1.0000000000 0.0000000000   
2 'crystal symmetry operation' 7_555  -z+1/2,-x,y+1/2 -0.4940786210 -0.5985696299 0.6305558773  -0.0919507234  0.7201916357  0.1245129831 0.6825104577 16.0034281527 -0.4870424254 0.7913348944 0.3695656379 -13.5546881158 
3 'crystal symmetry operation' 10_545 -y,z-1/2,-x+1/2 -0.4940786210 0.7201916357  -0.4870424254 -18.1726741603 -0.5985696299 0.1245129831 0.7913348944 8.6786241996  0.6305558773  0.6825104577 0.3695656379 -5.8551800446 
# 
_struct_biol.id        1 
_struct_biol.details   ? 
# 
loop_
_struct_conf.conf_type_id 
_struct_conf.id 
_struct_conf.pdbx_PDB_helix_id 
_struct_conf.beg_label_comp_id 
_struct_conf.beg_label_asym_id 
_struct_conf.beg_label_seq_id 
_struct_conf.pdbx_beg_PDB_ins_code 
_struct_conf.end_label_comp_id 
_struct_conf.end_label_asym_id 
_struct_conf.end_label_seq_id 
_struct_conf.pdbx_end_PDB_ins_code 
_struct_conf.beg_auth_comp_id 
_struct_conf.beg_auth_asym_id 
_struct_conf.beg_auth_seq_id 
_struct_conf.end_auth_comp_id 
_struct_conf.end_auth_asym_id 
_struct_conf.end_auth_seq_id 
_struct_conf.pdbx_PDB_helix_class 
_struct_conf.details 
_struct_conf.pdbx_PDB_helix_length 
HELX_P HELX_P1 1 SER A 11 ? GLY A 18 ? SER A 12 GLY A 19 1 ? 8  
HELX_P HELX_P2 2 ASP A 40 ? ALA A 59 ? ASP A 41 ALA A 60 1 ? 20 
HELX_P HELX_P3 3 THR A 62 ? ALA A 64 ? THR A 63 ALA A 65 5 ? 3  
HELX_P HELX_P4 4 ASP A 75 ? SER A 77 ? ASP A 76 SER A 78 5 ? 3  
HELX_P HELX_P5 5 ARG A 78 ? GLY A 91 ? ARG A 79 GLY A 92 1 ? 14 
# 
_struct_conf_type.id          HELX_P 
_struct_conf_type.criteria    ? 
_struct_conf_type.reference   ? 
# 
_struct_sheet.id               A 
_struct_sheet.type             ? 
_struct_sheet.number_strands   6 
_struct_sheet.details          ? 
# 
loop_
_struct_sheet_order.sheet_id 
_struct_sheet_order.range_id_1 
_struct_sheet_order.range_id_2 
_struct_sheet_order.offset 
_struct_sheet_order.sense 
A 1 2 ? anti-parallel 
A 2 3 ? anti-parallel 
A 3 4 ? anti-parallel 
A 4 5 ? anti-parallel 
A 5 6 ? parallel      
# 
loop_
_struct_sheet_range.sheet_id 
_struct_sheet_range.id 
_struct_sheet_range.beg_label_comp_id 
_struct_sheet_range.beg_label_asym_id 
_struct_sheet_range.beg_label_seq_id 
_struct_sheet_range.pdbx_beg_PDB_ins_code 
_struct_sheet_range.end_label_comp_id 
_struct_sheet_range.end_label_asym_id 
_struct_sheet_range.end_label_seq_id 
_struct_sheet_range.pdbx_end_PDB_ins_code 
_struct_sheet_range.beg_auth_comp_id 
_struct_sheet_range.beg_auth_asym_id 
_struct_sheet_range.beg_auth_seq_id 
_struct_sheet_range.end_auth_comp_id 
_struct_sheet_range.end_auth_asym_id 
_struct_sheet_range.end_auth_seq_id 
A 1 ARG A 4   ? VAL A 7   ? ARG A 5   VAL A 8   
A 2 ALA A 22  ? ILE A 25  ? ALA A 23  ILE A 26  
A 3 LEU A 28  ? THR A 35  ? LEU A 29  THR A 36  
A 4 VAL A 112 ? TYR A 119 ? VAL A 113 TYR A 120 
A 5 VAL A 66  ? VAL A 73  ? VAL A 67  VAL A 74  
A 6 MET A 99  ? GLU A 101 ? MET A 100 GLU A 102 
# 
loop_
_pdbx_struct_sheet_hbond.sheet_id 
_pdbx_struct_sheet_hbond.range_id_1 
_pdbx_struct_sheet_hbond.range_id_2 
_pdbx_struct_sheet_hbond.range_1_label_atom_id 
_pdbx_struct_sheet_hbond.range_1_label_comp_id 
_pdbx_struct_sheet_hbond.range_1_label_asym_id 
_pdbx_struct_sheet_hbond.range_1_label_seq_id 
_pdbx_struct_sheet_hbond.range_1_PDB_ins_code 
_pdbx_struct_sheet_hbond.range_1_auth_atom_id 
_pdbx_struct_sheet_hbond.range_1_auth_comp_id 
_pdbx_struct_sheet_hbond.range_1_auth_asym_id 
_pdbx_struct_sheet_hbond.range_1_auth_seq_id 
_pdbx_struct_sheet_hbond.range_2_label_atom_id 
_pdbx_struct_sheet_hbond.range_2_label_comp_id 
_pdbx_struct_sheet_hbond.range_2_label_asym_id 
_pdbx_struct_sheet_hbond.range_2_label_seq_id 
_pdbx_struct_sheet_hbond.range_2_PDB_ins_code 
_pdbx_struct_sheet_hbond.range_2_auth_atom_id 
_pdbx_struct_sheet_hbond.range_2_auth_comp_id 
_pdbx_struct_sheet_hbond.range_2_auth_asym_id 
_pdbx_struct_sheet_hbond.range_2_auth_seq_id 
A 1 2 N VAL A 7   ? N VAL A 8   O ALA A 22  ? O ALA A 23  
A 2 3 N VAL A 23  ? N VAL A 24  O VAL A 30  ? O VAL A 31  
A 3 4 N VAL A 29  ? N VAL A 30  O ALA A 118 ? O ALA A 119 
A 4 5 O GLU A 113 ? O GLU A 114 N TYR A 72  ? N TYR A 73  
A 5 6 N ILE A 71  ? N ILE A 72  O VAL A 100 ? O VAL A 101 
# 
loop_
_struct_site.id 
_struct_site.pdbx_evidence_code 
_struct_site.pdbx_auth_asym_id 
_struct_site.pdbx_auth_comp_id 
_struct_site.pdbx_auth_seq_id 
_struct_site.pdbx_auth_ins_code 
_struct_site.pdbx_num_residues 
_struct_site.details 
AC1 Software A IOD 152 ? 1 'BINDING SITE FOR RESIDUE IOD A 152' 
AC2 Software A IOD 153 ? 3 'BINDING SITE FOR RESIDUE IOD A 153' 
AC3 Software A IOD 154 ? 3 'BINDING SITE FOR RESIDUE IOD A 154' 
AC4 Software A IOD 155 ? 2 'BINDING SITE FOR RESIDUE IOD A 155' 
AC5 Software A IOD 156 ? 1 'BINDING SITE FOR RESIDUE IOD A 156' 
AC6 Software A IOD 157 ? 3 'BINDING SITE FOR RESIDUE IOD A 157' 
# 
loop_
_struct_site_gen.id 
_struct_site_gen.site_id 
_struct_site_gen.pdbx_num_res 
_struct_site_gen.label_comp_id 
_struct_site_gen.label_asym_id 
_struct_site_gen.label_seq_id 
_struct_site_gen.pdbx_auth_ins_code 
_struct_site_gen.auth_comp_id 
_struct_site_gen.auth_asym_id 
_struct_site_gen.auth_seq_id 
_struct_site_gen.label_atom_id 
_struct_site_gen.label_alt_id 
_struct_site_gen.symmetry 
_struct_site_gen.details 
1  AC1 1 ARG A 21 ? ARG A 22  . ? 1_555  ? 
2  AC2 3 HOH I .  ? HOH A 176 . ? 1_555  ? 
3  AC2 3 HOH I .  ? HOH A 176 . ? 12_565 ? 
4  AC2 3 HOH I .  ? HOH A 176 . ? 6_456  ? 
5  AC3 3 GLY A 26 ? GLY A 27  . ? 12_565 ? 
6  AC3 3 PRO A 27 ? PRO A 28  . ? 12_565 ? 
7  AC3 3 IOD H .  ? IOD A 157 . ? 1_555  ? 
8  AC4 2 GLU A 12 ? GLU A 13  . ? 1_555  ? 
9  AC4 2 ARG A 80 ? ARG A 81  . ? 10_545 ? 
10 AC5 1 HOH I .  ? HOH A 176 . ? 1_555  ? 
11 AC6 3 GLU A 12 ? GLU A 13  . ? 1_555  ? 
12 AC6 3 GLY A 26 ? GLY A 27  . ? 12_565 ? 
13 AC6 3 IOD E .  ? IOD A 154 . ? 1_555  ? 
# 
loop_
_pdbx_validate_close_contact.id 
_pdbx_validate_close_contact.PDB_model_num 
_pdbx_validate_close_contact.auth_atom_id_1 
_pdbx_validate_close_contact.auth_asym_id_1 
_pdbx_validate_close_contact.auth_comp_id_1 
_pdbx_validate_close_contact.auth_seq_id_1 
_pdbx_validate_close_contact.PDB_ins_code_1 
_pdbx_validate_close_contact.label_alt_id_1 
_pdbx_validate_close_contact.auth_atom_id_2 
_pdbx_validate_close_contact.auth_asym_id_2 
_pdbx_validate_close_contact.auth_comp_id_2 
_pdbx_validate_close_contact.auth_seq_id_2 
_pdbx_validate_close_contact.PDB_ins_code_2 
_pdbx_validate_close_contact.label_alt_id_2 
_pdbx_validate_close_contact.dist 
1 1 OE1 A GLN 89  ? ? O A HOH 196 ? ? 2.16 
2 1 O   A HOH 203 ? ? O A HOH 204 ? ? 2.19 
# 
_pdbx_struct_special_symmetry.id              1 
_pdbx_struct_special_symmetry.PDB_model_num   1 
_pdbx_struct_special_symmetry.auth_asym_id    A 
_pdbx_struct_special_symmetry.auth_comp_id    IOD 
_pdbx_struct_special_symmetry.auth_seq_id     153 
_pdbx_struct_special_symmetry.PDB_ins_code    ? 
_pdbx_struct_special_symmetry.label_asym_id   D 
_pdbx_struct_special_symmetry.label_comp_id   IOD 
_pdbx_struct_special_symmetry.label_seq_id    . 
# 
_pdbx_refine_tls.pdbx_refine_id   'X-RAY DIFFRACTION' 
_pdbx_refine_tls.id               1 
_pdbx_refine_tls.details          ? 
_pdbx_refine_tls.method           refined 
_pdbx_refine_tls.origin_x         0.1661 
_pdbx_refine_tls.origin_y         0.2785 
_pdbx_refine_tls.origin_z         0.0907 
_pdbx_refine_tls.T[1][1]          0.0612 
_pdbx_refine_tls.T[2][2]          0.0583 
_pdbx_refine_tls.T[3][3]          0.0519 
_pdbx_refine_tls.T[1][2]          0.0173 
_pdbx_refine_tls.T[1][3]          -0.0196 
_pdbx_refine_tls.T[2][3]          0.0093 
_pdbx_refine_tls.L[1][1]          1.2679 
_pdbx_refine_tls.L[2][2]          2.0489 
_pdbx_refine_tls.L[3][3]          1.6020 
_pdbx_refine_tls.L[1][2]          -0.1695 
_pdbx_refine_tls.L[1][3]          -0.2783 
_pdbx_refine_tls.L[2][3]          -0.7859 
_pdbx_refine_tls.S[1][1]          0.0157 
_pdbx_refine_tls.S[1][2]          -0.1146 
_pdbx_refine_tls.S[1][3]          -0.0428 
_pdbx_refine_tls.S[2][1]          0.1065 
_pdbx_refine_tls.S[2][2]          -0.0313 
_pdbx_refine_tls.S[2][3]          -0.1164 
_pdbx_refine_tls.S[3][1]          -0.0696 
_pdbx_refine_tls.S[3][2]          0.0712 
_pdbx_refine_tls.S[3][3]          0.0156 
# 
_pdbx_refine_tls_group.pdbx_refine_id      'X-RAY DIFFRACTION' 
_pdbx_refine_tls_group.id                  1 
_pdbx_refine_tls_group.refine_tls_id       1 
_pdbx_refine_tls_group.beg_auth_asym_id    A 
_pdbx_refine_tls_group.beg_auth_seq_id     4 
_pdbx_refine_tls_group.end_auth_asym_id    A 
_pdbx_refine_tls_group.end_auth_seq_id     121 
_pdbx_refine_tls_group.selection_details   ? 
_pdbx_refine_tls_group.beg_label_asym_id   . 
_pdbx_refine_tls_group.beg_label_seq_id    . 
_pdbx_refine_tls_group.end_label_asym_id   . 
_pdbx_refine_tls_group.end_label_seq_id    . 
_pdbx_refine_tls_group.selection           ? 
# 
loop_
_pdbx_unobs_or_zero_occ_residues.id 
_pdbx_unobs_or_zero_occ_residues.PDB_model_num 
_pdbx_unobs_or_zero_occ_residues.polymer_flag 
_pdbx_unobs_or_zero_occ_residues.occupancy_flag 
_pdbx_unobs_or_zero_occ_residues.auth_asym_id 
_pdbx_unobs_or_zero_occ_residues.auth_comp_id 
_pdbx_unobs_or_zero_occ_residues.auth_seq_id 
_pdbx_unobs_or_zero_occ_residues.PDB_ins_code 
_pdbx_unobs_or_zero_occ_residues.label_asym_id 
_pdbx_unobs_or_zero_occ_residues.label_comp_id 
_pdbx_unobs_or_zero_occ_residues.label_seq_id 
1  1 Y 1 A MET 2   ? A MET 1   
2  1 Y 1 A ALA 3   ? A ALA 2   
3  1 Y 1 A GLY 122 ? A GLY 121 
4  1 Y 1 A SER 123 ? A SER 122 
5  1 Y 1 A ALA 124 ? A ALA 123 
6  1 Y 1 A VAL 125 ? A VAL 124 
7  1 Y 1 A ALA 126 ? A ALA 125 
8  1 Y 1 A ASP 127 ? A ASP 126 
9  1 Y 1 A ARG 128 ? A ARG 127 
10 1 Y 1 A ASN 129 ? A ASN 128 
11 1 Y 1 A SER 130 ? A SER 129 
12 1 Y 1 A GLY 131 ? A GLY 130 
13 1 Y 1 A ALA 132 ? A ALA 131 
14 1 Y 1 A GLY 133 ? A GLY 132 
15 1 Y 1 A PRO 134 ? A PRO 133 
16 1 Y 1 A LYS 135 ? A LYS 134 
17 1 Y 1 A ASP 136 ? A ASP 135 
18 1 Y 1 A PRO 137 ? A PRO 136 
19 1 Y 1 A SER 138 ? A SER 137 
20 1 Y 1 A PRO 139 ? A PRO 138 
21 1 Y 1 A ALA 140 ? A ALA 139 
22 1 Y 1 A GLY 141 ? A GLY 140 
23 1 Y 1 A GLY 142 ? A GLY 141 
24 1 Y 1 A LEU 143 ? A LEU 142 
25 1 Y 1 A GLU 144 ? A GLU 143 
26 1 Y 1 A HIS 145 ? A HIS 144 
27 1 Y 1 A HIS 146 ? A HIS 145 
28 1 Y 1 A HIS 147 ? A HIS 146 
29 1 Y 1 A HIS 148 ? A HIS 147 
30 1 Y 1 A HIS 149 ? A HIS 148 
31 1 Y 1 A HIS 150 ? A HIS 149 
# 
loop_
_chem_comp_atom.comp_id 
_chem_comp_atom.atom_id 
_chem_comp_atom.type_symbol 
_chem_comp_atom.pdbx_aromatic_flag 
_chem_comp_atom.pdbx_stereo_config 
_chem_comp_atom.pdbx_ordinal 
ALA N    N N N 1   
ALA CA   C N S 2   
ALA C    C N N 3   
ALA O    O N N 4   
ALA CB   C N N 5   
ALA OXT  O N N 6   
ALA H    H N N 7   
ALA H2   H N N 8   
ALA HA   H N N 9   
ALA HB1  H N N 10  
ALA HB2  H N N 11  
ALA HB3  H N N 12  
ALA HXT  H N N 13  
ARG N    N N N 14  
ARG CA   C N S 15  
ARG C    C N N 16  
ARG O    O N N 17  
ARG CB   C N N 18  
ARG CG   C N N 19  
ARG CD   C N N 20  
ARG NE   N N N 21  
ARG CZ   C N N 22  
ARG NH1  N N N 23  
ARG NH2  N N N 24  
ARG OXT  O N N 25  
ARG H    H N N 26  
ARG H2   H N N 27  
ARG HA   H N N 28  
ARG HB2  H N N 29  
ARG HB3  H N N 30  
ARG HG2  H N N 31  
ARG HG3  H N N 32  
ARG HD2  H N N 33  
ARG HD3  H N N 34  
ARG HE   H N N 35  
ARG HH11 H N N 36  
ARG HH12 H N N 37  
ARG HH21 H N N 38  
ARG HH22 H N N 39  
ARG HXT  H N N 40  
ASN N    N N N 41  
ASN CA   C N S 42  
ASN C    C N N 43  
ASN O    O N N 44  
ASN CB   C N N 45  
ASN CG   C N N 46  
ASN OD1  O N N 47  
ASN ND2  N N N 48  
ASN OXT  O N N 49  
ASN H    H N N 50  
ASN H2   H N N 51  
ASN HA   H N N 52  
ASN HB2  H N N 53  
ASN HB3  H N N 54  
ASN HD21 H N N 55  
ASN HD22 H N N 56  
ASN HXT  H N N 57  
ASP N    N N N 58  
ASP CA   C N S 59  
ASP C    C N N 60  
ASP O    O N N 61  
ASP CB   C N N 62  
ASP CG   C N N 63  
ASP OD1  O N N 64  
ASP OD2  O N N 65  
ASP OXT  O N N 66  
ASP H    H N N 67  
ASP H2   H N N 68  
ASP HA   H N N 69  
ASP HB2  H N N 70  
ASP HB3  H N N 71  
ASP HD2  H N N 72  
ASP HXT  H N N 73  
GLN N    N N N 74  
GLN CA   C N S 75  
GLN C    C N N 76  
GLN O    O N N 77  
GLN CB   C N N 78  
GLN CG   C N N 79  
GLN CD   C N N 80  
GLN OE1  O N N 81  
GLN NE2  N N N 82  
GLN OXT  O N N 83  
GLN H    H N N 84  
GLN H2   H N N 85  
GLN HA   H N N 86  
GLN HB2  H N N 87  
GLN HB3  H N N 88  
GLN HG2  H N N 89  
GLN HG3  H N N 90  
GLN HE21 H N N 91  
GLN HE22 H N N 92  
GLN HXT  H N N 93  
GLU N    N N N 94  
GLU CA   C N S 95  
GLU C    C N N 96  
GLU O    O N N 97  
GLU CB   C N N 98  
GLU CG   C N N 99  
GLU CD   C N N 100 
GLU OE1  O N N 101 
GLU OE2  O N N 102 
GLU OXT  O N N 103 
GLU H    H N N 104 
GLU H2   H N N 105 
GLU HA   H N N 106 
GLU HB2  H N N 107 
GLU HB3  H N N 108 
GLU HG2  H N N 109 
GLU HG3  H N N 110 
GLU HE2  H N N 111 
GLU HXT  H N N 112 
GLY N    N N N 113 
GLY CA   C N N 114 
GLY C    C N N 115 
GLY O    O N N 116 
GLY OXT  O N N 117 
GLY H    H N N 118 
GLY H2   H N N 119 
GLY HA2  H N N 120 
GLY HA3  H N N 121 
GLY HXT  H N N 122 
HIS N    N N N 123 
HIS CA   C N S 124 
HIS C    C N N 125 
HIS O    O N N 126 
HIS CB   C N N 127 
HIS CG   C Y N 128 
HIS ND1  N Y N 129 
HIS CD2  C Y N 130 
HIS CE1  C Y N 131 
HIS NE2  N Y N 132 
HIS OXT  O N N 133 
HIS H    H N N 134 
HIS H2   H N N 135 
HIS HA   H N N 136 
HIS HB2  H N N 137 
HIS HB3  H N N 138 
HIS HD1  H N N 139 
HIS HD2  H N N 140 
HIS HE1  H N N 141 
HIS HE2  H N N 142 
HIS HXT  H N N 143 
HOH O    O N N 144 
HOH H1   H N N 145 
HOH H2   H N N 146 
ILE N    N N N 147 
ILE CA   C N S 148 
ILE C    C N N 149 
ILE O    O N N 150 
ILE CB   C N S 151 
ILE CG1  C N N 152 
ILE CG2  C N N 153 
ILE CD1  C N N 154 
ILE OXT  O N N 155 
ILE H    H N N 156 
ILE H2   H N N 157 
ILE HA   H N N 158 
ILE HB   H N N 159 
ILE HG12 H N N 160 
ILE HG13 H N N 161 
ILE HG21 H N N 162 
ILE HG22 H N N 163 
ILE HG23 H N N 164 
ILE HD11 H N N 165 
ILE HD12 H N N 166 
ILE HD13 H N N 167 
ILE HXT  H N N 168 
IOD I    I N N 169 
LEU N    N N N 170 
LEU CA   C N S 171 
LEU C    C N N 172 
LEU O    O N N 173 
LEU CB   C N N 174 
LEU CG   C N N 175 
LEU CD1  C N N 176 
LEU CD2  C N N 177 
LEU OXT  O N N 178 
LEU H    H N N 179 
LEU H2   H N N 180 
LEU HA   H N N 181 
LEU HB2  H N N 182 
LEU HB3  H N N 183 
LEU HG   H N N 184 
LEU HD11 H N N 185 
LEU HD12 H N N 186 
LEU HD13 H N N 187 
LEU HD21 H N N 188 
LEU HD22 H N N 189 
LEU HD23 H N N 190 
LEU HXT  H N N 191 
LYS N    N N N 192 
LYS CA   C N S 193 
LYS C    C N N 194 
LYS O    O N N 195 
LYS CB   C N N 196 
LYS CG   C N N 197 
LYS CD   C N N 198 
LYS CE   C N N 199 
LYS NZ   N N N 200 
LYS OXT  O N N 201 
LYS H    H N N 202 
LYS H2   H N N 203 
LYS HA   H N N 204 
LYS HB2  H N N 205 
LYS HB3  H N N 206 
LYS HG2  H N N 207 
LYS HG3  H N N 208 
LYS HD2  H N N 209 
LYS HD3  H N N 210 
LYS HE2  H N N 211 
LYS HE3  H N N 212 
LYS HZ1  H N N 213 
LYS HZ2  H N N 214 
LYS HZ3  H N N 215 
LYS HXT  H N N 216 
MET N    N N N 217 
MET CA   C N S 218 
MET C    C N N 219 
MET O    O N N 220 
MET CB   C N N 221 
MET CG   C N N 222 
MET SD   S N N 223 
MET CE   C N N 224 
MET OXT  O N N 225 
MET H    H N N 226 
MET H2   H N N 227 
MET HA   H N N 228 
MET HB2  H N N 229 
MET HB3  H N N 230 
MET HG2  H N N 231 
MET HG3  H N N 232 
MET HE1  H N N 233 
MET HE2  H N N 234 
MET HE3  H N N 235 
MET HXT  H N N 236 
PHE N    N N N 237 
PHE CA   C N S 238 
PHE C    C N N 239 
PHE O    O N N 240 
PHE CB   C N N 241 
PHE CG   C Y N 242 
PHE CD1  C Y N 243 
PHE CD2  C Y N 244 
PHE CE1  C Y N 245 
PHE CE2  C Y N 246 
PHE CZ   C Y N 247 
PHE OXT  O N N 248 
PHE H    H N N 249 
PHE H2   H N N 250 
PHE HA   H N N 251 
PHE HB2  H N N 252 
PHE HB3  H N N 253 
PHE HD1  H N N 254 
PHE HD2  H N N 255 
PHE HE1  H N N 256 
PHE HE2  H N N 257 
PHE HZ   H N N 258 
PHE HXT  H N N 259 
PRO N    N N N 260 
PRO CA   C N S 261 
PRO C    C N N 262 
PRO O    O N N 263 
PRO CB   C N N 264 
PRO CG   C N N 265 
PRO CD   C N N 266 
PRO OXT  O N N 267 
PRO H    H N N 268 
PRO HA   H N N 269 
PRO HB2  H N N 270 
PRO HB3  H N N 271 
PRO HG2  H N N 272 
PRO HG3  H N N 273 
PRO HD2  H N N 274 
PRO HD3  H N N 275 
PRO HXT  H N N 276 
SER N    N N N 277 
SER CA   C N S 278 
SER C    C N N 279 
SER O    O N N 280 
SER CB   C N N 281 
SER OG   O N N 282 
SER OXT  O N N 283 
SER H    H N N 284 
SER H2   H N N 285 
SER HA   H N N 286 
SER HB2  H N N 287 
SER HB3  H N N 288 
SER HG   H N N 289 
SER HXT  H N N 290 
THR N    N N N 291 
THR CA   C N S 292 
THR C    C N N 293 
THR O    O N N 294 
THR CB   C N R 295 
THR OG1  O N N 296 
THR CG2  C N N 297 
THR OXT  O N N 298 
THR H    H N N 299 
THR H2   H N N 300 
THR HA   H N N 301 
THR HB   H N N 302 
THR HG1  H N N 303 
THR HG21 H N N 304 
THR HG22 H N N 305 
THR HG23 H N N 306 
THR HXT  H N N 307 
TRP N    N N N 308 
TRP CA   C N S 309 
TRP C    C N N 310 
TRP O    O N N 311 
TRP CB   C N N 312 
TRP CG   C Y N 313 
TRP CD1  C Y N 314 
TRP CD2  C Y N 315 
TRP NE1  N Y N 316 
TRP CE2  C Y N 317 
TRP CE3  C Y N 318 
TRP CZ2  C Y N 319 
TRP CZ3  C Y N 320 
TRP CH2  C Y N 321 
TRP OXT  O N N 322 
TRP H    H N N 323 
TRP H2   H N N 324 
TRP HA   H N N 325 
TRP HB2  H N N 326 
TRP HB3  H N N 327 
TRP HD1  H N N 328 
TRP HE1  H N N 329 
TRP HE3  H N N 330 
TRP HZ2  H N N 331 
TRP HZ3  H N N 332 
TRP HH2  H N N 333 
TRP HXT  H N N 334 
TYR N    N N N 335 
TYR CA   C N S 336 
TYR C    C N N 337 
TYR O    O N N 338 
TYR CB   C N N 339 
TYR CG   C Y N 340 
TYR CD1  C Y N 341 
TYR CD2  C Y N 342 
TYR CE1  C Y N 343 
TYR CE2  C Y N 344 
TYR CZ   C Y N 345 
TYR OH   O N N 346 
TYR OXT  O N N 347 
TYR H    H N N 348 
TYR H2   H N N 349 
TYR HA   H N N 350 
TYR HB2  H N N 351 
TYR HB3  H N N 352 
TYR HD1  H N N 353 
TYR HD2  H N N 354 
TYR HE1  H N N 355 
TYR HE2  H N N 356 
TYR HH   H N N 357 
TYR HXT  H N N 358 
VAL N    N N N 359 
VAL CA   C N S 360 
VAL C    C N N 361 
VAL O    O N N 362 
VAL CB   C N N 363 
VAL CG1  C N N 364 
VAL CG2  C N N 365 
VAL OXT  O N N 366 
VAL H    H N N 367 
VAL H2   H N N 368 
VAL HA   H N N 369 
VAL HB   H N N 370 
VAL HG11 H N N 371 
VAL HG12 H N N 372 
VAL HG13 H N N 373 
VAL HG21 H N N 374 
VAL HG22 H N N 375 
VAL HG23 H N N 376 
VAL HXT  H N N 377 
# 
loop_
_chem_comp_bond.comp_id 
_chem_comp_bond.atom_id_1 
_chem_comp_bond.atom_id_2 
_chem_comp_bond.value_order 
_chem_comp_bond.pdbx_aromatic_flag 
_chem_comp_bond.pdbx_stereo_config 
_chem_comp_bond.pdbx_ordinal 
ALA N   CA   sing N N 1   
ALA N   H    sing N N 2   
ALA N   H2   sing N N 3   
ALA CA  C    sing N N 4   
ALA CA  CB   sing N N 5   
ALA CA  HA   sing N N 6   
ALA C   O    doub N N 7   
ALA C   OXT  sing N N 8   
ALA CB  HB1  sing N N 9   
ALA CB  HB2  sing N N 10  
ALA CB  HB3  sing N N 11  
ALA OXT HXT  sing N N 12  
ARG N   CA   sing N N 13  
ARG N   H    sing N N 14  
ARG N   H2   sing N N 15  
ARG CA  C    sing N N 16  
ARG CA  CB   sing N N 17  
ARG CA  HA   sing N N 18  
ARG C   O    doub N N 19  
ARG C   OXT  sing N N 20  
ARG CB  CG   sing N N 21  
ARG CB  HB2  sing N N 22  
ARG CB  HB3  sing N N 23  
ARG CG  CD   sing N N 24  
ARG CG  HG2  sing N N 25  
ARG CG  HG3  sing N N 26  
ARG CD  NE   sing N N 27  
ARG CD  HD2  sing N N 28  
ARG CD  HD3  sing N N 29  
ARG NE  CZ   sing N N 30  
ARG NE  HE   sing N N 31  
ARG CZ  NH1  sing N N 32  
ARG CZ  NH2  doub N N 33  
ARG NH1 HH11 sing N N 34  
ARG NH1 HH12 sing N N 35  
ARG NH2 HH21 sing N N 36  
ARG NH2 HH22 sing N N 37  
ARG OXT HXT  sing N N 38  
ASN N   CA   sing N N 39  
ASN N   H    sing N N 40  
ASN N   H2   sing N N 41  
ASN CA  C    sing N N 42  
ASN CA  CB   sing N N 43  
ASN CA  HA   sing N N 44  
ASN C   O    doub N N 45  
ASN C   OXT  sing N N 46  
ASN CB  CG   sing N N 47  
ASN CB  HB2  sing N N 48  
ASN CB  HB3  sing N N 49  
ASN CG  OD1  doub N N 50  
ASN CG  ND2  sing N N 51  
ASN ND2 HD21 sing N N 52  
ASN ND2 HD22 sing N N 53  
ASN OXT HXT  sing N N 54  
ASP N   CA   sing N N 55  
ASP N   H    sing N N 56  
ASP N   H2   sing N N 57  
ASP CA  C    sing N N 58  
ASP CA  CB   sing N N 59  
ASP CA  HA   sing N N 60  
ASP C   O    doub N N 61  
ASP C   OXT  sing N N 62  
ASP CB  CG   sing N N 63  
ASP CB  HB2  sing N N 64  
ASP CB  HB3  sing N N 65  
ASP CG  OD1  doub N N 66  
ASP CG  OD2  sing N N 67  
ASP OD2 HD2  sing N N 68  
ASP OXT HXT  sing N N 69  
GLN N   CA   sing N N 70  
GLN N   H    sing N N 71  
GLN N   H2   sing N N 72  
GLN CA  C    sing N N 73  
GLN CA  CB   sing N N 74  
GLN CA  HA   sing N N 75  
GLN C   O    doub N N 76  
GLN C   OXT  sing N N 77  
GLN CB  CG   sing N N 78  
GLN CB  HB2  sing N N 79  
GLN CB  HB3  sing N N 80  
GLN CG  CD   sing N N 81  
GLN CG  HG2  sing N N 82  
GLN CG  HG3  sing N N 83  
GLN CD  OE1  doub N N 84  
GLN CD  NE2  sing N N 85  
GLN NE2 HE21 sing N N 86  
GLN NE2 HE22 sing N N 87  
GLN OXT HXT  sing N N 88  
GLU N   CA   sing N N 89  
GLU N   H    sing N N 90  
GLU N   H2   sing N N 91  
GLU CA  C    sing N N 92  
GLU CA  CB   sing N N 93  
GLU CA  HA   sing N N 94  
GLU C   O    doub N N 95  
GLU C   OXT  sing N N 96  
GLU CB  CG   sing N N 97  
GLU CB  HB2  sing N N 98  
GLU CB  HB3  sing N N 99  
GLU CG  CD   sing N N 100 
GLU CG  HG2  sing N N 101 
GLU CG  HG3  sing N N 102 
GLU CD  OE1  doub N N 103 
GLU CD  OE2  sing N N 104 
GLU OE2 HE2  sing N N 105 
GLU OXT HXT  sing N N 106 
GLY N   CA   sing N N 107 
GLY N   H    sing N N 108 
GLY N   H2   sing N N 109 
GLY CA  C    sing N N 110 
GLY CA  HA2  sing N N 111 
GLY CA  HA3  sing N N 112 
GLY C   O    doub N N 113 
GLY C   OXT  sing N N 114 
GLY OXT HXT  sing N N 115 
HIS N   CA   sing N N 116 
HIS N   H    sing N N 117 
HIS N   H2   sing N N 118 
HIS CA  C    sing N N 119 
HIS CA  CB   sing N N 120 
HIS CA  HA   sing N N 121 
HIS C   O    doub N N 122 
HIS C   OXT  sing N N 123 
HIS CB  CG   sing N N 124 
HIS CB  HB2  sing N N 125 
HIS CB  HB3  sing N N 126 
HIS CG  ND1  sing Y N 127 
HIS CG  CD2  doub Y N 128 
HIS ND1 CE1  doub Y N 129 
HIS ND1 HD1  sing N N 130 
HIS CD2 NE2  sing Y N 131 
HIS CD2 HD2  sing N N 132 
HIS CE1 NE2  sing Y N 133 
HIS CE1 HE1  sing N N 134 
HIS NE2 HE2  sing N N 135 
HIS OXT HXT  sing N N 136 
HOH O   H1   sing N N 137 
HOH O   H2   sing N N 138 
ILE N   CA   sing N N 139 
ILE N   H    sing N N 140 
ILE N   H2   sing N N 141 
ILE CA  C    sing N N 142 
ILE CA  CB   sing N N 143 
ILE CA  HA   sing N N 144 
ILE C   O    doub N N 145 
ILE C   OXT  sing N N 146 
ILE CB  CG1  sing N N 147 
ILE CB  CG2  sing N N 148 
ILE CB  HB   sing N N 149 
ILE CG1 CD1  sing N N 150 
ILE CG1 HG12 sing N N 151 
ILE CG1 HG13 sing N N 152 
ILE CG2 HG21 sing N N 153 
ILE CG2 HG22 sing N N 154 
ILE CG2 HG23 sing N N 155 
ILE CD1 HD11 sing N N 156 
ILE CD1 HD12 sing N N 157 
ILE CD1 HD13 sing N N 158 
ILE OXT HXT  sing N N 159 
LEU N   CA   sing N N 160 
LEU N   H    sing N N 161 
LEU N   H2   sing N N 162 
LEU CA  C    sing N N 163 
LEU CA  CB   sing N N 164 
LEU CA  HA   sing N N 165 
LEU C   O    doub N N 166 
LEU C   OXT  sing N N 167 
LEU CB  CG   sing N N 168 
LEU CB  HB2  sing N N 169 
LEU CB  HB3  sing N N 170 
LEU CG  CD1  sing N N 171 
LEU CG  CD2  sing N N 172 
LEU CG  HG   sing N N 173 
LEU CD1 HD11 sing N N 174 
LEU CD1 HD12 sing N N 175 
LEU CD1 HD13 sing N N 176 
LEU CD2 HD21 sing N N 177 
LEU CD2 HD22 sing N N 178 
LEU CD2 HD23 sing N N 179 
LEU OXT HXT  sing N N 180 
LYS N   CA   sing N N 181 
LYS N   H    sing N N 182 
LYS N   H2   sing N N 183 
LYS CA  C    sing N N 184 
LYS CA  CB   sing N N 185 
LYS CA  HA   sing N N 186 
LYS C   O    doub N N 187 
LYS C   OXT  sing N N 188 
LYS CB  CG   sing N N 189 
LYS CB  HB2  sing N N 190 
LYS CB  HB3  sing N N 191 
LYS CG  CD   sing N N 192 
LYS CG  HG2  sing N N 193 
LYS CG  HG3  sing N N 194 
LYS CD  CE   sing N N 195 
LYS CD  HD2  sing N N 196 
LYS CD  HD3  sing N N 197 
LYS CE  NZ   sing N N 198 
LYS CE  HE2  sing N N 199 
LYS CE  HE3  sing N N 200 
LYS NZ  HZ1  sing N N 201 
LYS NZ  HZ2  sing N N 202 
LYS NZ  HZ3  sing N N 203 
LYS OXT HXT  sing N N 204 
MET N   CA   sing N N 205 
MET N   H    sing N N 206 
MET N   H2   sing N N 207 
MET CA  C    sing N N 208 
MET CA  CB   sing N N 209 
MET CA  HA   sing N N 210 
MET C   O    doub N N 211 
MET C   OXT  sing N N 212 
MET CB  CG   sing N N 213 
MET CB  HB2  sing N N 214 
MET CB  HB3  sing N N 215 
MET CG  SD   sing N N 216 
MET CG  HG2  sing N N 217 
MET CG  HG3  sing N N 218 
MET SD  CE   sing N N 219 
MET CE  HE1  sing N N 220 
MET CE  HE2  sing N N 221 
MET CE  HE3  sing N N 222 
MET OXT HXT  sing N N 223 
PHE N   CA   sing N N 224 
PHE N   H    sing N N 225 
PHE N   H2   sing N N 226 
PHE CA  C    sing N N 227 
PHE CA  CB   sing N N 228 
PHE CA  HA   sing N N 229 
PHE C   O    doub N N 230 
PHE C   OXT  sing N N 231 
PHE CB  CG   sing N N 232 
PHE CB  HB2  sing N N 233 
PHE CB  HB3  sing N N 234 
PHE CG  CD1  doub Y N 235 
PHE CG  CD2  sing Y N 236 
PHE CD1 CE1  sing Y N 237 
PHE CD1 HD1  sing N N 238 
PHE CD2 CE2  doub Y N 239 
PHE CD2 HD2  sing N N 240 
PHE CE1 CZ   doub Y N 241 
PHE CE1 HE1  sing N N 242 
PHE CE2 CZ   sing Y N 243 
PHE CE2 HE2  sing N N 244 
PHE CZ  HZ   sing N N 245 
PHE OXT HXT  sing N N 246 
PRO N   CA   sing N N 247 
PRO N   CD   sing N N 248 
PRO N   H    sing N N 249 
PRO CA  C    sing N N 250 
PRO CA  CB   sing N N 251 
PRO CA  HA   sing N N 252 
PRO C   O    doub N N 253 
PRO C   OXT  sing N N 254 
PRO CB  CG   sing N N 255 
PRO CB  HB2  sing N N 256 
PRO CB  HB3  sing N N 257 
PRO CG  CD   sing N N 258 
PRO CG  HG2  sing N N 259 
PRO CG  HG3  sing N N 260 
PRO CD  HD2  sing N N 261 
PRO CD  HD3  sing N N 262 
PRO OXT HXT  sing N N 263 
SER N   CA   sing N N 264 
SER N   H    sing N N 265 
SER N   H2   sing N N 266 
SER CA  C    sing N N 267 
SER CA  CB   sing N N 268 
SER CA  HA   sing N N 269 
SER C   O    doub N N 270 
SER C   OXT  sing N N 271 
SER CB  OG   sing N N 272 
SER CB  HB2  sing N N 273 
SER CB  HB3  sing N N 274 
SER OG  HG   sing N N 275 
SER OXT HXT  sing N N 276 
THR N   CA   sing N N 277 
THR N   H    sing N N 278 
THR N   H2   sing N N 279 
THR CA  C    sing N N 280 
THR CA  CB   sing N N 281 
THR CA  HA   sing N N 282 
THR C   O    doub N N 283 
THR C   OXT  sing N N 284 
THR CB  OG1  sing N N 285 
THR CB  CG2  sing N N 286 
THR CB  HB   sing N N 287 
THR OG1 HG1  sing N N 288 
THR CG2 HG21 sing N N 289 
THR CG2 HG22 sing N N 290 
THR CG2 HG23 sing N N 291 
THR OXT HXT  sing N N 292 
TRP N   CA   sing N N 293 
TRP N   H    sing N N 294 
TRP N   H2   sing N N 295 
TRP CA  C    sing N N 296 
TRP CA  CB   sing N N 297 
TRP CA  HA   sing N N 298 
TRP C   O    doub N N 299 
TRP C   OXT  sing N N 300 
TRP CB  CG   sing N N 301 
TRP CB  HB2  sing N N 302 
TRP CB  HB3  sing N N 303 
TRP CG  CD1  doub Y N 304 
TRP CG  CD2  sing Y N 305 
TRP CD1 NE1  sing Y N 306 
TRP CD1 HD1  sing N N 307 
TRP CD2 CE2  doub Y N 308 
TRP CD2 CE3  sing Y N 309 
TRP NE1 CE2  sing Y N 310 
TRP NE1 HE1  sing N N 311 
TRP CE2 CZ2  sing Y N 312 
TRP CE3 CZ3  doub Y N 313 
TRP CE3 HE3  sing N N 314 
TRP CZ2 CH2  doub Y N 315 
TRP CZ2 HZ2  sing N N 316 
TRP CZ3 CH2  sing Y N 317 
TRP CZ3 HZ3  sing N N 318 
TRP CH2 HH2  sing N N 319 
TRP OXT HXT  sing N N 320 
TYR N   CA   sing N N 321 
TYR N   H    sing N N 322 
TYR N   H2   sing N N 323 
TYR CA  C    sing N N 324 
TYR CA  CB   sing N N 325 
TYR CA  HA   sing N N 326 
TYR C   O    doub N N 327 
TYR C   OXT  sing N N 328 
TYR CB  CG   sing N N 329 
TYR CB  HB2  sing N N 330 
TYR CB  HB3  sing N N 331 
TYR CG  CD1  doub Y N 332 
TYR CG  CD2  sing Y N 333 
TYR CD1 CE1  sing Y N 334 
TYR CD1 HD1  sing N N 335 
TYR CD2 CE2  doub Y N 336 
TYR CD2 HD2  sing N N 337 
TYR CE1 CZ   doub Y N 338 
TYR CE1 HE1  sing N N 339 
TYR CE2 CZ   sing Y N 340 
TYR CE2 HE2  sing N N 341 
TYR CZ  OH   sing N N 342 
TYR OH  HH   sing N N 343 
TYR OXT HXT  sing N N 344 
VAL N   CA   sing N N 345 
VAL N   H    sing N N 346 
VAL N   H2   sing N N 347 
VAL CA  C    sing N N 348 
VAL CA  CB   sing N N 349 
VAL CA  HA   sing N N 350 
VAL C   O    doub N N 351 
VAL C   OXT  sing N N 352 
VAL CB  CG1  sing N N 353 
VAL CB  CG2  sing N N 354 
VAL CB  HB   sing N N 355 
VAL CG1 HG11 sing N N 356 
VAL CG1 HG12 sing N N 357 
VAL CG1 HG13 sing N N 358 
VAL CG2 HG21 sing N N 359 
VAL CG2 HG22 sing N N 360 
VAL CG2 HG23 sing N N 361 
VAL OXT HXT  sing N N 362 
# 
_atom_sites.entry_id                    3I7T 
_atom_sites.fract_transf_matrix[1][1]   0.00872585 
_atom_sites.fract_transf_matrix[1][2]   -0.00155361 
_atom_sites.fract_transf_matrix[1][3]   0.01176765 
_atom_sites.fract_transf_matrix[2][1]   -0.00403885 
_atom_sites.fract_transf_matrix[2][2]   -0.01412239 
_atom_sites.fract_transf_matrix[2][3]   0.00113036 
_atom_sites.fract_transf_matrix[3][1]   0.01116150 
_atom_sites.fract_transf_matrix[3][2]   -0.00389568 
_atom_sites.fract_transf_matrix[3][3]   -0.00879070 
_atom_sites.fract_transf_vector[1]      0.106107 
_atom_sites.fract_transf_vector[2]      0.134850 
_atom_sites.fract_transf_vector[3]      0.579069 
# 
loop_
_atom_type.symbol 
C 
I 
N 
O 
S 
# 
loop_
_atom_site.group_PDB 
_atom_site.id 
_atom_site.type_symbol 
_atom_site.label_atom_id 
_atom_site.label_alt_id 
_atom_site.label_comp_id 
_atom_site.label_asym_id 
_atom_site.label_entity_id 
_atom_site.label_seq_id 
_atom_site.pdbx_PDB_ins_code 
_atom_site.Cartn_x 
_atom_site.Cartn_y 
_atom_site.Cartn_z 
_atom_site.occupancy 
_atom_site.B_iso_or_equiv 
_atom_site.pdbx_formal_charge 
_atom_site.auth_seq_id 
_atom_site.auth_comp_id 
_atom_site.auth_asym_id 
_atom_site.auth_atom_id 
_atom_site.pdbx_PDB_model_num 
ATOM   1   N N   . SER A 1 3   ? -13.633 -12.432 -15.273 1.00 14.71 ? 4   SER A N   1 
ATOM   2   C CA  . SER A 1 3   ? -13.648 -13.190 -13.977 1.00 14.44 ? 4   SER A CA  1 
ATOM   3   C C   . SER A 1 3   ? -12.904 -12.486 -12.829 1.00 13.77 ? 4   SER A C   1 
ATOM   4   O O   . SER A 1 3   ? -11.707 -12.179 -12.931 1.00 13.41 ? 4   SER A O   1 
ATOM   5   C CB  . SER A 1 3   ? -13.098 -14.596 -14.170 1.00 15.09 ? 4   SER A CB  1 
ATOM   6   O OG  . SER A 1 3   ? -13.242 -15.335 -12.970 1.00 17.39 ? 4   SER A OG  1 
ATOM   7   N N   . ARG A 1 4   ? -13.622 -12.262 -11.728 1.00 12.38 ? 5   ARG A N   1 
ATOM   8   C CA  . ARG A 1 4   ? -13.142 -11.411 -10.644 1.00 11.32 ? 5   ARG A CA  1 
ATOM   9   C C   . ARG A 1 4   ? -12.703 -12.197 -9.405  1.00 10.83 ? 5   ARG A C   1 
ATOM   10  O O   . ARG A 1 4   ? -13.412 -13.082 -8.939  1.00 9.81  ? 5   ARG A O   1 
ATOM   11  C CB  . ARG A 1 4   ? -14.233 -10.399 -10.272 1.00 11.41 ? 5   ARG A CB  1 
ATOM   12  C CG  . ARG A 1 4   ? -13.884 -9.405  -9.141  1.00 10.30 ? 5   ARG A CG  1 
ATOM   13  C CD  . ARG A 1 4   ? -15.006 -8.363  -9.014  1.00 8.16  ? 5   ARG A CD  1 
ATOM   14  N NE  . ARG A 1 4   ? -14.887 -7.528  -7.823  1.00 8.27  ? 5   ARG A NE  1 
ATOM   15  C CZ  . ARG A 1 4   ? -15.281 -6.259  -7.770  1.00 9.03  ? 5   ARG A CZ  1 
ATOM   16  N NH1 . ARG A 1 4   ? -15.132 -5.560  -6.650  1.00 9.00  ? 5   ARG A NH1 1 
ATOM   17  N NH2 . ARG A 1 4   ? -15.826 -5.692  -8.846  1.00 10.14 ? 5   ARG A NH2 1 
ATOM   18  N N   . THR A 1 5   ? -11.531 -11.862 -8.875  1.00 10.25 ? 6   THR A N   1 
ATOM   19  C CA  . THR A 1 5   ? -11.056 -12.477 -7.649  1.00 10.31 ? 6   THR A CA  1 
ATOM   20  C C   . THR A 1 5   ? -10.709 -11.395 -6.639  1.00 10.17 ? 6   THR A C   1 
ATOM   21  O O   . THR A 1 5   ? -10.249 -10.311 -7.003  1.00 9.80  ? 6   THR A O   1 
ATOM   22  C CB  . THR A 1 5   ? -9.825  -13.406 -7.886  1.00 10.86 ? 6   THR A CB  1 
ATOM   23  O OG1 . THR A 1 5   ? -8.903  -12.769 -8.768  1.00 12.98 ? 6   THR A OG1 1 
ATOM   24  C CG2 . THR A 1 5   ? -10.239 -14.707 -8.519  1.00 9.96  ? 6   THR A CG2 1 
ATOM   25  N N   . MET A 1 6   ? -10.931 -11.703 -5.366  1.00 9.90  ? 7   MET A N   1 
ATOM   26  C CA  . MET A 1 6   ? -10.746 -10.738 -4.301  1.00 9.61  ? 7   MET A CA  1 
ATOM   27  C C   . MET A 1 6   ? -9.990  -11.327 -3.131  1.00 9.64  ? 7   MET A C   1 
ATOM   28  O O   . MET A 1 6   ? -10.106 -12.522 -2.822  1.00 9.13  ? 7   MET A O   1 
ATOM   29  C CB  . MET A 1 6   ? -12.101 -10.224 -3.836  1.00 9.95  ? 7   MET A CB  1 
ATOM   30  C CG  . MET A 1 6   ? -12.945 -9.725  -4.979  1.00 11.28 ? 7   MET A CG  1 
ATOM   31  S SD  . MET A 1 6   ? -14.510 -8.991  -4.482  1.00 15.95 ? 7   MET A SD  1 
ATOM   32  C CE  . MET A 1 6   ? -15.245 -10.292 -3.494  1.00 13.36 ? 7   MET A CE  1 
ATOM   33  N N   . VAL A 1 7   ? -9.213  -10.474 -2.481  1.00 9.20  ? 8   VAL A N   1 
ATOM   34  C CA  . VAL A 1 7   ? -8.386  -10.871 -1.373  1.00 8.94  ? 8   VAL A CA  1 
ATOM   35  C C   . VAL A 1 7   ? -8.872  -10.137 -0.130  1.00 9.58  ? 8   VAL A C   1 
ATOM   36  O O   . VAL A 1 7   ? -9.059  -8.920  -0.147  1.00 8.53  ? 8   VAL A O   1 
ATOM   37  C CB  . VAL A 1 7   ? -6.895  -10.526 -1.635  1.00 8.97  ? 8   VAL A CB  1 
ATOM   38  C CG1 . VAL A 1 7   ? -6.019  -10.856 -0.400  1.00 8.59  ? 8   VAL A CG1 1 
ATOM   39  C CG2 . VAL A 1 7   ? -6.388  -11.241 -2.907  1.00 7.84  ? 8   VAL A CG2 1 
ATOM   40  N N   . SER A 1 8   ? -9.075  -10.892 0.944   1.00 10.26 ? 9   SER A N   1 
ATOM   41  C CA  . SER A 1 8   ? -9.494  -10.339 2.223   1.00 11.67 ? 9   SER A CA  1 
ATOM   42  C C   . SER A 1 8   ? -8.444  -10.698 3.275   1.00 12.49 ? 9   SER A C   1 
ATOM   43  O O   . SER A 1 8   ? -7.783  -11.723 3.159   1.00 12.52 ? 9   SER A O   1 
ATOM   44  C CB  . SER A 1 8   ? -10.825 -10.951 2.631   1.00 11.71 ? 9   SER A CB  1 
ATOM   45  O OG  . SER A 1 8   ? -11.006 -10.854 4.038   1.00 13.82 ? 9   SER A OG  1 
ATOM   46  N N   . SER A 1 9   ? -8.277  -9.857  4.292   1.00 13.37 ? 10  SER A N   1 
ATOM   47  C CA  . SER A 1 9   ? -7.332  -10.168 5.368   1.00 14.05 ? 10  SER A CA  1 
ATOM   48  C C   . SER A 1 9   ? -8.078  -10.656 6.608   1.00 14.53 ? 10  SER A C   1 
ATOM   49  O O   . SER A 1 9   ? -7.463  -11.060 7.599   1.00 14.33 ? 10  SER A O   1 
ATOM   50  C CB  . SER A 1 9   ? -6.485  -8.949  5.716   1.00 14.18 ? 10  SER A CB  1 
ATOM   51  O OG  . SER A 1 9   ? -7.312  -7.895  6.172   1.00 14.34 ? 10  SER A OG  1 
ATOM   52  N N   . GLY A 1 10  ? -9.407  -10.618 6.554   1.00 14.48 ? 11  GLY A N   1 
ATOM   53  C CA  . GLY A 1 10  ? -10.224 -11.056 7.680   1.00 14.77 ? 11  GLY A CA  1 
ATOM   54  C C   . GLY A 1 10  ? -10.409 -9.993  8.761   1.00 15.23 ? 11  GLY A C   1 
ATOM   55  O O   . GLY A 1 10  ? -10.990 -10.265 9.808   1.00 14.98 ? 11  GLY A O   1 
ATOM   56  N N   . SER A 1 11  ? -9.926  -8.778  8.518   1.00 15.58 ? 12  SER A N   1 
ATOM   57  C CA  . SER A 1 11  ? -10.005 -7.730  9.522   1.00 16.12 ? 12  SER A CA  1 
ATOM   58  C C   . SER A 1 11  ? -11.446 -7.254  9.720   1.00 16.79 ? 12  SER A C   1 
ATOM   59  O O   . SER A 1 11  ? -12.284 -7.383  8.821   1.00 16.49 ? 12  SER A O   1 
ATOM   60  C CB  . SER A 1 11  ? -9.141  -6.545  9.120   1.00 15.57 ? 12  SER A CB  1 
ATOM   61  O OG  . SER A 1 11  ? -9.789  -5.837  8.089   1.00 16.29 ? 12  SER A OG  1 
ATOM   62  N N   . GLU A 1 12  ? -11.722 -6.699  10.902  1.00 17.52 ? 13  GLU A N   1 
ATOM   63  C CA  . GLU A 1 12  ? -13.037 -6.129  11.210  1.00 18.35 ? 13  GLU A CA  1 
ATOM   64  C C   . GLU A 1 12  ? -13.354 -4.935  10.314  1.00 18.19 ? 13  GLU A C   1 
ATOM   65  O O   . GLU A 1 12  ? -14.502 -4.712  9.928   1.00 18.43 ? 13  GLU A O   1 
ATOM   66  C CB  . GLU A 1 12  ? -13.078 -5.641  12.655  1.00 18.74 ? 13  GLU A CB  1 
ATOM   67  C CG  . GLU A 1 12  ? -14.434 -5.768  13.282  1.00 20.49 ? 13  GLU A CG  1 
ATOM   68  C CD  . GLU A 1 12  ? -14.797 -7.221  13.441  1.00 22.86 ? 13  GLU A CD  1 
ATOM   69  O OE1 . GLU A 1 12  ? -13.872 -8.017  13.729  1.00 23.27 ? 13  GLU A OE1 1 
ATOM   70  O OE2 . GLU A 1 12  ? -15.982 -7.570  13.257  1.00 24.23 ? 13  GLU A OE2 1 
ATOM   71  N N   . PHE A 1 13  ? -12.322 -4.153  10.025  1.00 18.06 ? 14  PHE A N   1 
ATOM   72  C CA  . PHE A 1 13  ? -12.450 -2.955  9.217   1.00 18.01 ? 14  PHE A CA  1 
ATOM   73  C C   . PHE A 1 13  ? -12.989 -3.281  7.818   1.00 17.39 ? 14  PHE A C   1 
ATOM   74  O O   . PHE A 1 13  ? -13.850 -2.579  7.290   1.00 17.32 ? 14  PHE A O   1 
ATOM   75  C CB  . PHE A 1 13  ? -11.094 -2.244  9.154   1.00 18.38 ? 14  PHE A CB  1 
ATOM   76  C CG  . PHE A 1 13  ? -11.155 -0.850  8.589   1.00 19.45 ? 14  PHE A CG  1 
ATOM   77  C CD1 . PHE A 1 13  ? -10.466 -0.532  7.426   1.00 19.91 ? 14  PHE A CD1 1 
ATOM   78  C CD2 . PHE A 1 13  ? -11.888 0.147   9.229   1.00 20.61 ? 14  PHE A CD2 1 
ATOM   79  C CE1 . PHE A 1 13  ? -10.512 0.755   6.895   1.00 21.69 ? 14  PHE A CE1 1 
ATOM   80  C CE2 . PHE A 1 13  ? -11.936 1.441   8.700   1.00 20.88 ? 14  PHE A CE2 1 
ATOM   81  C CZ  . PHE A 1 13  ? -11.250 1.743   7.531   1.00 21.07 ? 14  PHE A CZ  1 
ATOM   82  N N   . GLU A 1 14  ? -12.506 -4.365  7.224   1.00 16.75 ? 15  GLU A N   1 
ATOM   83  C CA  . GLU A 1 14  ? -13.026 -4.778  5.933   1.00 16.50 ? 15  GLU A CA  1 
ATOM   84  C C   . GLU A 1 14  ? -14.486 -5.146  6.095   1.00 16.45 ? 15  GLU A C   1 
ATOM   85  O O   . GLU A 1 14  ? -15.321 -4.894  5.214   1.00 15.79 ? 15  GLU A O   1 
ATOM   86  C CB  . GLU A 1 14  ? -12.205 -5.934  5.377   1.00 16.47 ? 15  GLU A CB  1 
ATOM   87  C CG  . GLU A 1 14  ? -10.916 -5.444  4.742   1.00 16.95 ? 15  GLU A CG  1 
ATOM   88  C CD  . GLU A 1 14  ? -9.902  -6.545  4.584   1.00 17.91 ? 15  GLU A CD  1 
ATOM   89  O OE1 . GLU A 1 14  ? -10.261 -7.611  4.051   1.00 16.78 ? 15  GLU A OE1 1 
ATOM   90  O OE2 . GLU A 1 14  ? -8.746  -6.332  5.000   1.00 20.78 ? 15  GLU A OE2 1 
ATOM   91  N N   . SER A 1 15  ? -14.764 -5.708  7.268   1.00 16.34 ? 16  SER A N   1 
ATOM   92  C CA  . SER A 1 15  ? -16.101 -6.062  7.732   1.00 16.50 ? 16  SER A CA  1 
ATOM   93  C C   . SER A 1 15  ? -17.024 -4.848  7.854   1.00 15.60 ? 16  SER A C   1 
ATOM   94  O O   . SER A 1 15  ? -18.100 -4.792  7.253   1.00 15.79 ? 16  SER A O   1 
ATOM   95  C CB  . SER A 1 15  ? -15.971 -6.737  9.107   1.00 16.81 ? 16  SER A CB  1 
ATOM   96  O OG  . SER A 1 15  ? -17.170 -7.388  9.480   1.00 18.86 ? 16  SER A OG  1 
ATOM   97  N N   . ALA A 1 16  ? -16.590 -3.869  8.633   1.00 14.69 ? 17  ALA A N   1 
ATOM   98  C CA  . ALA A 1 16  ? -17.397 -2.683  8.866   1.00 13.37 ? 17  ALA A CA  1 
ATOM   99  C C   . ALA A 1 16  ? -17.630 -1.821  7.615   1.00 12.65 ? 17  ALA A C   1 
ATOM   100 O O   . ALA A 1 16  ? -18.699 -1.235  7.464   1.00 12.02 ? 17  ALA A O   1 
ATOM   101 C CB  . ALA A 1 16  ? -16.803 -1.847  10.010  1.00 13.77 ? 17  ALA A CB  1 
ATOM   102 N N   . VAL A 1 17  ? -16.639 -1.746  6.725   1.00 11.41 ? 18  VAL A N   1 
ATOM   103 C CA  . VAL A 1 17  ? -16.710 -0.839  5.574   1.00 10.80 ? 18  VAL A CA  1 
ATOM   104 C C   . VAL A 1 17  ? -17.110 -1.530  4.254   1.00 10.04 ? 18  VAL A C   1 
ATOM   105 O O   . VAL A 1 17  ? -17.598 -0.878  3.330   1.00 9.90  ? 18  VAL A O   1 
ATOM   106 C CB  . VAL A 1 17  ? -15.376 -0.063  5.405   1.00 10.83 ? 18  VAL A CB  1 
ATOM   107 C CG1 . VAL A 1 17  ? -15.431 0.860   4.200   1.00 10.32 ? 18  VAL A CG1 1 
ATOM   108 C CG2 . VAL A 1 17  ? -15.073 0.718   6.679   1.00 10.79 ? 18  VAL A CG2 1 
ATOM   109 N N   . GLY A 1 18  ? -16.919 -2.844  4.181   1.00 9.51  ? 19  GLY A N   1 
ATOM   110 C CA  . GLY A 1 18  ? -17.284 -3.627  2.995   1.00 8.91  ? 19  GLY A CA  1 
ATOM   111 C C   . GLY A 1 18  ? -16.337 -3.360  1.837   1.00 8.42  ? 19  GLY A C   1 
ATOM   112 O O   . GLY A 1 18  ? -16.721 -2.722  0.844   1.00 9.04  ? 19  GLY A O   1 
ATOM   113 N N   . TYR A 1 19  ? -15.094 -3.815  1.977   1.00 7.43  ? 20  TYR A N   1 
ATOM   114 C CA  . TYR A 1 19  ? -14.059 -3.602  0.955   1.00 7.38  ? 20  TYR A CA  1 
ATOM   115 C C   . TYR A 1 19  ? -13.051 -4.765  0.998   1.00 6.91  ? 20  TYR A C   1 
ATOM   116 O O   . TYR A 1 19  ? -12.990 -5.503  1.986   1.00 6.60  ? 20  TYR A O   1 
ATOM   117 C CB  . TYR A 1 19  ? -13.352 -2.245  1.146   1.00 7.25  ? 20  TYR A CB  1 
ATOM   118 C CG  . TYR A 1 19  ? -12.259 -2.214  2.220   1.00 9.14  ? 20  TYR A CG  1 
ATOM   119 C CD1 . TYR A 1 19  ? -10.928 -2.474  1.890   1.00 11.14 ? 20  TYR A CD1 1 
ATOM   120 C CD2 . TYR A 1 19  ? -12.559 -1.904  3.555   1.00 10.53 ? 20  TYR A CD2 1 
ATOM   121 C CE1 . TYR A 1 19  ? -9.920  -2.450  2.857   1.00 14.23 ? 20  TYR A CE1 1 
ATOM   122 C CE2 . TYR A 1 19  ? -11.564 -1.869  4.530   1.00 13.26 ? 20  TYR A CE2 1 
ATOM   123 C CZ  . TYR A 1 19  ? -10.240 -2.144  4.177   1.00 16.03 ? 20  TYR A CZ  1 
ATOM   124 O OH  . TYR A 1 19  ? -9.234  -2.114  5.139   1.00 17.78 ? 20  TYR A OH  1 
ATOM   125 N N   . SER A 1 20  ? -12.274 -4.921  -0.074  1.00 6.35  ? 21  SER A N   1 
ATOM   126 C CA  . SER A 1 20  ? -11.272 -5.973  -0.175  1.00 5.79  ? 21  SER A CA  1 
ATOM   127 C C   . SER A 1 20  ? -9.872  -5.395  -0.088  1.00 5.99  ? 21  SER A C   1 
ATOM   128 O O   . SER A 1 20  ? -9.645  -4.236  -0.414  1.00 5.66  ? 21  SER A O   1 
ATOM   129 C CB  . SER A 1 20  ? -11.400 -6.712  -1.509  1.00 5.42  ? 21  SER A CB  1 
ATOM   130 O OG  . SER A 1 20  ? -12.619 -7.408  -1.608  1.00 5.96  ? 21  SER A OG  1 
ATOM   131 N N   . ARG A 1 21  ? -8.924  -6.214  0.343   1.00 6.33  ? 22  ARG A N   1 
ATOM   132 C CA  . ARG A 1 21  ? -7.530  -5.808  0.345   1.00 6.08  ? 22  ARG A CA  1 
ATOM   133 C C   . ARG A 1 21  ? -7.041  -5.630  -1.101  1.00 5.72  ? 22  ARG A C   1 
ATOM   134 O O   . ARG A 1 21  ? -6.344  -4.663  -1.414  1.00 5.63  ? 22  ARG A O   1 
ATOM   135 C CB  . ARG A 1 21  ? -6.683  -6.854  1.081   1.00 6.27  ? 22  ARG A CB  1 
ATOM   136 C CG  . ARG A 1 21  ? -6.807  -6.808  2.601   1.00 7.64  ? 22  ARG A CG  1 
ATOM   137 C CD  . ARG A 1 21  ? -6.037  -5.623  3.161   1.00 11.97 ? 22  ARG A CD  1 
ATOM   138 N NE  . ARG A 1 21  ? -4.699  -5.571  2.591   1.00 14.06 ? 22  ARG A NE  1 
ATOM   139 C CZ  . ARG A 1 21  ? -4.048  -4.450  2.292   1.00 14.99 ? 22  ARG A CZ  1 
ATOM   140 N NH1 . ARG A 1 21  ? -4.611  -3.269  2.517   1.00 13.62 ? 22  ARG A NH1 1 
ATOM   141 N NH2 . ARG A 1 21  ? -2.828  -4.514  1.762   1.00 13.62 ? 22  ARG A NH2 1 
ATOM   142 N N   . ALA A 1 22  ? -7.409  -6.573  -1.976  1.00 5.98  ? 23  ALA A N   1 
ATOM   143 C CA  . ALA A 1 22  ? -7.057  -6.497  -3.391  1.00 5.25  ? 23  ALA A CA  1 
ATOM   144 C C   . ALA A 1 22  ? -8.154  -7.091  -4.267  1.00 5.41  ? 23  ALA A C   1 
ATOM   145 O O   . ALA A 1 22  ? -8.850  -8.028  -3.858  1.00 4.85  ? 23  ALA A O   1 
ATOM   146 C CB  . ALA A 1 22  ? -5.754  -7.201  -3.655  1.00 5.56  ? 23  ALA A CB  1 
ATOM   147 N N   . VAL A 1 23  ? -8.298  -6.550  -5.473  1.00 5.29  ? 24  VAL A N   1 
ATOM   148 C CA  . VAL A 1 23  ? -9.207  -7.126  -6.453  1.00 5.47  ? 24  VAL A CA  1 
ATOM   149 C C   . VAL A 1 23  ? -8.474  -7.240  -7.775  1.00 5.78  ? 24  VAL A C   1 
ATOM   150 O O   . VAL A 1 23  ? -7.743  -6.324  -8.154  1.00 5.71  ? 24  VAL A O   1 
ATOM   151 C CB  . VAL A 1 23  ? -10.486 -6.264  -6.607  1.00 5.70  ? 24  VAL A CB  1 
ATOM   152 C CG1 . VAL A 1 23  ? -11.422 -6.850  -7.685  1.00 4.85  ? 24  VAL A CG1 1 
ATOM   153 C CG2 . VAL A 1 23  ? -11.201 -6.191  -5.280  1.00 5.22  ? 24  VAL A CG2 1 
ATOM   154 N N   . ARG A 1 24  ? -8.652  -8.379  -8.451  1.00 6.29  ? 25  ARG A N   1 
ATOM   155 C CA  . ARG A 1 24  ? -8.104  -8.628  -9.786  1.00 6.60  ? 25  ARG A CA  1 
ATOM   156 C C   . ARG A 1 24  ? -9.238  -8.947  -10.788 1.00 6.91  ? 25  ARG A C   1 
ATOM   157 O O   . ARG A 1 24  ? -10.093 -9.774  -10.497 1.00 6.09  ? 25  ARG A O   1 
ATOM   158 C CB  . ARG A 1 24  ? -7.091  -9.794  -9.739  1.00 6.91  ? 25  ARG A CB  1 
ATOM   159 C CG  . ARG A 1 24  ? -6.673  -10.318 -11.137 1.00 7.05  ? 25  ARG A CG  1 
ATOM   160 C CD  . ARG A 1 24  ? -5.646  -11.453 -11.068 1.00 10.42 ? 25  ARG A CD  1 
ATOM   161 N NE  . ARG A 1 24  ? -5.005  -11.706 -12.369 1.00 10.33 ? 25  ARG A NE  1 
ATOM   162 C CZ  . ARG A 1 24  ? -3.781  -12.207 -12.507 1.00 9.61  ? 25  ARG A CZ  1 
ATOM   163 N NH1 . ARG A 1 24  ? -3.058  -12.512 -11.430 1.00 8.35  ? 25  ARG A NH1 1 
ATOM   164 N NH2 . ARG A 1 24  ? -3.269  -12.390 -13.714 1.00 9.33  ? 25  ARG A NH2 1 
ATOM   165 N N   . ILE A 1 25  ? -9.274  -8.247  -11.925 1.00 7.15  ? 26  ILE A N   1 
ATOM   166 C CA  . ILE A 1 25  ? -10.082 -8.655  -13.087 1.00 8.46  ? 26  ILE A CA  1 
ATOM   167 C C   . ILE A 1 25  ? -9.255  -8.387  -14.323 1.00 8.75  ? 26  ILE A C   1 
ATOM   168 O O   . ILE A 1 25  ? -8.656  -7.336  -14.446 1.00 9.10  ? 26  ILE A O   1 
ATOM   169 C CB  . ILE A 1 25  ? -11.383 -7.833  -13.306 1.00 8.55  ? 26  ILE A CB  1 
ATOM   170 C CG1 . ILE A 1 25  ? -11.730 -6.989  -12.103 1.00 9.44  ? 26  ILE A CG1 1 
ATOM   171 C CG2 . ILE A 1 25  ? -12.530 -8.697  -13.874 1.00 9.18  ? 26  ILE A CG2 1 
ATOM   172 C CD1 . ILE A 1 25  ? -11.106 -5.620  -12.227 1.00 12.06 ? 26  ILE A CD1 1 
ATOM   173 N N   . GLY A 1 26  ? -9.233  -9.314  -15.264 1.00 9.34  ? 27  GLY A N   1 
ATOM   174 C CA  . GLY A 1 26  ? -8.260  -9.189  -16.331 1.00 10.28 ? 27  GLY A CA  1 
ATOM   175 C C   . GLY A 1 26  ? -6.850  -9.060  -15.771 1.00 10.93 ? 27  GLY A C   1 
ATOM   176 O O   . GLY A 1 26  ? -6.474  -9.732  -14.808 1.00 10.25 ? 27  GLY A O   1 
ATOM   177 N N   . PRO A 1 27  ? -6.042  -8.178  -16.365 1.00 12.16 ? 28  PRO A N   1 
ATOM   178 C CA  . PRO A 1 27  ? -4.657  -8.142  -15.921 1.00 12.92 ? 28  PRO A CA  1 
ATOM   179 C C   . PRO A 1 27  ? -4.492  -7.115  -14.804 1.00 13.19 ? 28  PRO A C   1 
ATOM   180 O O   . PRO A 1 27  ? -3.423  -7.029  -14.184 1.00 14.08 ? 28  PRO A O   1 
ATOM   181 C CB  . PRO A 1 27  ? -3.911  -7.686  -17.179 1.00 13.18 ? 28  PRO A CB  1 
ATOM   182 C CG  . PRO A 1 27  ? -4.948  -6.816  -17.938 1.00 12.88 ? 28  PRO A CG  1 
ATOM   183 C CD  . PRO A 1 27  ? -6.329  -7.111  -17.341 1.00 12.58 ? 28  PRO A CD  1 
ATOM   184 N N   . LEU A 1 28  ? -5.554  -6.358  -14.550 1.00 12.85 ? 29  LEU A N   1 
ATOM   185 C CA  . LEU A 1 28  ? -5.568  -5.371  -13.473 1.00 11.94 ? 29  LEU A CA  1 
ATOM   186 C C   . LEU A 1 28  ? -5.673  -5.979  -12.076 1.00 10.52 ? 29  LEU A C   1 
ATOM   187 O O   . LEU A 1 28  ? -6.533  -6.826  -11.826 1.00 10.13 ? 29  LEU A O   1 
ATOM   188 C CB  . LEU A 1 28  ? -6.755  -4.434  -13.664 1.00 12.66 ? 29  LEU A CB  1 
ATOM   189 C CG  . LEU A 1 28  ? -6.775  -3.238  -12.722 1.00 14.77 ? 29  LEU A CG  1 
ATOM   190 C CD1 . LEU A 1 28  ? -5.486  -2.418  -12.926 1.00 16.46 ? 29  LEU A CD1 1 
ATOM   191 C CD2 . LEU A 1 28  ? -8.029  -2.371  -12.943 1.00 16.37 ? 29  LEU A CD2 1 
ATOM   192 N N   . VAL A 1 29  ? -4.804  -5.519  -11.175 1.00 9.19  ? 30  VAL A N   1 
ATOM   193 C CA  . VAL A 1 29  ? -4.948  -5.755  -9.730  1.00 7.44  ? 30  VAL A CA  1 
ATOM   194 C C   . VAL A 1 29  ? -4.886  -4.401  -9.016  1.00 6.99  ? 30  VAL A C   1 
ATOM   195 O O   . VAL A 1 29  ? -3.901  -3.656  -9.160  1.00 6.72  ? 30  VAL A O   1 
ATOM   196 C CB  . VAL A 1 29  ? -3.861  -6.687  -9.189  1.00 7.92  ? 30  VAL A CB  1 
ATOM   197 C CG1 . VAL A 1 29  ? -4.049  -6.928  -7.710  1.00 5.95  ? 30  VAL A CG1 1 
ATOM   198 C CG2 . VAL A 1 29  ? -3.885  -8.028  -9.944  1.00 8.34  ? 30  VAL A CG2 1 
ATOM   199 N N   . VAL A 1 30  ? -5.948  -4.059  -8.289  1.00 5.36  ? 31  VAL A N   1 
ATOM   200 C CA  . VAL A 1 30  ? -5.908  -2.882  -7.415  1.00 4.08  ? 31  VAL A CA  1 
ATOM   201 C C   . VAL A 1 30  ? -5.812  -3.272  -5.941  1.00 4.32  ? 31  VAL A C   1 
ATOM   202 O O   . VAL A 1 30  ? -6.402  -4.257  -5.504  1.00 4.14  ? 31  VAL A O   1 
ATOM   203 C CB  . VAL A 1 30  ? -7.118  -1.943  -7.644  1.00 4.11  ? 31  VAL A CB  1 
ATOM   204 C CG1 . VAL A 1 30  ? -7.082  -1.418  -9.059  1.00 2.41  ? 31  VAL A CG1 1 
ATOM   205 C CG2 . VAL A 1 30  ? -8.415  -2.665  -7.378  1.00 3.27  ? 31  VAL A CG2 1 
ATOM   206 N N   . VAL A 1 31  ? -5.040  -2.501  -5.190  1.00 4.31  ? 32  VAL A N   1 
ATOM   207 C CA  . VAL A 1 31  ? -4.816  -2.747  -3.785  1.00 4.97  ? 32  VAL A CA  1 
ATOM   208 C C   . VAL A 1 31  ? -5.343  -1.561  -2.964  1.00 5.11  ? 32  VAL A C   1 
ATOM   209 O O   . VAL A 1 31  ? -5.129  -0.381  -3.311  1.00 4.78  ? 32  VAL A O   1 
ATOM   210 C CB  . VAL A 1 31  ? -3.311  -3.026  -3.517  1.00 5.45  ? 32  VAL A CB  1 
ATOM   211 C CG1 . VAL A 1 31  ? -3.054  -3.441  -2.050  1.00 4.94  ? 32  VAL A CG1 1 
ATOM   212 C CG2 . VAL A 1 31  ? -2.816  -4.129  -4.457  1.00 5.62  ? 32  VAL A CG2 1 
ATOM   213 N N   . ALA A 1 32  ? -6.050  -1.892  -1.883  1.00 4.96  ? 33  ALA A N   1 
ATOM   214 C CA  . ALA A 1 32  ? -6.596  -0.908  -0.948  1.00 5.31  ? 33  ALA A CA  1 
ATOM   215 C C   . ALA A 1 32  ? -5.509  -0.029  -0.335  1.00 5.81  ? 33  ALA A C   1 
ATOM   216 O O   . ALA A 1 32  ? -4.341  -0.419  -0.291  1.00 5.77  ? 33  ALA A O   1 
ATOM   217 C CB  . ALA A 1 32  ? -7.359  -1.639  0.188   1.00 4.69  ? 33  ALA A CB  1 
ATOM   218 N N   . GLY A 1 33  ? -5.902  1.147   0.151   1.00 5.83  ? 34  GLY A N   1 
ATOM   219 C CA  . GLY A 1 33  ? -5.010  1.937   1.007   1.00 5.90  ? 34  GLY A CA  1 
ATOM   220 C C   . GLY A 1 33  ? -4.533  1.021   2.118   1.00 6.55  ? 34  GLY A C   1 
ATOM   221 O O   . GLY A 1 33  ? -5.338  0.348   2.780   1.00 6.28  ? 34  GLY A O   1 
ATOM   222 N N   . THR A 1 34  ? -3.220  0.976   2.318   1.00 6.55  ? 35  THR A N   1 
ATOM   223 C CA  . THR A 1 34  ? -2.650  0.081   3.300   1.00 7.03  ? 35  THR A CA  1 
ATOM   224 C C   . THR A 1 34  ? -1.797  0.811   4.315   1.00 6.85  ? 35  THR A C   1 
ATOM   225 O O   . THR A 1 34  ? -0.903  1.555   3.945   1.00 6.40  ? 35  THR A O   1 
ATOM   226 C CB  . THR A 1 34  ? -1.740  -0.941  2.615   1.00 6.99  ? 35  THR A CB  1 
ATOM   227 O OG1 . THR A 1 34  ? -2.485  -1.592  1.578   1.00 8.47  ? 35  THR A OG1 1 
ATOM   228 C CG2 . THR A 1 34  ? -1.240  -1.966  3.631   1.00 6.64  ? 35  THR A CG2 1 
ATOM   229 N N   . THR A 1 35  ? -2.046  0.565   5.598   1.00 7.40  ? 36  THR A N   1 
ATOM   230 C CA  . THR A 1 35  ? -1.182  1.126   6.626   1.00 7.16  ? 36  THR A CA  1 
ATOM   231 C C   . THR A 1 35  ? -0.308  0.033   7.226   1.00 7.26  ? 36  THR A C   1 
ATOM   232 O O   . THR A 1 35  ? -0.448  -1.164  6.910   1.00 7.79  ? 36  THR A O   1 
ATOM   233 C CB  . THR A 1 35  ? -1.989  1.802   7.738   1.00 7.64  ? 36  THR A CB  1 
ATOM   234 O OG1 . THR A 1 35  ? -2.855  0.831   8.334   1.00 7.66  ? 36  THR A OG1 1 
ATOM   235 C CG2 . THR A 1 35  ? -2.819  2.952   7.188   1.00 6.90  ? 36  THR A CG2 1 
ATOM   236 N N   . GLY A 1 36  ? 0.604   0.435   8.098   1.00 7.10  ? 37  GLY A N   1 
ATOM   237 C CA  . GLY A 1 36  ? 1.566   -0.509  8.637   1.00 6.99  ? 37  GLY A CA  1 
ATOM   238 C C   . GLY A 1 36  ? 1.696   -0.449  10.137  1.00 7.01  ? 37  GLY A C   1 
ATOM   239 O O   . GLY A 1 36  ? 1.465   0.588   10.748  1.00 6.56  ? 37  GLY A O   1 
ATOM   240 N N   . SER A 1 37  ? 2.059   -1.584  10.726  1.00 7.69  ? 38  SER A N   1 
ATOM   241 C CA  . SER A 1 37  ? 2.438   -1.634  12.126  1.00 8.31  ? 38  SER A CA  1 
ATOM   242 C C   . SER A 1 37  ? 3.857   -1.082  12.273  1.00 8.82  ? 38  SER A C   1 
ATOM   243 O O   . SER A 1 37  ? 4.580   -0.914  11.290  1.00 9.31  ? 38  SER A O   1 
ATOM   244 C CB  . SER A 1 37  ? 2.362   -3.072  12.660  1.00 8.36  ? 38  SER A CB  1 
ATOM   245 O OG  . SER A 1 37  ? 1.132   -3.688  12.307  1.00 7.90  ? 38  SER A OG  1 
ATOM   246 N N   . GLY A 1 38  ? 4.257   -0.794  13.498  1.00 9.04  ? 39  GLY A N   1 
ATOM   247 C CA  . GLY A 1 38  ? 5.564   -0.192  13.721  1.00 10.02 ? 39  GLY A CA  1 
ATOM   248 C C   . GLY A 1 38  ? 5.437   1.154   14.399  1.00 10.23 ? 39  GLY A C   1 
ATOM   249 O O   . GLY A 1 38  ? 4.411   1.826   14.285  1.00 10.08 ? 39  GLY A O   1 
ATOM   250 N N   . ASP A 1 39  ? 6.491   1.546   15.104  1.00 10.83 ? 40  ASP A N   1 
ATOM   251 C CA  . ASP A 1 39  ? 6.453   2.734   15.946  1.00 11.47 ? 40  ASP A CA  1 
ATOM   252 C C   . ASP A 1 39  ? 6.717   4.015   15.171  1.00 12.00 ? 40  ASP A C   1 
ATOM   253 O O   . ASP A 1 39  ? 6.222   5.077   15.549  1.00 13.40 ? 40  ASP A O   1 
ATOM   254 C CB  . ASP A 1 39  ? 7.453   2.610   17.104  1.00 11.19 ? 40  ASP A CB  1 
ATOM   255 C CG  . ASP A 1 39  ? 7.386   3.624   18.094  0.00 27.68 ? 40  ASP A CG  1 
ATOM   256 O OD1 . ASP A 1 39  ? 8.377   4.384   18.167  0.00 34.86 ? 40  ASP A OD1 1 
ATOM   257 O OD2 . ASP A 1 39  ? 6.358   3.773   18.794  0.00 24.75 ? 40  ASP A OD2 1 
ATOM   258 N N   . ASP A 1 40  ? 7.497   3.939   14.096  1.00 11.64 ? 41  ASP A N   1 
ATOM   259 C CA  . ASP A 1 40  ? 7.903   5.159   13.400  1.00 11.09 ? 41  ASP A CA  1 
ATOM   260 C C   . ASP A 1 40  ? 7.707   5.055   11.893  1.00 10.25 ? 41  ASP A C   1 
ATOM   261 O O   . ASP A 1 40  ? 7.462   3.971   11.364  1.00 9.63  ? 41  ASP A O   1 
ATOM   262 C CB  . ASP A 1 40  ? 9.352   5.520   13.726  1.00 11.30 ? 41  ASP A CB  1 
ATOM   263 C CG  . ASP A 1 40  ? 9.673   6.990   13.437  1.00 14.26 ? 41  ASP A CG  1 
ATOM   264 O OD1 . ASP A 1 40  ? 10.851  7.373   13.637  1.00 17.86 ? 41  ASP A OD1 1 
ATOM   265 O OD2 . ASP A 1 40  ? 8.764   7.769   13.021  1.00 16.30 ? 41  ASP A OD2 1 
ATOM   266 N N   . ILE A 1 41  ? 7.822   6.184   11.201  1.00 9.33  ? 42  ILE A N   1 
ATOM   267 C CA  . ILE A 1 41  ? 7.423   6.216   9.808   1.00 8.59  ? 42  ILE A CA  1 
ATOM   268 C C   . ILE A 1 41  ? 8.149   5.187   8.943   1.00 8.34  ? 42  ILE A C   1 
ATOM   269 O O   . ILE A 1 41  ? 7.523   4.540   8.114   1.00 8.26  ? 42  ILE A O   1 
ATOM   270 C CB  . ILE A 1 41  ? 7.426   7.648   9.185   1.00 8.76  ? 42  ILE A CB  1 
ATOM   271 C CG1 . ILE A 1 41  ? 6.271   7.756   8.164   1.00 8.67  ? 42  ILE A CG1 1 
ATOM   272 C CG2 . ILE A 1 41  ? 8.800   8.013   8.607   1.00 8.89  ? 42  ILE A CG2 1 
ATOM   273 C CD1 . ILE A 1 41  ? 6.217   9.060   7.372   1.00 9.48  ? 42  ILE A CD1 1 
ATOM   274 N N   . ALA A 1 42  ? 9.448   4.997   9.143   1.00 7.97  ? 43  ALA A N   1 
ATOM   275 C CA  . ALA A 1 42  ? 10.156  3.995   8.348   1.00 7.65  ? 43  ALA A CA  1 
ATOM   276 C C   . ALA A 1 42  ? 9.563   2.598   8.531   1.00 7.43  ? 43  ALA A C   1 
ATOM   277 O O   . ALA A 1 42  ? 9.258   1.934   7.556   1.00 6.50  ? 43  ALA A O   1 
ATOM   278 C CB  . ALA A 1 42  ? 11.644  3.985   8.661   1.00 7.55  ? 43  ALA A CB  1 
ATOM   279 N N   . ALA A 1 43  ? 9.406   2.155   9.777   1.00 7.38  ? 44  ALA A N   1 
ATOM   280 C CA  . ALA A 1 43  ? 8.893   0.810   10.035  1.00 7.37  ? 44  ALA A CA  1 
ATOM   281 C C   . ALA A 1 43  ? 7.491   0.625   9.464   1.00 7.08  ? 44  ALA A C   1 
ATOM   282 O O   . ALA A 1 43  ? 7.164   -0.428  8.915   1.00 7.44  ? 44  ALA A O   1 
ATOM   283 C CB  . ALA A 1 43  ? 8.905   0.522   11.525  1.00 7.23  ? 44  ALA A CB  1 
ATOM   284 N N   . GLN A 1 44  ? 6.657   1.653   9.608   1.00 6.66  ? 45  GLN A N   1 
ATOM   285 C CA  . GLN A 1 44  ? 5.288   1.621   9.097   1.00 6.57  ? 45  GLN A CA  1 
ATOM   286 C C   . GLN A 1 44  ? 5.257   1.550   7.578   1.00 6.93  ? 45  GLN A C   1 
ATOM   287 O O   . GLN A 1 44  ? 4.433   0.838   7.005   1.00 6.54  ? 45  GLN A O   1 
ATOM   288 C CB  . GLN A 1 44  ? 4.507   2.839   9.585   1.00 5.78  ? 45  GLN A CB  1 
ATOM   289 C CG  . GLN A 1 44  ? 4.199   2.796   11.089  1.00 5.68  ? 45  GLN A CG  1 
ATOM   290 C CD  . GLN A 1 44  ? 3.148   3.819   11.480  1.00 5.17  ? 45  GLN A CD  1 
ATOM   291 O OE1 . GLN A 1 44  ? 2.546   4.477   10.621  1.00 3.89  ? 45  GLN A OE1 1 
ATOM   292 N NE2 . GLN A 1 44  ? 2.929   3.970   12.781  1.00 5.72  ? 45  GLN A NE2 1 
ATOM   293 N N   . THR A 1 45  ? 6.152   2.282   6.919   1.00 7.03  ? 46  THR A N   1 
ATOM   294 C CA  . THR A 1 45  ? 6.247   2.169   5.456   1.00 7.16  ? 46  THR A CA  1 
ATOM   295 C C   . THR A 1 45  ? 6.657   0.759   5.021   1.00 7.08  ? 46  THR A C   1 
ATOM   296 O O   . THR A 1 45  ? 6.063   0.188   4.115   1.00 6.93  ? 46  THR A O   1 
ATOM   297 C CB  . THR A 1 45  ? 7.233   3.197   4.881   1.00 7.22  ? 46  THR A CB  1 
ATOM   298 O OG1 . THR A 1 45  ? 6.892   4.486   5.392   1.00 7.21  ? 46  THR A OG1 1 
ATOM   299 C CG2 . THR A 1 45  ? 7.126   3.233   3.375   1.00 6.51  ? 46  THR A CG2 1 
ATOM   300 N N   . ARG A 1 46  ? 7.668   0.191   5.669   1.00 7.54  ? 47  ARG A N   1 
ATOM   301 C CA  . ARG A 1 46  ? 8.103   -1.152  5.307   1.00 7.79  ? 47  ARG A CA  1 
ATOM   302 C C   . ARG A 1 46  ? 6.960   -2.140  5.486   1.00 7.58  ? 47  ARG A C   1 
ATOM   303 O O   . ARG A 1 46  ? 6.720   -2.991  4.631   1.00 7.05  ? 47  ARG A O   1 
ATOM   304 C CB  . ARG A 1 46  ? 9.321   -1.587  6.126   1.00 8.51  ? 47  ARG A CB  1 
ATOM   305 C CG  . ARG A 1 46  ? 10.613  -0.855  5.740   1.00 10.84 ? 47  ARG A CG  1 
ATOM   306 C CD  . ARG A 1 46  ? 11.861  -1.503  6.371   1.00 13.80 ? 47  ARG A CD  1 
ATOM   307 N NE  . ARG A 1 46  ? 11.703  -1.655  7.817   1.00 17.09 ? 47  ARG A NE  1 
ATOM   308 C CZ  . ARG A 1 46  ? 12.165  -0.796  8.723   1.00 17.88 ? 47  ARG A CZ  1 
ATOM   309 N NH1 . ARG A 1 46  ? 12.838  0.289   8.349   1.00 17.35 ? 47  ARG A NH1 1 
ATOM   310 N NH2 . ARG A 1 46  ? 11.957  -1.029  10.010  1.00 17.77 ? 47  ARG A NH2 1 
ATOM   311 N N   . ASP A 1 47  ? 6.247   -2.014  6.597   1.00 7.31  ? 48  ASP A N   1 
ATOM   312 C CA  . ASP A 1 47  ? 5.161   -2.941  6.909   1.00 7.15  ? 48  ASP A CA  1 
ATOM   313 C C   . ASP A 1 47  ? 3.978   -2.761  5.963   1.00 6.79  ? 48  ASP A C   1 
ATOM   314 O O   . ASP A 1 47  ? 3.318   -3.736  5.577   1.00 6.45  ? 48  ASP A O   1 
ATOM   315 C CB  . ASP A 1 47  ? 4.726   -2.776  8.368   1.00 6.82  ? 48  ASP A CB  1 
ATOM   316 C CG  . ASP A 1 47  ? 3.937   -3.970  8.878   1.00 8.25  ? 48  ASP A CG  1 
ATOM   317 O OD1 . ASP A 1 47  ? 4.463   -5.110  8.795   1.00 9.90  ? 48  ASP A OD1 1 
ATOM   318 O OD2 . ASP A 1 47  ? 2.794   -3.777  9.346   1.00 8.34  ? 48  ASP A OD2 1 
ATOM   319 N N   . ALA A 1 48  ? 3.709   -1.517  5.566   1.00 6.62  ? 49  ALA A N   1 
ATOM   320 C CA  . ALA A 1 48  ? 2.633   -1.265  4.605   1.00 5.90  ? 49  ALA A CA  1 
ATOM   321 C C   . ALA A 1 48  ? 2.977   -1.915  3.278   1.00 6.08  ? 49  ALA A C   1 
ATOM   322 O O   . ALA A 1 48  ? 2.111   -2.478  2.614   1.00 5.05  ? 49  ALA A O   1 
ATOM   323 C CB  . ALA A 1 48  ? 2.374   0.239   4.431   1.00 6.38  ? 49  ALA A CB  1 
ATOM   324 N N   . LEU A 1 49  ? 4.251   -1.858  2.898   1.00 5.82  ? 50  LEU A N   1 
ATOM   325 C CA  . LEU A 1 49  ? 4.671   -2.427  1.616   1.00 5.97  ? 50  LEU A CA  1 
ATOM   326 C C   . LEU A 1 49  ? 4.696   -3.940  1.671   1.00 5.46  ? 50  LEU A C   1 
ATOM   327 O O   . LEU A 1 49  ? 4.426   -4.594  0.668   1.00 5.71  ? 50  LEU A O   1 
ATOM   328 C CB  . LEU A 1 49  ? 6.037   -1.890  1.192   1.00 5.41  ? 50  LEU A CB  1 
ATOM   329 C CG  . LEU A 1 49  ? 6.063   -0.414  0.782   1.00 6.52  ? 50  LEU A CG  1 
ATOM   330 C CD1 . LEU A 1 49  ? 7.489   0.104   0.493   1.00 7.14  ? 50  LEU A CD1 1 
ATOM   331 C CD2 . LEU A 1 49  ? 5.150   -0.185  -0.402  1.00 6.81  ? 50  LEU A CD2 1 
ATOM   332 N N   . ARG A 1 50  ? 5.014   -4.498  2.841   1.00 5.22  ? 51  ARG A N   1 
ATOM   333 C CA  . ARG A 1 50  ? 4.950   -5.944  3.015   1.00 5.56  ? 51  ARG A CA  1 
ATOM   334 C C   . ARG A 1 50  ? 3.514   -6.445  2.826   1.00 5.28  ? 51  ARG A C   1 
ATOM   335 O O   . ARG A 1 50  ? 3.296   -7.467  2.189   1.00 5.68  ? 51  ARG A O   1 
ATOM   336 C CB  . ARG A 1 50  ? 5.476   -6.382  4.382   1.00 6.11  ? 51  ARG A CB  1 
ATOM   337 C CG  . ARG A 1 50  ? 5.742   -7.892  4.450   1.00 8.30  ? 51  ARG A CG  1 
ATOM   338 C CD  . ARG A 1 50  ? 5.531   -8.445  5.841   1.00 13.19 ? 51  ARG A CD  1 
ATOM   339 N NE  . ARG A 1 50  ? 4.894   -9.766  5.622   0.00 30.38 ? 51  ARG A NE  1 
ATOM   340 C CZ  . ARG A 1 50  ? 5.097   -10.455 4.500   0.00 31.87 ? 51  ARG A CZ  1 
ATOM   341 N NH1 . ARG A 1 50  ? 5.773   -9.908  3.496   0.00 31.95 ? 51  ARG A NH1 1 
ATOM   342 N NH2 . ARG A 1 50  ? 4.621   -11.691 4.382   0.00 31.52 ? 51  ARG A NH2 1 
ATOM   343 N N   . ARG A 1 51  ? 2.544   -5.731  3.388   1.00 4.90  ? 52  ARG A N   1 
ATOM   344 C CA  . ARG A 1 51  ? 1.146   -6.109  3.264   1.00 5.08  ? 52  ARG A CA  1 
ATOM   345 C C   . ARG A 1 51  ? 0.633   -5.958  1.827   1.00 5.18  ? 52  ARG A C   1 
ATOM   346 O O   . ARG A 1 51  ? -0.150  -6.778  1.342   1.00 5.89  ? 52  ARG A O   1 
ATOM   347 C CB  . ARG A 1 51  ? 0.289   -5.299  4.236   1.00 4.93  ? 52  ARG A CB  1 
ATOM   348 C CG  . ARG A 1 51  ? 0.600   -5.580  5.701   1.00 5.50  ? 52  ARG A CG  1 
ATOM   349 C CD  . ARG A 1 51  ? 0.061   -4.472  6.624   1.00 5.77  ? 52  ARG A CD  1 
ATOM   350 N NE  . ARG A 1 51  ? 0.601   -4.676  7.974   1.00 8.81  ? 52  ARG A NE  1 
ATOM   351 C CZ  . ARG A 1 51  ? 0.082   -5.521  8.865   1.00 8.30  ? 52  ARG A CZ  1 
ATOM   352 N NH1 . ARG A 1 51  ? -1.017  -6.207  8.572   1.00 8.47  ? 52  ARG A NH1 1 
ATOM   353 N NH2 . ARG A 1 51  ? 0.643   -5.663  10.054  1.00 7.42  ? 52  ARG A NH2 1 
ATOM   354 N N   . ILE A 1 52  ? 1.064   -4.906  1.148   1.00 5.04  ? 53  ILE A N   1 
ATOM   355 C CA  . ILE A 1 52  ? 0.768   -4.788  -0.283  1.00 5.27  ? 53  ILE A CA  1 
ATOM   356 C C   . ILE A 1 52  ? 1.263   -6.002  -1.076  1.00 5.34  ? 53  ILE A C   1 
ATOM   357 O O   . ILE A 1 52  ? 0.521   -6.561  -1.886  1.00 5.44  ? 53  ILE A O   1 
ATOM   358 C CB  . ILE A 1 52  ? 1.329   -3.483  -0.839  1.00 4.91  ? 53  ILE A CB  1 
ATOM   359 C CG1 . ILE A 1 52  ? 0.506   -2.339  -0.252  1.00 5.02  ? 53  ILE A CG1 1 
ATOM   360 C CG2 . ILE A 1 52  ? 1.279   -3.464  -2.379  1.00 5.04  ? 53  ILE A CG2 1 
ATOM   361 C CD1 . ILE A 1 52  ? 1.059   -0.968  -0.488  1.00 5.54  ? 53  ILE A CD1 1 
ATOM   362 N N   . GLU A 1 53  ? 2.510   -6.408  -0.835  1.00 5.63  ? 54  GLU A N   1 
ATOM   363 C CA  . GLU A 1 53  ? 3.063   -7.603  -1.461  1.00 6.34  ? 54  GLU A CA  1 
ATOM   364 C C   . GLU A 1 53  ? 2.220   -8.844  -1.159  1.00 6.25  ? 54  GLU A C   1 
ATOM   365 O O   . GLU A 1 53  ? 1.905   -9.610  -2.061  1.00 7.09  ? 54  GLU A O   1 
ATOM   366 C CB  . GLU A 1 53  ? 4.506   -7.832  -0.999  1.00 6.62  ? 54  GLU A CB  1 
ATOM   367 C CG  . GLU A 1 53  ? 5.210   -8.938  -1.777  1.00 9.50  ? 54  GLU A CG  1 
ATOM   368 C CD  . GLU A 1 53  ? 6.726   -8.987  -1.548  1.00 14.08 ? 54  GLU A CD  1 
ATOM   369 O OE1 . GLU A 1 53  ? 7.177   -8.836  -0.395  1.00 16.03 ? 54  GLU A OE1 1 
ATOM   370 O OE2 . GLU A 1 53  ? 7.467   -9.220  -2.525  1.00 15.10 ? 54  GLU A OE2 1 
ATOM   371 N N   . ILE A 1 54  ? 1.853   -9.032  0.107   1.00 5.75  ? 55  ILE A N   1 
ATOM   372 C CA  . ILE A 1 54  ? 1.056   -10.185 0.510   1.00 6.06  ? 55  ILE A CA  1 
ATOM   373 C C   . ILE A 1 54  ? -0.283  -10.196 -0.232  1.00 5.79  ? 55  ILE A C   1 
ATOM   374 O O   . ILE A 1 54  ? -0.731  -11.245 -0.735  1.00 6.30  ? 55  ILE A O   1 
ATOM   375 C CB  . ILE A 1 54  ? 0.805   -10.185 2.035   1.00 5.97  ? 55  ILE A CB  1 
ATOM   376 C CG1 . ILE A 1 54  ? 2.121   -10.372 2.798   1.00 5.80  ? 55  ILE A CG1 1 
ATOM   377 C CG2 . ILE A 1 54  ? -0.204  -11.274 2.426   1.00 7.00  ? 55  ILE A CG2 1 
ATOM   378 C CD1 . ILE A 1 54  ? 1.947   -10.253 4.319   1.00 4.90  ? 55  ILE A CD1 1 
ATOM   379 N N   . ALA A 1 55  ? -0.922  -9.036  -0.319  1.00 5.22  ? 56  ALA A N   1 
ATOM   380 C CA  . ALA A 1 55  ? -2.213  -8.946  -0.989  1.00 5.02  ? 56  ALA A CA  1 
ATOM   381 C C   . ALA A 1 55  ? -2.038  -9.217  -2.478  1.00 4.63  ? 56  ALA A C   1 
ATOM   382 O O   . ALA A 1 55  ? -2.760  -10.026 -3.067  1.00 4.93  ? 56  ALA A O   1 
ATOM   383 C CB  . ALA A 1 55  ? -2.862  -7.589  -0.744  1.00 4.48  ? 56  ALA A CB  1 
ATOM   384 N N   . LEU A 1 56  ? -1.042  -8.572  -3.074  1.00 4.27  ? 57  LEU A N   1 
ATOM   385 C CA  . LEU A 1 56  ? -0.694  -8.830  -4.465  1.00 4.51  ? 57  LEU A CA  1 
ATOM   386 C C   . LEU A 1 56  ? -0.476  -10.311 -4.767  1.00 4.64  ? 57  LEU A C   1 
ATOM   387 O O   . LEU A 1 56  ? -1.019  -10.845 -5.746  1.00 5.14  ? 57  LEU A O   1 
ATOM   388 C CB  . LEU A 1 56  ? 0.562   -8.029  -4.851  1.00 4.40  ? 57  LEU A CB  1 
ATOM   389 C CG  . LEU A 1 56  ? 0.341   -6.524  -4.997  1.00 2.93  ? 57  LEU A CG  1 
ATOM   390 C CD1 . LEU A 1 56  ? 1.658   -5.779  -5.270  1.00 3.84  ? 57  LEU A CD1 1 
ATOM   391 C CD2 . LEU A 1 56  ? -0.676  -6.279  -6.118  1.00 3.61  ? 57  LEU A CD2 1 
ATOM   392 N N   . GLY A 1 57  ? 0.327   -10.973 -3.935  1.00 5.41  ? 58  GLY A N   1 
ATOM   393 C CA  . GLY A 1 57  ? 0.695   -12.371 -4.168  1.00 5.24  ? 58  GLY A CA  1 
ATOM   394 C C   . GLY A 1 57  ? -0.528  -13.261 -4.118  1.00 6.21  ? 58  GLY A C   1 
ATOM   395 O O   . GLY A 1 57  ? -0.663  -14.213 -4.895  1.00 5.32  ? 58  GLY A O   1 
ATOM   396 N N   . GLN A 1 58  ? -1.444  -12.949 -3.216  1.00 6.85  ? 59  GLN A N   1 
ATOM   397 C CA  . GLN A 1 58  ? -2.704  -13.675 -3.185  1.00 8.36  ? 59  GLN A CA  1 
ATOM   398 C C   . GLN A 1 58  ? -3.626  -13.411 -4.384  1.00 8.51  ? 59  GLN A C   1 
ATOM   399 O O   . GLN A 1 58  ? -4.547  -14.188 -4.650  1.00 8.89  ? 59  GLN A O   1 
ATOM   400 C CB  . GLN A 1 58  ? -3.414  -13.429 -1.865  1.00 9.09  ? 59  GLN A CB  1 
ATOM   401 C CG  . GLN A 1 58  ? -2.687  -14.091 -0.701  1.00 11.79 ? 59  GLN A CG  1 
ATOM   402 C CD  . GLN A 1 58  ? -3.378  -13.840 0.607   1.00 14.94 ? 59  GLN A CD  1 
ATOM   403 O OE1 . GLN A 1 58  ? -3.056  -12.890 1.319   1.00 17.57 ? 59  GLN A OE1 1 
ATOM   404 N NE2 . GLN A 1 58  ? -4.355  -14.673 0.925   1.00 16.07 ? 59  GLN A NE2 1 
ATOM   405 N N   . ALA A 1 59  ? -3.346  -12.341 -5.118  1.00 8.56  ? 60  ALA A N   1 
ATOM   406 C CA  . ALA A 1 59  ? -4.030  -12.033 -6.373  1.00 8.05  ? 60  ALA A CA  1 
ATOM   407 C C   . ALA A 1 59  ? -3.178  -12.407 -7.601  1.00 7.81  ? 60  ALA A C   1 
ATOM   408 O O   . ALA A 1 59  ? -3.445  -11.946 -8.713  1.00 8.13  ? 60  ALA A O   1 
ATOM   409 C CB  . ALA A 1 59  ? -4.434  -10.551 -6.417  1.00 7.79  ? 60  ALA A CB  1 
ATOM   410 N N   . GLY A 1 60  ? -2.158  -13.242 -7.411  1.00 7.49  ? 61  GLY A N   1 
ATOM   411 C CA  . GLY A 1 60  ? -1.331  -13.664 -8.537  1.00 6.34  ? 61  GLY A CA  1 
ATOM   412 C C   . GLY A 1 60  ? -0.437  -12.577 -9.129  1.00 6.57  ? 61  GLY A C   1 
ATOM   413 O O   . GLY A 1 60  ? -0.079  -12.633 -10.306 1.00 6.54  ? 61  GLY A O   1 
ATOM   414 N N   . ALA A 1 61  ? -0.080  -11.580 -8.329  1.00 5.73  ? 62  ALA A N   1 
ATOM   415 C CA  . ALA A 1 61  ? 0.784   -10.494 -8.792  1.00 5.43  ? 62  ALA A CA  1 
ATOM   416 C C   . ALA A 1 61  ? 1.977   -10.323 -7.864  1.00 5.09  ? 62  ALA A C   1 
ATOM   417 O O   . ALA A 1 61  ? 1.968   -10.817 -6.729  1.00 4.80  ? 62  ALA A O   1 
ATOM   418 C CB  . ALA A 1 61  ? 0.002   -9.190  -8.874  1.00 4.67  ? 62  ALA A CB  1 
ATOM   419 N N   . THR A 1 62  ? 2.986   -9.594  -8.342  1.00 4.84  ? 63  THR A N   1 
ATOM   420 C CA  . THR A 1 62  ? 4.188   -9.305  -7.554  1.00 4.70  ? 63  THR A CA  1 
ATOM   421 C C   . THR A 1 62  ? 4.451   -7.801  -7.571  1.00 5.01  ? 63  THR A C   1 
ATOM   422 O O   . THR A 1 62  ? 3.811   -7.052  -8.326  1.00 4.88  ? 63  THR A O   1 
ATOM   423 C CB  . THR A 1 62  ? 5.468   -10.062 -8.073  1.00 4.51  ? 63  THR A CB  1 
ATOM   424 O OG1 . THR A 1 62  ? 5.917   -9.486  -9.300  1.00 4.51  ? 63  THR A OG1 1 
ATOM   425 C CG2 . THR A 1 62  ? 5.210   -11.564 -8.297  1.00 3.57  ? 63  THR A CG2 1 
ATOM   426 N N   . LEU A 1 63  ? 5.386   -7.342  -6.747  1.00 4.59  ? 64  LEU A N   1 
ATOM   427 C CA  . LEU A 1 63  ? 5.774   -5.928  -6.801  1.00 4.73  ? 64  LEU A CA  1 
ATOM   428 C C   . LEU A 1 63  ? 6.194   -5.474  -8.199  1.00 4.45  ? 64  LEU A C   1 
ATOM   429 O O   . LEU A 1 63  ? 5.979   -4.321  -8.568  1.00 4.52  ? 64  LEU A O   1 
ATOM   430 C CB  . LEU A 1 63  ? 6.893   -5.641  -5.804  1.00 4.86  ? 64  LEU A CB  1 
ATOM   431 C CG  . LEU A 1 63  ? 6.408   -5.783  -4.365  1.00 6.03  ? 64  LEU A CG  1 
ATOM   432 C CD1 . LEU A 1 63  ? 7.591   -5.751  -3.397  1.00 7.23  ? 64  LEU A CD1 1 
ATOM   433 C CD2 . LEU A 1 63  ? 5.412   -4.666  -4.057  1.00 6.37  ? 64  LEU A CD2 1 
ATOM   434 N N   . ALA A 1 64  ? 6.826   -6.365  -8.961  1.00 4.10  ? 65  ALA A N   1 
ATOM   435 C CA  . ALA A 1 64  ? 7.258   -6.054  -10.334 1.00 3.74  ? 65  ALA A CA  1 
ATOM   436 C C   . ALA A 1 64  ? 6.086   -5.728  -11.270 1.00 3.69  ? 65  ALA A C   1 
ATOM   437 O O   . ALA A 1 64  ? 6.291   -5.253  -12.394 1.00 3.50  ? 65  ALA A O   1 
ATOM   438 C CB  . ALA A 1 64  ? 8.070   -7.203  -10.897 1.00 3.48  ? 65  ALA A CB  1 
ATOM   439 N N   . ASP A 1 65  ? 4.863   -5.998  -10.829 1.00 3.81  ? 66  ASP A N   1 
ATOM   440 C CA  . ASP A 1 65  ? 3.689   -5.689  -11.658 1.00 4.14  ? 66  ASP A CA  1 
ATOM   441 C C   . ASP A 1 65  ? 3.099   -4.305  -11.353 1.00 4.53  ? 66  ASP A C   1 
ATOM   442 O O   . ASP A 1 65  ? 2.256   -3.793  -12.104 1.00 4.54  ? 66  ASP A O   1 
ATOM   443 C CB  . ASP A 1 65  ? 2.593   -6.749  -11.500 1.00 3.35  ? 66  ASP A CB  1 
ATOM   444 C CG  . ASP A 1 65  ? 3.002   -8.094  -12.017 1.00 4.59  ? 66  ASP A CG  1 
ATOM   445 O OD1 . ASP A 1 65  ? 3.556   -8.164  -13.127 1.00 4.56  ? 66  ASP A OD1 1 
ATOM   446 O OD2 . ASP A 1 65  ? 2.747   -9.090  -11.310 1.00 4.15  ? 66  ASP A OD2 1 
ATOM   447 N N   . VAL A 1 66  ? 3.531   -3.725  -10.238 1.00 4.31  ? 67  VAL A N   1 
ATOM   448 C CA  . VAL A 1 66  ? 3.005   -2.446  -9.763  1.00 3.88  ? 67  VAL A CA  1 
ATOM   449 C C   . VAL A 1 66  ? 3.378   -1.285  -10.717 1.00 3.85  ? 67  VAL A C   1 
ATOM   450 O O   . VAL A 1 66  ? 4.553   -1.094  -11.049 1.00 3.59  ? 67  VAL A O   1 
ATOM   451 C CB  . VAL A 1 66  ? 3.501   -2.171  -8.320  1.00 3.54  ? 67  VAL A CB  1 
ATOM   452 C CG1 . VAL A 1 66  ? 3.192   -0.724  -7.897  1.00 3.81  ? 67  VAL A CG1 1 
ATOM   453 C CG2 . VAL A 1 66  ? 2.901   -3.201  -7.359  1.00 4.37  ? 67  VAL A CG2 1 
ATOM   454 N N   . VAL A 1 67  ? 2.377   -0.547  -11.190 1.00 3.60  ? 68  VAL A N   1 
ATOM   455 C CA  . VAL A 1 67  ? 2.625   0.547   -12.124 1.00 3.94  ? 68  VAL A CA  1 
ATOM   456 C C   . VAL A 1 67  ? 2.447   1.885   -11.427 1.00 4.41  ? 68  VAL A C   1 
ATOM   457 O O   . VAL A 1 67  ? 2.973   2.909   -11.886 1.00 4.50  ? 68  VAL A O   1 
ATOM   458 C CB  . VAL A 1 67  ? 1.699   0.501   -13.376 1.00 3.66  ? 68  VAL A CB  1 
ATOM   459 C CG1 . VAL A 1 67  ? 1.999   -0.749  -14.254 1.00 3.43  ? 68  VAL A CG1 1 
ATOM   460 C CG2 . VAL A 1 67  ? 0.224   0.555   -12.972 1.00 3.82  ? 68  VAL A CG2 1 
ATOM   461 N N   . ARG A 1 68  ? 1.690   1.876   -10.334 1.00 5.01  ? 69  ARG A N   1 
ATOM   462 C CA  . ARG A 1 68  ? 1.462   3.091   -9.552  1.00 5.44  ? 69  ARG A CA  1 
ATOM   463 C C   . ARG A 1 68  ? 1.376   2.831   -8.053  1.00 5.74  ? 69  ARG A C   1 
ATOM   464 O O   . ARG A 1 68  ? 0.714   1.883   -7.610  1.00 5.58  ? 69  ARG A O   1 
ATOM   465 C CB  . ARG A 1 68  ? 0.185   3.826   -10.005 1.00 5.89  ? 69  ARG A CB  1 
ATOM   466 C CG  . ARG A 1 68  ? -0.105  5.064   -9.120  1.00 6.69  ? 69  ARG A CG  1 
ATOM   467 C CD  . ARG A 1 68  ? -1.486  5.721   -9.336  1.00 6.72  ? 69  ARG A CD  1 
ATOM   468 N NE  . ARG A 1 68  ? -1.757  6.193   -10.697 1.00 7.08  ? 69  ARG A NE  1 
ATOM   469 C CZ  . ARG A 1 68  ? -1.396  7.386   -11.178 1.00 9.07  ? 69  ARG A CZ  1 
ATOM   470 N NH1 . ARG A 1 68  ? -0.687  8.240   -10.439 1.00 10.38 ? 69  ARG A NH1 1 
ATOM   471 N NH2 . ARG A 1 68  ? -1.718  7.725   -12.419 1.00 9.57  ? 69  ARG A NH2 1 
ATOM   472 N N   . THR A 1 69  ? 2.046   3.676   -7.272  1.00 5.88  ? 70  THR A N   1 
ATOM   473 C CA  . THR A 1 69  ? 1.779   3.764   -5.835  1.00 6.00  ? 70  THR A CA  1 
ATOM   474 C C   . THR A 1 69  ? 1.301   5.176   -5.510  1.00 6.53  ? 70  THR A C   1 
ATOM   475 O O   . THR A 1 69  ? 1.529   6.121   -6.275  1.00 6.14  ? 70  THR A O   1 
ATOM   476 C CB  . THR A 1 69  ? 3.011   3.436   -4.972  1.00 6.34  ? 70  THR A CB  1 
ATOM   477 O OG1 . THR A 1 69  ? 4.093   4.297   -5.351  1.00 4.23  ? 70  THR A OG1 1 
ATOM   478 C CG2 . THR A 1 69  ? 3.446   1.983   -5.137  1.00 5.66  ? 70  THR A CG2 1 
ATOM   479 N N   . ARG A 1 70  ? 0.621   5.322   -4.375  1.00 6.32  ? 71  ARG A N   1 
ATOM   480 C CA  . ARG A 1 70  ? 0.197   6.639   -3.917  1.00 6.73  ? 71  ARG A CA  1 
ATOM   481 C C   . ARG A 1 70  ? 0.383   6.602   -2.430  1.00 5.96  ? 71  ARG A C   1 
ATOM   482 O O   . ARG A 1 70  ? -0.072  5.655   -1.778  1.00 5.45  ? 71  ARG A O   1 
ATOM   483 C CB  . ARG A 1 70  ? -1.265  6.901   -4.274  1.00 6.75  ? 71  ARG A CB  1 
ATOM   484 C CG  . ARG A 1 70  ? -1.774  8.278   -3.850  1.00 8.84  ? 71  ARG A CG  1 
ATOM   485 C CD  . ARG A 1 70  ? -3.190  8.562   -4.407  1.00 10.37 ? 71  ARG A CD  1 
ATOM   486 N NE  . ARG A 1 70  ? -3.166  8.743   -5.860  1.00 11.25 ? 71  ARG A NE  1 
ATOM   487 C CZ  . ARG A 1 70  ? -3.595  7.843   -6.742  1.00 10.60 ? 71  ARG A CZ  1 
ATOM   488 N NH1 . ARG A 1 70  ? -3.517  8.107   -8.034  1.00 12.06 ? 71  ARG A NH1 1 
ATOM   489 N NH2 . ARG A 1 70  ? -4.114  6.693   -6.343  1.00 12.59 ? 71  ARG A NH2 1 
ATOM   490 N N   . ILE A 1 71  ? 1.080   7.614   -1.908  1.00 5.14  ? 72  ILE A N   1 
ATOM   491 C CA  . ILE A 1 71  ? 1.498   7.643   -0.517  1.00 5.23  ? 72  ILE A CA  1 
ATOM   492 C C   . ILE A 1 71  ? 0.914   8.850   0.212   1.00 5.71  ? 72  ILE A C   1 
ATOM   493 O O   . ILE A 1 71  ? 1.150   9.987   -0.182  1.00 5.54  ? 72  ILE A O   1 
ATOM   494 C CB  . ILE A 1 71  ? 3.046   7.703   -0.419  1.00 4.97  ? 72  ILE A CB  1 
ATOM   495 C CG1 . ILE A 1 71  ? 3.686   6.543   -1.195  1.00 4.25  ? 72  ILE A CG1 1 
ATOM   496 C CG2 . ILE A 1 71  ? 3.508   7.721   1.052   1.00 6.09  ? 72  ILE A CG2 1 
ATOM   497 C CD1 . ILE A 1 71  ? 5.175   6.665   -1.325  1.00 4.23  ? 72  ILE A CD1 1 
ATOM   498 N N   . TYR A 1 72  ? 0.135   8.586   1.257   1.00 5.94  ? 73  TYR A N   1 
ATOM   499 C CA  . TYR A 1 72  ? -0.343  9.617   2.165   1.00 6.22  ? 73  TYR A CA  1 
ATOM   500 C C   . TYR A 1 72  ? 0.475   9.590   3.439   1.00 6.11  ? 73  TYR A C   1 
ATOM   501 O O   . TYR A 1 72  ? 0.589   8.547   4.081   1.00 5.66  ? 73  TYR A O   1 
ATOM   502 C CB  . TYR A 1 72  ? -1.809  9.370   2.531   1.00 6.80  ? 73  TYR A CB  1 
ATOM   503 C CG  . TYR A 1 72  ? -2.708  9.135   1.345   1.00 8.70  ? 73  TYR A CG  1 
ATOM   504 C CD1 . TYR A 1 72  ? -3.201  10.201  0.611   1.00 11.06 ? 73  TYR A CD1 1 
ATOM   505 C CD2 . TYR A 1 72  ? -3.065  7.850   0.956   1.00 12.42 ? 73  TYR A CD2 1 
ATOM   506 C CE1 . TYR A 1 72  ? -4.025  10.005  -0.490  1.00 12.15 ? 73  TYR A CE1 1 
ATOM   507 C CE2 . TYR A 1 72  ? -3.893  7.640   -0.145  1.00 14.23 ? 73  TYR A CE2 1 
ATOM   508 C CZ  . TYR A 1 72  ? -4.368  8.729   -0.864  1.00 14.24 ? 73  TYR A CZ  1 
ATOM   509 O OH  . TYR A 1 72  ? -5.192  8.543   -1.964  1.00 15.38 ? 73  TYR A OH  1 
ATOM   510 N N   . VAL A 1 73  ? 1.004   10.745  3.826   1.00 5.65  ? 74  VAL A N   1 
ATOM   511 C CA  . VAL A 1 73  ? 1.761   10.853  5.058   1.00 5.99  ? 74  VAL A CA  1 
ATOM   512 C C   . VAL A 1 73  ? 1.188   11.943  5.954   1.00 6.39  ? 74  VAL A C   1 
ATOM   513 O O   . VAL A 1 73  ? 0.573   12.904  5.472   1.00 6.76  ? 74  VAL A O   1 
ATOM   514 C CB  . VAL A 1 73  ? 3.250   11.116  4.797   1.00 5.61  ? 74  VAL A CB  1 
ATOM   515 C CG1 . VAL A 1 73  ? 3.894   9.896   4.186   1.00 4.73  ? 74  VAL A CG1 1 
ATOM   516 C CG2 . VAL A 1 73  ? 3.437   12.367  3.909   1.00 5.66  ? 74  VAL A CG2 1 
ATOM   517 N N   . THR A 1 74  ? 1.381   11.806  7.263   1.00 6.92  ? 75  THR A N   1 
ATOM   518 C CA  . THR A 1 74  ? 0.899   12.840  8.159   1.00 6.88  ? 75  THR A CA  1 
ATOM   519 C C   . THR A 1 74  ? 1.947   13.945  8.344   1.00 7.42  ? 75  THR A C   1 
ATOM   520 O O   . THR A 1 74  ? 1.624   15.033  8.802   1.00 7.60  ? 75  THR A O   1 
ATOM   521 C CB  . THR A 1 74  ? 0.384   12.291  9.526   1.00 7.63  ? 75  THR A CB  1 
ATOM   522 O OG1 . THR A 1 74  ? 1.425   11.573  10.210  1.00 5.91  ? 75  THR A OG1 1 
ATOM   523 C CG2 . THR A 1 74  ? -0.833  11.385  9.311   1.00 7.15  ? 75  THR A CG2 1 
ATOM   524 N N   . ASP A 1 75  ? 3.194   13.675  7.976   1.00 7.37  ? 76  ASP A N   1 
ATOM   525 C CA  . ASP A 1 75  ? 4.223   14.704  8.039   1.00 7.83  ? 76  ASP A CA  1 
ATOM   526 C C   . ASP A 1 75  ? 5.155   14.599  6.849   1.00 7.66  ? 76  ASP A C   1 
ATOM   527 O O   . ASP A 1 75  ? 6.100   13.803  6.860   1.00 7.21  ? 76  ASP A O   1 
ATOM   528 C CB  . ASP A 1 75  ? 5.029   14.596  9.327   1.00 8.33  ? 76  ASP A CB  1 
ATOM   529 C CG  . ASP A 1 75  ? 6.089   15.673  9.431   1.00 10.27 ? 76  ASP A CG  1 
ATOM   530 O OD1 . ASP A 1 75  ? 6.333   16.358  8.407   1.00 12.24 ? 76  ASP A OD1 1 
ATOM   531 O OD2 . ASP A 1 75  ? 6.673   15.839  10.528  1.00 12.53 ? 76  ASP A OD2 1 
ATOM   532 N N   . ILE A 1 76  ? 4.879   15.390  5.818   1.00 7.47  ? 77  ILE A N   1 
ATOM   533 C CA  . ILE A 1 76  ? 5.621   15.268  4.566   1.00 7.81  ? 77  ILE A CA  1 
ATOM   534 C C   . ILE A 1 76  ? 7.069   15.764  4.708   1.00 8.23  ? 77  ILE A C   1 
ATOM   535 O O   . ILE A 1 76  ? 7.909   15.540  3.828   1.00 8.14  ? 77  ILE A O   1 
ATOM   536 C CB  . ILE A 1 76  ? 4.895   15.974  3.379   1.00 7.66  ? 77  ILE A CB  1 
ATOM   537 C CG1 . ILE A 1 76  ? 5.309   15.334  2.040   1.00 7.81  ? 77  ILE A CG1 1 
ATOM   538 C CG2 . ILE A 1 76  ? 5.131   17.486  3.407   1.00 7.31  ? 77  ILE A CG2 1 
ATOM   539 C CD1 . ILE A 1 76  ? 4.338   15.579  0.944   1.00 6.20  ? 77  ILE A CD1 1 
ATOM   540 N N   . SER A 1 77  ? 7.372   16.432  5.816   1.00 8.49  ? 78  SER A N   1 
ATOM   541 C CA  . SER A 1 77  ? 8.754   16.822  6.053   1.00 8.94  ? 78  SER A CA  1 
ATOM   542 C C   . SER A 1 77  ? 9.614   15.578  6.284   1.00 9.35  ? 78  SER A C   1 
ATOM   543 O O   . SER A 1 77  ? 10.849  15.644  6.247   1.00 9.39  ? 78  SER A O   1 
ATOM   544 C CB  . SER A 1 77  ? 8.871   17.817  7.215   1.00 8.81  ? 78  SER A CB  1 
ATOM   545 O OG  . SER A 1 77  ? 8.867   17.167  8.468   1.00 9.42  ? 78  SER A OG  1 
ATOM   546 N N   . ARG A 1 78  ? 8.960   14.440  6.512   1.00 10.00 ? 79  ARG A N   1 
ATOM   547 C CA  . ARG A 1 78  ? 9.666   13.175  6.696   1.00 10.33 ? 79  ARG A CA  1 
ATOM   548 C C   . ARG A 1 78  ? 9.666   12.323  5.424   1.00 10.32 ? 79  ARG A C   1 
ATOM   549 O O   . ARG A 1 78  ? 9.789   11.106  5.490   1.00 10.08 ? 79  ARG A O   1 
ATOM   550 C CB  . ARG A 1 78  ? 9.075   12.392  7.874   1.00 10.66 ? 79  ARG A CB  1 
ATOM   551 C CG  . ARG A 1 78  ? 9.175   13.123  9.210   1.00 11.70 ? 79  ARG A CG  1 
ATOM   552 C CD  . ARG A 1 78  ? 8.795   12.222  10.383  1.00 14.08 ? 79  ARG A CD  1 
ATOM   553 N NE  . ARG A 1 78  ? 7.345   12.016  10.478  1.00 15.24 ? 79  ARG A NE  1 
ATOM   554 C CZ  . ARG A 1 78  ? 6.753   11.183  11.334  1.00 13.56 ? 79  ARG A CZ  1 
ATOM   555 N NH1 . ARG A 1 78  ? 7.480   10.452  12.182  1.00 15.64 ? 79  ARG A NH1 1 
ATOM   556 N NH2 . ARG A 1 78  ? 5.436   11.081  11.341  1.00 11.61 ? 79  ARG A NH2 1 
ATOM   557 N N   . TRP A 1 79  ? 9.555   12.974  4.267   1.00 10.79 ? 80  TRP A N   1 
ATOM   558 C CA  . TRP A 1 79  ? 9.442   12.264  2.992   1.00 11.01 ? 80  TRP A CA  1 
ATOM   559 C C   . TRP A 1 79  ? 10.633  11.365  2.693   1.00 11.15 ? 80  TRP A C   1 
ATOM   560 O O   . TRP A 1 79  ? 10.495  10.369  1.986   1.00 11.36 ? 80  TRP A O   1 
ATOM   561 C CB  . TRP A 1 79  ? 9.201   13.233  1.827   1.00 11.24 ? 80  TRP A CB  1 
ATOM   562 C CG  . TRP A 1 79  ? 10.377  14.112  1.488   1.00 11.87 ? 80  TRP A CG  1 
ATOM   563 C CD1 . TRP A 1 79  ? 10.650  15.350  1.998   1.00 12.53 ? 80  TRP A CD1 1 
ATOM   564 C CD2 . TRP A 1 79  ? 11.425  13.824  0.556   1.00 12.77 ? 80  TRP A CD2 1 
ATOM   565 N NE1 . TRP A 1 79  ? 11.806  15.848  1.442   1.00 12.02 ? 80  TRP A NE1 1 
ATOM   566 C CE2 . TRP A 1 79  ? 12.304  14.931  0.557   1.00 12.56 ? 80  TRP A CE2 1 
ATOM   567 C CE3 . TRP A 1 79  ? 11.714  12.734  -0.272  1.00 13.41 ? 80  TRP A CE3 1 
ATOM   568 C CZ2 . TRP A 1 79  ? 13.450  14.983  -0.238  1.00 12.64 ? 80  TRP A CZ2 1 
ATOM   569 C CZ3 . TRP A 1 79  ? 12.859  12.790  -1.066  1.00 14.74 ? 80  TRP A CZ3 1 
ATOM   570 C CH2 . TRP A 1 79  ? 13.713  13.909  -1.037  1.00 13.27 ? 80  TRP A CH2 1 
ATOM   571 N N   . ARG A 1 80  ? 11.800  11.708  3.226   1.00 11.21 ? 81  ARG A N   1 
ATOM   572 C CA  . ARG A 1 80  ? 12.995  10.921  2.949   1.00 11.54 ? 81  ARG A CA  1 
ATOM   573 C C   . ARG A 1 80  ? 13.024  9.566   3.622   1.00 10.92 ? 81  ARG A C   1 
ATOM   574 O O   . ARG A 1 80  ? 13.500  8.608   3.038   1.00 11.14 ? 81  ARG A O   1 
ATOM   575 C CB  . ARG A 1 80  ? 14.256  11.702  3.288   1.00 11.96 ? 81  ARG A CB  1 
ATOM   576 C CG  . ARG A 1 80  ? 14.853  12.365  2.079   1.00 14.24 ? 81  ARG A CG  1 
ATOM   577 C CD  . ARG A 1 80  ? 16.202  12.979  2.377   1.00 16.79 ? 81  ARG A CD  1 
ATOM   578 N NE  . ARG A 1 80  ? 16.625  13.793  1.243   1.00 19.93 ? 81  ARG A NE  1 
ATOM   579 C CZ  . ARG A 1 80  ? 17.073  13.290  0.096   1.00 21.21 ? 81  ARG A CZ  1 
ATOM   580 N NH1 . ARG A 1 80  ? 17.169  11.974  -0.064  1.00 21.75 ? 81  ARG A NH1 1 
ATOM   581 N NH2 . ARG A 1 80  ? 17.425  14.104  -0.890  1.00 21.57 ? 81  ARG A NH2 1 
ATOM   582 N N   . GLU A 1 81  ? 12.521  9.490   4.850   1.00 10.60 ? 82  GLU A N   1 
ATOM   583 C CA  . GLU A 1 81  ? 12.435  8.227   5.567   1.00 10.41 ? 82  GLU A CA  1 
ATOM   584 C C   . GLU A 1 81  ? 11.526  7.278   4.794   1.00 9.87  ? 82  GLU A C   1 
ATOM   585 O O   . GLU A 1 81  ? 11.795  6.078   4.697   1.00 9.58  ? 82  GLU A O   1 
ATOM   586 C CB  . GLU A 1 81  ? 11.892  8.443   6.991   1.00 11.00 ? 82  GLU A CB  1 
ATOM   587 C CG  . GLU A 1 81  ? 12.934  8.877   8.039   1.00 12.42 ? 82  GLU A CG  1 
ATOM   588 C CD  . GLU A 1 81  ? 12.440  8.703   9.500   1.00 16.00 ? 82  GLU A CD  1 
ATOM   589 O OE1 . GLU A 1 81  ? 12.381  7.551   10.024  1.00 14.40 ? 82  GLU A OE1 1 
ATOM   590 O OE2 . GLU A 1 81  ? 12.118  9.738   10.129  1.00 17.19 ? 82  GLU A OE2 1 
ATOM   591 N N   . VAL A 1 82  ? 10.446  7.828   4.242   1.00 9.12  ? 83  VAL A N   1 
ATOM   592 C CA  . VAL A 1 82  ? 9.478   7.040   3.491   1.00 8.35  ? 83  VAL A CA  1 
ATOM   593 C C   . VAL A 1 82  ? 10.049  6.665   2.129   1.00 8.44  ? 83  VAL A C   1 
ATOM   594 O O   . VAL A 1 82  ? 10.025  5.500   1.734   1.00 8.16  ? 83  VAL A O   1 
ATOM   595 C CB  . VAL A 1 82  ? 8.145   7.803   3.310   1.00 8.07  ? 83  VAL A CB  1 
ATOM   596 C CG1 . VAL A 1 82  ? 7.177   6.992   2.481   1.00 7.49  ? 83  VAL A CG1 1 
ATOM   597 C CG2 . VAL A 1 82  ? 7.539   8.100   4.651   1.00 7.52  ? 83  VAL A CG2 1 
ATOM   598 N N   . GLY A 1 83  ? 10.586  7.657   1.421   1.00 8.01  ? 84  GLY A N   1 
ATOM   599 C CA  . GLY A 1 83  ? 11.212  7.416   0.123   1.00 8.39  ? 84  GLY A CA  1 
ATOM   600 C C   . GLY A 1 83  ? 12.269  6.324   0.116   1.00 8.27  ? 84  GLY A C   1 
ATOM   601 O O   . GLY A 1 83  ? 12.325  5.520   -0.809  1.00 9.10  ? 84  GLY A O   1 
ATOM   602 N N   . GLU A 1 84  ? 13.123  6.301   1.133   1.00 8.30  ? 85  GLU A N   1 
ATOM   603 C CA  . GLU A 1 84  ? 14.180  5.300   1.220   1.00 8.02  ? 85  GLU A CA  1 
ATOM   604 C C   . GLU A 1 84  ? 13.626  3.886   1.174   1.00 7.16  ? 85  GLU A C   1 
ATOM   605 O O   . GLU A 1 84  ? 14.175  3.013   0.506   1.00 6.44  ? 85  GLU A O   1 
ATOM   606 C CB  . GLU A 1 84  ? 14.984  5.475   2.504   1.00 8.67  ? 85  GLU A CB  1 
ATOM   607 C CG  . GLU A 1 84  ? 15.971  6.615   2.460   1.00 12.38 ? 85  GLU A CG  1 
ATOM   608 C CD  . GLU A 1 84  ? 16.616  6.864   3.804   1.00 16.17 ? 85  GLU A CD  1 
ATOM   609 O OE1 . GLU A 1 84  ? 16.921  5.876   4.515   1.00 18.60 ? 85  GLU A OE1 1 
ATOM   610 O OE2 . GLU A 1 84  ? 16.819  8.050   4.148   1.00 18.32 ? 85  GLU A OE2 1 
ATOM   611 N N   . VAL A 1 85  ? 12.551  3.656   1.923   1.00 6.50  ? 86  VAL A N   1 
ATOM   612 C CA  . VAL A 1 85  ? 11.896  2.359   1.943   1.00 6.03  ? 86  VAL A CA  1 
ATOM   613 C C   . VAL A 1 85  ? 11.215  2.032   0.597   1.00 6.03  ? 86  VAL A C   1 
ATOM   614 O O   . VAL A 1 85  ? 11.262  0.897   0.126   1.00 5.71  ? 86  VAL A O   1 
ATOM   615 C CB  . VAL A 1 85  ? 10.873  2.278   3.107   1.00 5.74  ? 86  VAL A CB  1 
ATOM   616 C CG1 . VAL A 1 85  ? 10.119  0.970   3.066   1.00 5.75  ? 86  VAL A CG1 1 
ATOM   617 C CG2 . VAL A 1 85  ? 11.555  2.480   4.454   1.00 5.86  ? 86  VAL A CG2 1 
ATOM   618 N N   . HIS A 1 86  ? 10.570  3.029   -0.011  1.00 5.80  ? 87  HIS A N   1 
ATOM   619 C CA  . HIS A 1 86  ? 9.905   2.851   -1.298  1.00 6.14  ? 87  HIS A CA  1 
ATOM   620 C C   . HIS A 1 86  ? 10.968  2.515   -2.345  1.00 7.05  ? 87  HIS A C   1 
ATOM   621 O O   . HIS A 1 86  ? 10.758  1.665   -3.229  1.00 6.74  ? 87  HIS A O   1 
ATOM   622 C CB  . HIS A 1 86  ? 9.149   4.149   -1.669  1.00 5.85  ? 87  HIS A CB  1 
ATOM   623 C CG  . HIS A 1 86  ? 8.280   4.033   -2.889  1.00 4.93  ? 87  HIS A CG  1 
ATOM   624 N ND1 . HIS A 1 86  ? 8.767   4.199   -4.171  1.00 4.57  ? 87  HIS A ND1 1 
ATOM   625 C CD2 . HIS A 1 86  ? 6.954   3.786   -3.021  1.00 3.89  ? 87  HIS A CD2 1 
ATOM   626 C CE1 . HIS A 1 86  ? 7.782   4.052   -5.039  1.00 5.08  ? 87  HIS A CE1 1 
ATOM   627 N NE2 . HIS A 1 86  ? 6.671   3.789   -4.367  1.00 5.86  ? 87  HIS A NE2 1 
ATOM   628 N N   . ALA A 1 87  ? 12.125  3.165   -2.210  1.00 7.83  ? 88  ALA A N   1 
ATOM   629 C CA  . ALA A 1 87  ? 13.244  2.999   -3.133  1.00 9.00  ? 88  ALA A CA  1 
ATOM   630 C C   . ALA A 1 87  ? 13.863  1.613   -3.010  1.00 9.94  ? 88  ALA A C   1 
ATOM   631 O O   . ALA A 1 87  ? 14.191  0.991   -4.016  1.00 10.06 ? 88  ALA A O   1 
ATOM   632 C CB  . ALA A 1 87  ? 14.296  4.068   -2.900  1.00 8.47  ? 88  ALA A CB  1 
ATOM   633 N N   . GLN A 1 88  ? 14.023  1.134   -1.777  1.00 11.05 ? 89  GLN A N   1 
ATOM   634 C CA  . GLN A 1 88  ? 14.534  -0.213  -1.554  1.00 12.50 ? 89  GLN A CA  1 
ATOM   635 C C   . GLN A 1 88  ? 13.566  -1.252  -2.139  1.00 12.40 ? 89  GLN A C   1 
ATOM   636 O O   . GLN A 1 88  ? 13.994  -2.287  -2.647  1.00 12.22 ? 89  GLN A O   1 
ATOM   637 C CB  . GLN A 1 88  ? 14.822  -0.458  -0.060  1.00 12.90 ? 89  GLN A CB  1 
ATOM   638 C CG  . GLN A 1 88  ? 15.962  -1.473  0.229   1.00 16.52 ? 89  GLN A CG  1 
ATOM   639 C CD  . GLN A 1 88  ? 17.383  -0.870  0.175   1.00 20.51 ? 89  GLN A CD  1 
ATOM   640 O OE1 . GLN A 1 88  ? 17.655  0.069   -0.582  1.00 22.98 ? 89  GLN A OE1 1 
ATOM   641 N NE2 . GLN A 1 88  ? 18.294  -1.427  0.976   1.00 22.61 ? 89  GLN A NE2 1 
ATOM   642 N N   . ALA A 1 89  ? 12.267  -0.958  -2.106  1.00 12.41 ? 90  ALA A N   1 
ATOM   643 C CA  . ALA A 1 89  ? 11.273  -1.854  -2.695  1.00 12.64 ? 90  ALA A CA  1 
ATOM   644 C C   . ALA A 1 89  ? 11.175  -1.693  -4.226  1.00 13.03 ? 90  ALA A C   1 
ATOM   645 O O   . ALA A 1 89  ? 11.009  -2.678  -4.954  1.00 13.25 ? 90  ALA A O   1 
ATOM   646 C CB  . ALA A 1 89  ? 9.901   -1.647  -2.031  1.00 12.42 ? 90  ALA A CB  1 
ATOM   647 N N   . PHE A 1 90  ? 11.310  -0.467  -4.727  1.00 12.85 ? 91  PHE A N   1 
ATOM   648 C CA  . PHE A 1 90  ? 10.982  -0.207  -6.133  1.00 12.72 ? 91  PHE A CA  1 
ATOM   649 C C   . PHE A 1 90  ? 12.074  0.445   -6.985  1.00 13.01 ? 91  PHE A C   1 
ATOM   650 O O   . PHE A 1 90  ? 11.778  1.009   -8.033  1.00 13.40 ? 91  PHE A O   1 
ATOM   651 C CB  . PHE A 1 90  ? 9.728   0.659   -6.228  1.00 12.16 ? 91  PHE A CB  1 
ATOM   652 C CG  . PHE A 1 90  ? 8.462   -0.022  -5.777  1.00 11.44 ? 91  PHE A CG  1 
ATOM   653 C CD1 . PHE A 1 90  ? 7.872   -1.018  -6.552  1.00 9.60  ? 91  PHE A CD1 1 
ATOM   654 C CD2 . PHE A 1 90  ? 7.834   0.375   -4.602  1.00 9.13  ? 91  PHE A CD2 1 
ATOM   655 C CE1 . PHE A 1 90  ? 6.680   -1.625  -6.159  1.00 10.52 ? 91  PHE A CE1 1 
ATOM   656 C CE2 . PHE A 1 90  ? 6.651   -0.215  -4.197  1.00 11.54 ? 91  PHE A CE2 1 
ATOM   657 C CZ  . PHE A 1 90  ? 6.064   -1.227  -4.983  1.00 11.70 ? 91  PHE A CZ  1 
ATOM   658 N N   . GLY A 1 91  ? 13.325  0.362   -6.550  1.00 13.30 ? 92  GLY A N   1 
ATOM   659 C CA  . GLY A 1 91  ? 14.424  0.972   -7.279  1.00 12.86 ? 92  GLY A CA  1 
ATOM   660 C C   . GLY A 1 91  ? 14.554  0.513   -8.720  1.00 12.35 ? 92  GLY A C   1 
ATOM   661 O O   . GLY A 1 91  ? 14.870  1.316   -9.603  1.00 12.60 ? 92  GLY A O   1 
ATOM   662 N N   . LYS A 1 92  ? 14.322  -0.773  -8.969  1.00 11.62 ? 93  LYS A N   1 
ATOM   663 C CA  . LYS A 1 92  ? 14.386  -1.292  -10.344 1.00 11.16 ? 93  LYS A CA  1 
ATOM   664 C C   . LYS A 1 92  ? 13.044  -1.120  -11.055 1.00 10.07 ? 93  LYS A C   1 
ATOM   665 O O   . LYS A 1 92  ? 12.982  -0.685  -12.207 1.00 10.38 ? 93  LYS A O   1 
ATOM   666 C CB  . LYS A 1 92  ? 14.764  -2.769  -10.341 1.00 11.60 ? 93  LYS A CB  1 
ATOM   667 C CG  . LYS A 1 92  ? 15.846  -3.134  -9.338  1.00 14.26 ? 93  LYS A CG  1 
ATOM   668 C CD  . LYS A 1 92  ? 15.793  -4.620  -8.940  1.00 16.40 ? 93  LYS A CD  1 
ATOM   669 C CE  . LYS A 1 92  ? 14.559  -4.948  -8.077  1.00 17.48 ? 93  LYS A CE  1 
ATOM   670 N NZ  . LYS A 1 92  ? 13.320  -5.153  -8.873  1.00 17.31 ? 93  LYS A NZ  1 
ATOM   671 N N   . ILE A 1 93  ? 11.975  -1.458  -10.348 1.00 8.02  ? 94  ILE A N   1 
ATOM   672 C CA  . ILE A 1 93  ? 10.624  -1.458  -10.899 1.00 6.86  ? 94  ILE A CA  1 
ATOM   673 C C   . ILE A 1 93  ? 10.131  -0.052  -11.277 1.00 6.21  ? 94  ILE A C   1 
ATOM   674 O O   . ILE A 1 93  ? 9.667   0.185   -12.410 1.00 6.56  ? 94  ILE A O   1 
ATOM   675 C CB  . ILE A 1 93  ? 9.667   -2.136  -9.905  1.00 6.45  ? 94  ILE A CB  1 
ATOM   676 C CG1 . ILE A 1 93  ? 10.143  -3.580  -9.644  1.00 6.48  ? 94  ILE A CG1 1 
ATOM   677 C CG2 . ILE A 1 93  ? 8.234   -2.063  -10.412 1.00 6.08  ? 94  ILE A CG2 1 
ATOM   678 C CD1 . ILE A 1 93  ? 9.837   -4.128  -8.220  1.00 4.79  ? 94  ILE A CD1 1 
ATOM   679 N N   . ARG A 1 94  ? 10.224  0.852   -10.335 1.00 5.65  ? 95  ARG A N   1 
ATOM   680 C CA  . ARG A 1 94  ? 9.964   2.251   -10.558 1.00 5.09  ? 95  ARG A CA  1 
ATOM   681 C C   . ARG A 1 94  ? 8.552   2.535   -11.083 1.00 5.29  ? 95  ARG A C   1 
ATOM   682 O O   . ARG A 1 94  ? 8.404   3.049   -12.157 1.00 5.45  ? 95  ARG A O   1 
ATOM   683 C CB  . ARG A 1 94  ? 10.972  2.816   -11.513 1.00 5.19  ? 95  ARG A CB  1 
ATOM   684 C CG  . ARG A 1 94  ? 12.106  3.294   -10.889 1.00 5.81  ? 95  ARG A CG  1 
ATOM   685 C CD  . ARG A 1 94  ? 13.241  3.075   -11.708 1.00 4.62  ? 95  ARG A CD  1 
ATOM   686 N NE  . ARG A 1 94  ? 13.752  4.178   -12.421 0.00 27.62 ? 95  ARG A NE  1 
ATOM   687 C CZ  . ARG A 1 94  ? 14.550  4.072   -13.515 0.00 32.09 ? 95  ARG A CZ  1 
ATOM   688 N NH1 . ARG A 1 94  ? 14.910  2.890   -14.041 0.00 35.03 ? 95  ARG A NH1 1 
ATOM   689 N NH2 . ARG A 1 94  ? 15.040  5.178   -14.103 0.00 34.40 ? 95  ARG A NH2 1 
ATOM   690 N N   . PRO A 1 95  ? 7.545   2.197   -10.316 1.00 4.95  ? 96  PRO A N   1 
ATOM   691 C CA  . PRO A 1 95  ? 6.209   2.610   -10.676 1.00 4.78  ? 96  PRO A CA  1 
ATOM   692 C C   . PRO A 1 95  ? 6.165   4.133   -10.562 1.00 4.71  ? 96  PRO A C   1 
ATOM   693 O O   . PRO A 1 95  ? 7.102   4.730   -10.030 1.00 4.83  ? 96  PRO A O   1 
ATOM   694 C CB  . PRO A 1 95  ? 5.362   1.977   -9.570  1.00 4.66  ? 96  PRO A CB  1 
ATOM   695 C CG  . PRO A 1 95  ? 6.255   2.056   -8.352  1.00 4.78  ? 96  PRO A CG  1 
ATOM   696 C CD  . PRO A 1 95  ? 7.650   1.800   -8.898  1.00 5.52  ? 96  PRO A CD  1 
ATOM   697 N N   . VAL A 1 96  ? 5.115   4.773   -11.067 1.00 4.88  ? 97  VAL A N   1 
ATOM   698 C CA  . VAL A 1 96  ? 4.917   6.200   -10.758 1.00 5.06  ? 97  VAL A CA  1 
ATOM   699 C C   . VAL A 1 96  ? 4.422   6.314   -9.315  1.00 5.10  ? 97  VAL A C   1 
ATOM   700 O O   . VAL A 1 96  ? 3.853   5.359   -8.782  1.00 5.62  ? 97  VAL A O   1 
ATOM   701 C CB  . VAL A 1 96  ? 3.916   6.853   -11.722 1.00 5.28  ? 97  VAL A CB  1 
ATOM   702 C CG1 . VAL A 1 96  ? 4.281   6.495   -13.184 1.00 2.93  ? 97  VAL A CG1 1 
ATOM   703 C CG2 . VAL A 1 96  ? 2.472   6.420   -11.371 1.00 5.19  ? 97  VAL A CG2 1 
ATOM   704 N N   . THR A 1 97  ? 4.678   7.440   -8.646  1.00 5.65  ? 98  THR A N   1 
ATOM   705 C CA  . THR A 1 97  ? 4.039   7.677   -7.351  1.00 6.34  ? 98  THR A CA  1 
ATOM   706 C C   . THR A 1 97  ? 3.590   9.099   -7.189  1.00 5.96  ? 98  THR A C   1 
ATOM   707 O O   . THR A 1 97  ? 3.880   9.965   -8.015  1.00 5.48  ? 98  THR A O   1 
ATOM   708 C CB  . THR A 1 97  ? 4.967   7.580   -6.116  1.00 7.18  ? 98  THR A CB  1 
ATOM   709 O OG1 . THR A 1 97  ? 6.310   7.243   -6.466  1.00 11.76 ? 98  THR A OG1 1 
ATOM   710 C CG2 . THR A 1 97  ? 4.403   6.685   -5.054  1.00 4.86  ? 98  THR A CG2 1 
ATOM   711 N N   . SER A 1 98  ? 2.927   9.318   -6.061  1.00 5.75  ? 99  SER A N   1 
ATOM   712 C CA  . SER A 1 98  ? 2.651   10.648  -5.536  1.00 6.47  ? 99  SER A CA  1 
ATOM   713 C C   . SER A 1 98  ? 2.801   10.552  -4.046  1.00 6.25  ? 99  SER A C   1 
ATOM   714 O O   . SER A 1 98  ? 2.608   9.485   -3.490  1.00 6.26  ? 99  SER A O   1 
ATOM   715 C CB  . SER A 1 98  ? 1.232   11.086  -5.884  1.00 6.31  ? 99  SER A CB  1 
ATOM   716 O OG  . SER A 1 98  ? 1.025   10.904  -7.272  1.00 9.11  ? 99  SER A OG  1 
ATOM   717 N N   . MET A 1 99  ? 3.144   11.660  -3.396  1.00 6.10  ? 100 MET A N   1 
ATOM   718 C CA  . MET A 1 99  ? 3.175   11.686  -1.944  1.00 6.99  ? 100 MET A CA  1 
ATOM   719 C C   . MET A 1 99  ? 2.564   12.984  -1.495  1.00 7.02  ? 100 MET A C   1 
ATOM   720 O O   . MET A 1 99  ? 3.050   14.051  -1.857  1.00 7.25  ? 100 MET A O   1 
ATOM   721 C CB  . MET A 1 99  ? 4.613   11.599  -1.430  1.00 6.66  ? 100 MET A CB  1 
ATOM   722 C CG  . MET A 1 99  ? 4.729   11.399  0.068   1.00 8.79  ? 100 MET A CG  1 
ATOM   723 S SD  . MET A 1 99  ? 6.433   11.594  0.686   1.00 13.05 ? 100 MET A SD  1 
ATOM   724 C CE  . MET A 1 99  ? 7.207   10.175  -0.070  1.00 9.81  ? 100 MET A CE  1 
ATOM   725 N N   . VAL A 1 100 ? 1.502   12.911  -0.704  1.00 7.92  ? 101 VAL A N   1 
ATOM   726 C CA  . VAL A 1 100 ? 0.907   14.139  -0.187  1.00 8.52  ? 101 VAL A CA  1 
ATOM   727 C C   . VAL A 1 100 ? 0.641   14.042  1.296   1.00 8.80  ? 101 VAL A C   1 
ATOM   728 O O   . VAL A 1 100 ? 0.419   12.967  1.844   1.00 8.38  ? 101 VAL A O   1 
ATOM   729 C CB  . VAL A 1 100 ? -0.424  14.498  -0.855  1.00 8.71  ? 101 VAL A CB  1 
ATOM   730 C CG1 . VAL A 1 100 ? -0.218  14.781  -2.346  1.00 9.53  ? 101 VAL A CG1 1 
ATOM   731 C CG2 . VAL A 1 100 ? -1.457  13.394  -0.607  1.00 9.39  ? 101 VAL A CG2 1 
ATOM   732 N N   . GLU A 1 101 ? 0.641   15.191  1.945   1.00 8.70  ? 102 GLU A N   1 
ATOM   733 C CA  . GLU A 1 101 ? 0.379   15.199  3.357   1.00 9.06  ? 102 GLU A CA  1 
ATOM   734 C C   . GLU A 1 101 ? -1.116  15.331  3.616   1.00 9.58  ? 102 GLU A C   1 
ATOM   735 O O   . GLU A 1 101 ? -1.785  16.180  3.020   1.00 9.56  ? 102 GLU A O   1 
ATOM   736 C CB  . GLU A 1 101 ? 1.131   16.342  4.000   1.00 9.62  ? 102 GLU A CB  1 
ATOM   737 C CG  . GLU A 1 101 ? 1.172   16.267  5.488   1.00 8.99  ? 102 GLU A CG  1 
ATOM   738 C CD  . GLU A 1 101 ? 2.025   17.362  6.047   1.00 10.34 ? 102 GLU A CD  1 
ATOM   739 O OE1 . GLU A 1 101 ? 3.266   17.263  5.948   1.00 11.86 ? 102 GLU A OE1 1 
ATOM   740 O OE2 . GLU A 1 101 ? 1.450   18.332  6.561   1.00 11.08 ? 102 GLU A OE2 1 
ATOM   741 N N   . VAL A 1 102 ? -1.636  14.491  4.507   1.00 9.80  ? 103 VAL A N   1 
ATOM   742 C CA  . VAL A 1 102 ? -3.033  14.608  4.937   1.00 10.47 ? 103 VAL A CA  1 
ATOM   743 C C   . VAL A 1 102 ? -3.122  15.009  6.417   1.00 10.53 ? 103 VAL A C   1 
ATOM   744 O O   . VAL A 1 102 ? -2.165  14.826  7.169   1.00 10.17 ? 103 VAL A O   1 
ATOM   745 C CB  . VAL A 1 102 ? -3.821  13.302  4.676   1.00 10.14 ? 103 VAL A CB  1 
ATOM   746 C CG1 . VAL A 1 102 ? -3.946  13.064  3.177   1.00 11.26 ? 103 VAL A CG1 1 
ATOM   747 C CG2 . VAL A 1 102 ? -3.143  12.117  5.359   1.00 10.31 ? 103 VAL A CG2 1 
ATOM   748 N N   . THR A 1 103 ? -4.266  15.536  6.839   1.00 10.91 ? 104 THR A N   1 
ATOM   749 C CA  . THR A 1 103 ? -4.403  15.910  8.242   1.00 11.57 ? 104 THR A CA  1 
ATOM   750 C C   . THR A 1 103 ? -4.385  14.695  9.158   1.00 11.57 ? 104 THR A C   1 
ATOM   751 O O   . THR A 1 103 ? -3.769  14.738  10.217  1.00 11.89 ? 104 THR A O   1 
ATOM   752 C CB  . THR A 1 103 ? -5.652  16.789  8.525   1.00 11.88 ? 104 THR A CB  1 
ATOM   753 O OG1 . THR A 1 103 ? -6.810  16.204  7.914   1.00 12.37 ? 104 THR A OG1 1 
ATOM   754 C CG2 . THR A 1 103 ? -5.452  18.191  7.981   1.00 12.64 ? 104 THR A CG2 1 
ATOM   755 N N   . ALA A 1 104 ? -5.042  13.612  8.745   1.00 11.63 ? 105 ALA A N   1 
ATOM   756 C CA  . ALA A 1 104 ? -5.117  12.397  9.565   1.00 11.34 ? 105 ALA A CA  1 
ATOM   757 C C   . ALA A 1 104 ? -5.323  11.132  8.735   1.00 11.40 ? 105 ALA A C   1 
ATOM   758 O O   . ALA A 1 104 ? -5.861  11.190  7.639   1.00 11.47 ? 105 ALA A O   1 
ATOM   759 C CB  . ALA A 1 104 ? -6.240  12.531  10.606  1.00 11.02 ? 105 ALA A CB  1 
ATOM   760 N N   . LEU A 1 105 ? -4.871  9.994   9.261   1.00 11.55 ? 106 LEU A N   1 
ATOM   761 C CA  . LEU A 1 105 ? -5.275  8.689   8.747   1.00 12.04 ? 106 LEU A CA  1 
ATOM   762 C C   . LEU A 1 105 ? -6.313  8.097   9.717   1.00 12.02 ? 106 LEU A C   1 
ATOM   763 O O   . LEU A 1 105 ? -6.689  8.745   10.691  1.00 12.26 ? 106 LEU A O   1 
ATOM   764 C CB  . LEU A 1 105 ? -4.061  7.761   8.551   1.00 11.92 ? 106 LEU A CB  1 
ATOM   765 C CG  . LEU A 1 105 ? -2.992  8.326   7.605   1.00 12.39 ? 106 LEU A CG  1 
ATOM   766 C CD1 . LEU A 1 105 ? -1.664  7.582   7.711   1.00 12.82 ? 106 LEU A CD1 1 
ATOM   767 C CD2 . LEU A 1 105 ? -3.476  8.388   6.153   1.00 12.60 ? 106 LEU A CD2 1 
ATOM   768 N N   . ILE A 1 106 ? -6.769  6.876   9.454   1.00 12.42 ? 107 ILE A N   1 
ATOM   769 C CA  . ILE A 1 106 ? -7.891  6.281   10.202  1.00 13.02 ? 107 ILE A CA  1 
ATOM   770 C C   . ILE A 1 106 ? -7.685  6.197   11.722  1.00 13.13 ? 107 ILE A C   1 
ATOM   771 O O   . ILE A 1 106 ? -8.654  6.175   12.488  1.00 13.39 ? 107 ILE A O   1 
ATOM   772 C CB  . ILE A 1 106 ? -8.227  4.878   9.651   1.00 13.36 ? 107 ILE A CB  1 
ATOM   773 C CG1 . ILE A 1 106 ? -9.567  4.390   10.195  1.00 13.77 ? 107 ILE A CG1 1 
ATOM   774 C CG2 . ILE A 1 106 ? -7.091  3.891   9.949   1.00 14.12 ? 107 ILE A CG2 1 
ATOM   775 C CD1 . ILE A 1 106 ? -10.738 4.953   9.449   1.00 13.47 ? 107 ILE A CD1 1 
ATOM   776 N N   . ALA A 1 107 ? -6.429  6.150   12.158  1.00 12.85 ? 108 ALA A N   1 
ATOM   777 C CA  . ALA A 1 107 ? -6.094  6.122   13.585  1.00 12.38 ? 108 ALA A CA  1 
ATOM   778 C C   . ALA A 1 107 ? -4.902  7.032   13.834  1.00 12.47 ? 108 ALA A C   1 
ATOM   779 O O   . ALA A 1 107 ? -4.047  7.190   12.957  1.00 12.19 ? 108 ALA A O   1 
ATOM   780 C CB  . ALA A 1 107 ? -5.785  4.707   14.039  1.00 12.28 ? 108 ALA A CB  1 
ATOM   781 N N   . PRO A 1 108 ? -4.837  7.637   15.030  1.00 12.72 ? 109 PRO A N   1 
ATOM   782 C CA  . PRO A 1 108 ? -3.875  8.718   15.263  1.00 12.72 ? 109 PRO A CA  1 
ATOM   783 C C   . PRO A 1 108 ? -2.402  8.285   15.259  1.00 12.61 ? 109 PRO A C   1 
ATOM   784 O O   . PRO A 1 108 ? -1.529  9.119   15.019  1.00 12.96 ? 109 PRO A O   1 
ATOM   785 C CB  . PRO A 1 108 ? -4.272  9.290   16.634  1.00 12.84 ? 109 PRO A CB  1 
ATOM   786 C CG  . PRO A 1 108 ? -5.375  8.405   17.171  1.00 13.03 ? 109 PRO A CG  1 
ATOM   787 C CD  . PRO A 1 108 ? -5.594  7.262   16.236  1.00 12.69 ? 109 PRO A CD  1 
ATOM   788 N N   . GLY A 1 109 ? -2.124  7.010   15.521  1.00 11.82 ? 110 GLY A N   1 
ATOM   789 C CA  . GLY A 1 109 ? -0.738  6.534   15.533  1.00 10.96 ? 110 GLY A CA  1 
ATOM   790 C C   . GLY A 1 109 ? -0.218  6.140   14.157  1.00 10.55 ? 110 GLY A C   1 
ATOM   791 O O   . GLY A 1 109 ? 0.956   5.791   13.997  1.00 10.36 ? 110 GLY A O   1 
ATOM   792 N N   . LEU A 1 110 ? -1.098  6.194   13.161  1.00 9.74  ? 111 LEU A N   1 
ATOM   793 C CA  . LEU A 1 110 ? -0.778  5.761   11.803  1.00 9.35  ? 111 LEU A CA  1 
ATOM   794 C C   . LEU A 1 110 ? -0.231  6.947   11.020  1.00 9.31  ? 111 LEU A C   1 
ATOM   795 O O   . LEU A 1 110 ? -0.869  8.001   10.955  1.00 9.54  ? 111 LEU A O   1 
ATOM   796 C CB  . LEU A 1 110 ? -2.026  5.179   11.125  1.00 8.63  ? 111 LEU A CB  1 
ATOM   797 C CG  . LEU A 1 110 ? -2.572  3.978   11.909  1.00 8.03  ? 111 LEU A CG  1 
ATOM   798 C CD1 . LEU A 1 110 ? -3.767  3.348   11.202  1.00 6.03  ? 111 LEU A CD1 1 
ATOM   799 C CD2 . LEU A 1 110 ? -1.458  2.952   12.115  1.00 6.74  ? 111 LEU A CD2 1 
ATOM   800 N N   . LEU A 1 111 ? 0.953   6.767   10.440  1.00 8.75  ? 112 LEU A N   1 
ATOM   801 C CA  . LEU A 1 111 ? 1.745   7.885   9.931   1.00 8.04  ? 112 LEU A CA  1 
ATOM   802 C C   . LEU A 1 111 ? 1.857   7.905   8.418   1.00 7.48  ? 112 LEU A C   1 
ATOM   803 O O   . LEU A 1 111 ? 2.300   8.891   7.825   1.00 7.77  ? 112 LEU A O   1 
ATOM   804 C CB  . LEU A 1 111 ? 3.145   7.807   10.520  1.00 8.05  ? 112 LEU A CB  1 
ATOM   805 C CG  . LEU A 1 111 ? 3.187   7.847   12.042  1.00 7.82  ? 112 LEU A CG  1 
ATOM   806 C CD1 . LEU A 1 111 ? 4.632   7.689   12.512  1.00 8.04  ? 112 LEU A CD1 1 
ATOM   807 C CD2 . LEU A 1 111 ? 2.561   9.133   12.576  1.00 6.79  ? 112 LEU A CD2 1 
ATOM   808 N N   . VAL A 1 112 ? 1.464   6.803   7.804   1.00 6.91  ? 113 VAL A N   1 
ATOM   809 C CA  . VAL A 1 112 ? 1.620   6.618   6.366   1.00 6.62  ? 113 VAL A CA  1 
ATOM   810 C C   . VAL A 1 112 ? 0.597   5.598   5.872   1.00 6.48  ? 113 VAL A C   1 
ATOM   811 O O   . VAL A 1 112 ? 0.309   4.618   6.553   1.00 6.64  ? 113 VAL A O   1 
ATOM   812 C CB  . VAL A 1 112 ? 3.079   6.206   5.971   1.00 6.24  ? 113 VAL A CB  1 
ATOM   813 C CG1 . VAL A 1 112 ? 3.511   4.939   6.671   1.00 6.14  ? 113 VAL A CG1 1 
ATOM   814 C CG2 . VAL A 1 112 ? 3.188   6.019   4.467   1.00 5.29  ? 113 VAL A CG2 1 
ATOM   815 N N   . GLU A 1 113 ? 0.001   5.869   4.716   1.00 6.59  ? 114 GLU A N   1 
ATOM   816 C CA  . GLU A 1 113 ? -0.855  4.894   4.056   1.00 7.46  ? 114 GLU A CA  1 
ATOM   817 C C   . GLU A 1 113 ? -0.467  4.808   2.578   1.00 7.48  ? 114 GLU A C   1 
ATOM   818 O O   . GLU A 1 113 ? -0.191  5.827   1.951   1.00 7.81  ? 114 GLU A O   1 
ATOM   819 C CB  . GLU A 1 113 ? -2.324  5.278   4.209   1.00 7.67  ? 114 GLU A CB  1 
ATOM   820 C CG  . GLU A 1 113 ? -3.304  4.318   3.514   1.00 9.16  ? 114 GLU A CG  1 
ATOM   821 C CD  . GLU A 1 113 ? -4.713  4.471   4.050   1.00 11.68 ? 114 GLU A CD  1 
ATOM   822 O OE1 . GLU A 1 113 ? -4.868  5.004   5.166   1.00 12.23 ? 114 GLU A OE1 1 
ATOM   823 O OE2 . GLU A 1 113 ? -5.676  4.083   3.358   1.00 14.64 ? 114 GLU A OE2 1 
ATOM   824 N N   . ILE A 1 114 ? -0.435  3.598   2.035   1.00 6.94  ? 115 ILE A N   1 
ATOM   825 C CA  . ILE A 1 114 ? -0.023  3.400   0.647   1.00 6.96  ? 115 ILE A CA  1 
ATOM   826 C C   . ILE A 1 114 ? -1.050  2.613   -0.159  1.00 7.30  ? 115 ILE A C   1 
ATOM   827 O O   . ILE A 1 114 ? -1.524  1.567   0.282   1.00 7.99  ? 115 ILE A O   1 
ATOM   828 C CB  . ILE A 1 114 ? 1.354   2.689   0.600   1.00 7.00  ? 115 ILE A CB  1 
ATOM   829 C CG1 . ILE A 1 114 ? 2.333   3.463   1.496   1.00 6.51  ? 115 ILE A CG1 1 
ATOM   830 C CG2 . ILE A 1 114 ? 1.838   2.514   -0.858  1.00 5.26  ? 115 ILE A CG2 1 
ATOM   831 C CD1 . ILE A 1 114 ? 3.728   2.883   1.578   1.00 6.88  ? 115 ILE A CD1 1 
ATOM   832 N N   . GLU A 1 115 ? -1.396  3.127   -1.337  1.00 7.47  ? 116 GLU A N   1 
ATOM   833 C CA  . GLU A 1 115 ? -2.178  2.388   -2.317  1.00 7.99  ? 116 GLU A CA  1 
ATOM   834 C C   . GLU A 1 115 ? -1.283  1.869   -3.431  1.00 7.30  ? 116 GLU A C   1 
ATOM   835 O O   . GLU A 1 115 ? -0.189  2.395   -3.662  1.00 8.13  ? 116 GLU A O   1 
ATOM   836 C CB  . GLU A 1 115 ? -3.210  3.318   -2.952  1.00 8.20  ? 116 GLU A CB  1 
ATOM   837 C CG  . GLU A 1 115 ? -4.200  3.888   -1.984  1.00 10.14 ? 116 GLU A CG  1 
ATOM   838 C CD  . GLU A 1 115 ? -5.084  4.926   -2.660  1.00 14.43 ? 116 GLU A CD  1 
ATOM   839 O OE1 . GLU A 1 115 ? -4.779  5.300   -3.810  1.00 16.68 ? 116 GLU A OE1 1 
ATOM   840 O OE2 . GLU A 1 115 ? -6.084  5.357   -2.061  1.00 14.96 ? 116 GLU A OE2 1 
ATOM   841 N N   . ALA A 1 116 ? -1.764  0.883   -4.175  1.00 6.94  ? 117 ALA A N   1 
ATOM   842 C CA  . ALA A 1 116 ? -1.022  0.431   -5.334  1.00 6.57  ? 117 ALA A CA  1 
ATOM   843 C C   . ALA A 1 116 ? -1.962  -0.040  -6.449  1.00 6.45  ? 117 ALA A C   1 
ATOM   844 O O   . ALA A 1 116 ? -3.039  -0.594  -6.178  1.00 5.31  ? 117 ALA A O   1 
ATOM   845 C CB  . ALA A 1 116 ? -0.054  -0.676  -4.946  1.00 6.40  ? 117 ALA A CB  1 
ATOM   846 N N   . ASP A 1 117 ? -1.550  0.208   -7.698  1.00 6.06  ? 118 ASP A N   1 
ATOM   847 C CA  . ASP A 1 117 ? -2.195  -0.374  -8.865  1.00 6.41  ? 118 ASP A CA  1 
ATOM   848 C C   . ASP A 1 117 ? -1.161  -1.206  -9.580  1.00 6.21  ? 118 ASP A C   1 
ATOM   849 O O   . ASP A 1 117 ? 0.002   -0.802  -9.705  1.00 5.65  ? 118 ASP A O   1 
ATOM   850 C CB  . ASP A 1 117 ? -2.716  0.704   -9.818  1.00 6.81  ? 118 ASP A CB  1 
ATOM   851 C CG  . ASP A 1 117 ? -3.788  1.556   -9.184  1.00 10.12 ? 118 ASP A CG  1 
ATOM   852 O OD1 . ASP A 1 117 ? -4.824  0.995   -8.786  1.00 14.06 ? 118 ASP A OD1 1 
ATOM   853 O OD2 . ASP A 1 117 ? -3.590  2.783   -9.078  1.00 15.15 ? 118 ASP A OD2 1 
ATOM   854 N N   . ALA A 1 118 ? -1.579  -2.378  -10.043 1.00 6.78  ? 119 ALA A N   1 
ATOM   855 C CA  . ALA A 1 118 ? -0.677  -3.275  -10.737 1.00 7.03  ? 119 ALA A CA  1 
ATOM   856 C C   . ALA A 1 118 ? -1.312  -3.736  -12.035 1.00 7.87  ? 119 ALA A C   1 
ATOM   857 O O   . ALA A 1 118 ? -2.535  -3.733  -12.173 1.00 7.65  ? 119 ALA A O   1 
ATOM   858 C CB  . ALA A 1 118 ? -0.314  -4.472  -9.855  1.00 7.22  ? 119 ALA A CB  1 
ATOM   859 N N   . TYR A 1 119 ? -0.471  -4.119  -12.989 1.00 8.65  ? 120 TYR A N   1 
ATOM   860 C CA  . TYR A 1 119 ? -0.962  -4.648  -14.251 1.00 10.71 ? 120 TYR A CA  1 
ATOM   861 C C   . TYR A 1 119 ? -0.297  -5.992  -14.539 1.00 11.31 ? 120 TYR A C   1 
ATOM   862 O O   . TYR A 1 119 ? 0.935   -6.093  -14.578 1.00 11.06 ? 120 TYR A O   1 
ATOM   863 C CB  . TYR A 1 119 ? -0.702  -3.643  -15.380 1.00 10.67 ? 120 TYR A CB  1 
ATOM   864 C CG  . TYR A 1 119 ? -1.252  -4.055  -16.729 1.00 13.15 ? 120 TYR A CG  1 
ATOM   865 C CD1 . TYR A 1 119 ? -0.585  -4.979  -17.521 1.00 13.89 ? 120 TYR A CD1 1 
ATOM   866 C CD2 . TYR A 1 119 ? -2.438  -3.511  -17.209 1.00 15.66 ? 120 TYR A CD2 1 
ATOM   867 C CE1 . TYR A 1 119 ? -1.088  -5.355  -18.754 1.00 16.66 ? 120 TYR A CE1 1 
ATOM   868 C CE2 . TYR A 1 119 ? -2.943  -3.874  -18.439 1.00 17.01 ? 120 TYR A CE2 1 
ATOM   869 C CZ  . TYR A 1 119 ? -2.270  -4.797  -19.206 1.00 18.19 ? 120 TYR A CZ  1 
ATOM   870 O OH  . TYR A 1 119 ? -2.778  -5.153  -20.438 1.00 21.54 ? 120 TYR A OH  1 
ATOM   871 N N   . VAL A 1 120 ? -1.115  -7.025  -14.711 1.00 12.36 ? 121 VAL A N   1 
ATOM   872 C CA  . VAL A 1 120 ? -0.604  -8.361  -15.006 1.00 13.97 ? 121 VAL A CA  1 
ATOM   873 C C   . VAL A 1 120 ? -0.571  -9.246  -13.764 1.00 15.02 ? 121 VAL A C   1 
ATOM   874 O O   . VAL A 1 120 ? -1.158  -8.905  -12.727 1.00 15.71 ? 121 VAL A O   1 
ATOM   875 C CB  . VAL A 1 120 ? 0.713   -8.335  -15.809 0.00 20.00 ? 121 VAL A CB  1 
ATOM   876 C CG1 . VAL A 1 120 ? 1.244   -9.744  -16.021 0.00 20.00 ? 121 VAL A CG1 1 
ATOM   877 C CG2 . VAL A 1 120 ? 0.652   -7.577  -17.127 0.00 20.00 ? 121 VAL A CG2 1 
HETATM 878 I I   . IOD B 2 .   ? 14.600  0.068   3.917   0.30 18.78 ? 151 IOD A I   1 
HETATM 879 I I   . IOD C 2 .   ? -2.990  -8.566  3.468   0.80 14.63 ? 152 IOD A I   1 
HETATM 880 I I   . IOD D 2 .   ? 0.357   -15.964 0.551   0.20 31.53 ? 153 IOD A I   1 
HETATM 881 I I   . IOD E 2 .   ? -10.818 -6.197  16.407  0.20 2.00  ? 154 IOD A I   1 
HETATM 882 I I   . IOD F 2 .   ? -13.706 -2.236  13.212  0.20 6.60  ? 155 IOD A I   1 
HETATM 883 I I   . IOD G 2 .   ? 3.967   -12.852 -0.286  0.20 4.13  ? 156 IOD A I   1 
HETATM 884 I I   . IOD H 2 .   ? -9.629  -6.693  13.379  0.20 4.93  ? 157 IOD A I   1 
HETATM 885 O O   . HOH I 3 .   ? 0.602   3.192   8.787   1.00 5.53  ? 158 HOH A O   1 
HETATM 886 O O   . HOH I 3 .   ? 0.634   8.162   -7.911  1.00 7.10  ? 159 HOH A O   1 
HETATM 887 O O   . HOH I 3 .   ? 11.311  -2.764  1.891   1.00 13.56 ? 160 HOH A O   1 
HETATM 888 O O   . HOH I 3 .   ? 9.037   -3.973  9.613   1.00 8.09  ? 161 HOH A O   1 
HETATM 889 O O   . HOH I 3 .   ? -13.013 -9.304  0.059   1.00 9.70  ? 162 HOH A O   1 
HETATM 890 O O   . HOH I 3 .   ? -6.737  9.554   13.335  1.00 8.29  ? 163 HOH A O   1 
HETATM 891 O O   . HOH I 3 .   ? 12.699  -2.366  -7.187  1.00 23.14 ? 164 HOH A O   1 
HETATM 892 O O   . HOH I 3 .   ? -3.125  9.225   11.572  1.00 10.73 ? 165 HOH A O   1 
HETATM 893 O O   . HOH I 3 .   ? 1.946   -1.454  16.128  1.00 9.34  ? 166 HOH A O   1 
HETATM 894 O O   . HOH I 3 .   ? -10.999 -12.964 11.021  1.00 7.18  ? 167 HOH A O   1 
HETATM 895 O O   . HOH I 3 .   ? -3.055  -6.495  5.938   1.00 15.47 ? 168 HOH A O   1 
HETATM 896 O O   . HOH I 3 .   ? 13.857  5.197   6.064   1.00 8.23  ? 169 HOH A O   1 
HETATM 897 O O   . HOH I 3 .   ? -7.923  3.679   4.163   1.00 12.11 ? 170 HOH A O   1 
HETATM 898 O O   . HOH I 3 .   ? -7.382  2.254   -9.335  1.00 17.81 ? 171 HOH A O   1 
HETATM 899 O O   . HOH I 3 .   ? -7.908  1.016   3.084   1.00 9.78  ? 172 HOH A O   1 
HETATM 900 O O   . HOH I 3 .   ? 8.927   -0.689  14.846  1.00 9.51  ? 173 HOH A O   1 
HETATM 901 O O   . HOH I 3 .   ? -4.071  -11.865 3.277   1.00 16.69 ? 174 HOH A O   1 
HETATM 902 O O   . HOH I 3 .   ? -5.198  4.564   -8.104  1.00 18.37 ? 175 HOH A O   1 
HETATM 903 O O   . HOH I 3 .   ? 1.329   -13.678 -1.087  1.00 10.41 ? 176 HOH A O   1 
HETATM 904 O O   . HOH I 3 .   ? 3.187   -6.608  -15.087 1.00 16.36 ? 177 HOH A O   1 
HETATM 905 O O   . HOH I 3 .   ? -8.540  -14.060 0.638   1.00 18.54 ? 178 HOH A O   1 
HETATM 906 O O   . HOH I 3 .   ? 7.773   -5.281  0.296   1.00 28.63 ? 179 HOH A O   1 
HETATM 907 O O   . HOH I 3 .   ? -0.899  16.185  9.500   1.00 20.37 ? 180 HOH A O   1 
HETATM 908 O O   . HOH I 3 .   ? 0.684   12.416  12.425  1.00 23.22 ? 181 HOH A O   1 
HETATM 909 O O   . HOH I 3 .   ? -6.359  -2.084  3.694   1.00 20.33 ? 182 HOH A O   1 
HETATM 910 O O   . HOH I 3 .   ? 2.040   20.788  7.495   1.00 15.41 ? 183 HOH A O   1 
HETATM 911 O O   . HOH I 3 .   ? 3.890   11.050  8.815   1.00 21.71 ? 184 HOH A O   1 
HETATM 912 O O   . HOH I 3 .   ? -7.742  -13.360 8.051   1.00 23.72 ? 185 HOH A O   1 
HETATM 913 O O   . HOH I 3 .   ? -4.164  17.717  4.225   0.33 2.00  ? 186 HOH A O   1 
HETATM 914 O O   . HOH I 3 .   ? -5.051  10.790  -3.364  0.33 2.00  ? 187 HOH A O   1 
HETATM 915 O O   . HOH I 3 .   ? 3.504   -10.341 -4.272  1.00 6.17  ? 188 HOH A O   1 
HETATM 916 O O   . HOH I 3 .   ? -2.443  -17.349 0.533   0.33 35.58 ? 189 HOH A O   1 
HETATM 917 O O   . HOH I 3 .   ? 13.696  18.021  2.201   1.00 26.59 ? 190 HOH A O   1 
HETATM 918 O O   . HOH I 3 .   ? -14.947 -12.349 -6.953  1.00 26.76 ? 191 HOH A O   1 
HETATM 919 O O   . HOH I 3 .   ? -12.829 -14.189 -4.805  1.00 16.22 ? 192 HOH A O   1 
HETATM 920 O O   . HOH I 3 .   ? 8.459   -3.763  2.669   1.00 28.29 ? 193 HOH A O   1 
HETATM 921 O O   . HOH I 3 .   ? -18.913 -5.836  4.503   1.00 30.97 ? 194 HOH A O   1 
HETATM 922 O O   . HOH I 3 .   ? 16.918  3.211   -0.417  1.00 14.50 ? 195 HOH A O   1 
HETATM 923 O O   . HOH I 3 .   ? 17.600  1.176   -2.438  1.00 18.45 ? 196 HOH A O   1 
HETATM 924 O O   . HOH I 3 .   ? -6.777  5.901   6.706   1.00 17.52 ? 197 HOH A O   1 
HETATM 925 O O   . HOH I 3 .   ? 12.641  14.035  4.550   1.00 11.68 ? 198 HOH A O   1 
HETATM 926 O O   . HOH I 3 .   ? 1.447   1.134   13.692  1.00 14.52 ? 199 HOH A O   1 
HETATM 927 O O   . HOH I 3 .   ? -14.199 -12.041 -0.452  1.00 19.33 ? 200 HOH A O   1 
HETATM 928 O O   . HOH I 3 .   ? -12.402 -8.046  2.595   1.00 14.40 ? 201 HOH A O   1 
HETATM 929 O O   . HOH I 3 .   ? -1.723  -1.793  11.758  1.00 36.55 ? 202 HOH A O   1 
HETATM 930 O O   . HOH I 3 .   ? -3.827  -2.912  6.255   1.00 12.84 ? 203 HOH A O   1 
HETATM 931 O O   . HOH I 3 .   ? -4.675  -0.909  6.041   1.00 20.38 ? 204 HOH A O   1 
HETATM 932 O O   . HOH I 3 .   ? 5.666   0.038   17.752  1.00 15.02 ? 205 HOH A O   1 
HETATM 933 O O   . HOH I 3 .   ? 4.732   -1.596  16.518  1.00 19.75 ? 206 HOH A O   1 
HETATM 934 O O   . HOH I 3 .   ? 6.382   -10.188 7.548   1.00 16.40 ? 207 HOH A O   1 
HETATM 935 O O   . HOH I 3 .   ? 8.950   -4.458  -13.389 1.00 14.83 ? 208 HOH A O   1 
HETATM 936 O O   . HOH I 3 .   ? 9.828   -2.094  -14.111 1.00 13.19 ? 209 HOH A O   1 
HETATM 937 O O   . HOH I 3 .   ? 6.736   -2.430  11.418  1.00 16.19 ? 210 HOH A O   1 
HETATM 938 O O   . HOH I 3 .   ? -3.352  5.475   17.024  1.00 48.77 ? 211 HOH A O   1 
HETATM 939 O O   . HOH I 3 .   ? 8.127   -2.891  13.800  1.00 15.03 ? 212 HOH A O   1 
HETATM 940 O O   . HOH I 3 .   ? -13.405 -9.029  7.327   1.00 25.14 ? 213 HOH A O   1 
HETATM 941 O O   . HOH I 3 .   ? 11.368  -5.456  -4.615  1.00 19.09 ? 214 HOH A O   1 
HETATM 942 O O   . HOH I 3 .   ? -16.559 -12.829 -11.343 1.00 17.08 ? 215 HOH A O   1 
HETATM 943 O O   . HOH I 3 .   ? 13.921  -5.502  -3.701  1.00 24.63 ? 216 HOH A O   1 
HETATM 944 O O   . HOH I 3 .   ? -2.698  2.613   15.562  1.00 23.52 ? 217 HOH A O   1 
HETATM 945 O O   . HOH I 3 .   ? 10.346  3.635   12.231  1.00 11.73 ? 218 HOH A O   1 
# 
